data_7M3Y
# 
_entry.id   7M3Y 
# 
_audit_conform.dict_name       mmcif_pdbx.dic 
_audit_conform.dict_version    5.398 
_audit_conform.dict_location   http://mmcif.pdb.org/dictionaries/ascii/mmcif_pdbx.dic 
# 
loop_
_database_2.database_id 
_database_2.database_code 
_database_2.pdbx_database_accession 
_database_2.pdbx_DOI 
PDB   7M3Y         pdb_00007m3y 10.2210/pdb7m3y/pdb 
WWPDB D_1000255602 ?            ?                   
# 
loop_
_pdbx_audit_revision_history.ordinal 
_pdbx_audit_revision_history.data_content_type 
_pdbx_audit_revision_history.major_revision 
_pdbx_audit_revision_history.minor_revision 
_pdbx_audit_revision_history.revision_date 
1 'Structure model' 1 0 2021-10-13 
2 'Structure model' 1 1 2021-10-27 
3 'Structure model' 1 2 2023-10-18 
4 'Structure model' 1 3 2024-11-13 
# 
_pdbx_audit_revision_details.ordinal             1 
_pdbx_audit_revision_details.revision_ordinal    1 
_pdbx_audit_revision_details.data_content_type   'Structure model' 
_pdbx_audit_revision_details.provider            repository 
_pdbx_audit_revision_details.type                'Initial release' 
_pdbx_audit_revision_details.description         ? 
_pdbx_audit_revision_details.details             ? 
# 
loop_
_pdbx_audit_revision_group.ordinal 
_pdbx_audit_revision_group.revision_ordinal 
_pdbx_audit_revision_group.data_content_type 
_pdbx_audit_revision_group.group 
1 2 'Structure model' 'Database references'    
2 3 'Structure model' 'Data collection'        
3 3 'Structure model' 'Refinement description' 
4 4 'Structure model' 'Structure summary'      
# 
loop_
_pdbx_audit_revision_category.ordinal 
_pdbx_audit_revision_category.revision_ordinal 
_pdbx_audit_revision_category.data_content_type 
_pdbx_audit_revision_category.category 
1 2 'Structure model' citation                      
2 2 'Structure model' citation_author               
3 3 'Structure model' chem_comp_atom                
4 3 'Structure model' chem_comp_bond                
5 3 'Structure model' pdbx_initial_refinement_model 
6 4 'Structure model' pdbx_entry_details            
7 4 'Structure model' pdbx_modification_feature     
# 
loop_
_pdbx_audit_revision_item.ordinal 
_pdbx_audit_revision_item.revision_ordinal 
_pdbx_audit_revision_item.data_content_type 
_pdbx_audit_revision_item.item 
1 2 'Structure model' '_citation.journal_volume'                     
2 2 'Structure model' '_citation.page_first'                         
3 2 'Structure model' '_citation.page_last'                          
4 2 'Structure model' '_citation_author.identifier_ORCID'            
5 4 'Structure model' '_pdbx_entry_details.has_protein_modification' 
# 
_pdbx_database_status.status_code                     REL 
_pdbx_database_status.status_code_sf                  REL 
_pdbx_database_status.status_code_mr                  ? 
_pdbx_database_status.entry_id                        7M3Y 
_pdbx_database_status.recvd_initial_deposition_date   2021-03-19 
_pdbx_database_status.SG_entry                        N 
_pdbx_database_status.deposit_site                    RCSB 
_pdbx_database_status.process_site                    RCSB 
_pdbx_database_status.status_code_cs                  ? 
_pdbx_database_status.status_code_nmr_data            ? 
_pdbx_database_status.methods_development_category    ? 
_pdbx_database_status.pdb_format_compatible           Y 
# 
_audit_author.name               'Rietz, T.A.' 
_audit_author.pdbx_ordinal       1 
_audit_author.identifier_ORCID   ? 
# 
_citation.abstract                  ? 
_citation.abstract_id_CAS           ? 
_citation.book_id_ISBN              ? 
_citation.book_publisher            ? 
_citation.book_publisher_city       ? 
_citation.book_title                ? 
_citation.coordinate_linkage        ? 
_citation.country                   US 
_citation.database_id_Medline       ? 
_citation.details                   ? 
_citation.id                        primary 
_citation.journal_abbrev            J.Med.Chem. 
_citation.journal_id_ASTM           JMCMAR 
_citation.journal_id_CSD            0151 
_citation.journal_id_ISSN           0022-2623 
_citation.journal_full              ? 
_citation.journal_issue             ? 
_citation.journal_volume            64 
_citation.language                  ? 
_citation.page_first                14757 
_citation.page_last                 14772 
_citation.title                     
'Fragment-Based Discovery of Small Molecules Bound to T-Cell Immunoglobulin and Mucin Domain-Containing Molecule 3 (TIM-3).' 
_citation.year                      2021 
_citation.database_id_CSD           ? 
_citation.pdbx_database_id_DOI      10.1021/acs.jmedchem.1c01336 
_citation.pdbx_database_id_PubMed   34597046 
_citation.pdbx_database_id_patent   ? 
_citation.unpublished_flag          ? 
# 
loop_
_citation_author.citation_id 
_citation_author.name 
_citation_author.ordinal 
_citation_author.identifier_ORCID 
primary 'Rietz, T.A.'     1  ? 
primary 'Teuscher, K.B.'  2  ? 
primary 'Mills, J.J.'     3  ? 
primary 'Gogliotti, R.D.' 4  ? 
primary 'Lepovitz, L.T.'  5  ? 
primary 'Scaggs, W.R.'    6  ? 
primary 'Yoshida, K.'     7  ? 
primary 'Luong, K.'       8  ? 
primary 'Lee, T.'         9  ? 
primary 'Fesik, S.W.'     10 ? 
# 
loop_
_entity.id 
_entity.type 
_entity.src_method 
_entity.pdbx_description 
_entity.formula_weight 
_entity.pdbx_number_of_molecules 
_entity.pdbx_ec 
_entity.pdbx_mutation 
_entity.pdbx_fragment 
_entity.details 
1 polymer     man 'Hepatitis A virus cellular receptor 2'                                                          12298.002 1   ? 
? ? ? 
2 non-polymer syn '(4R,10aP)-8-chloro-2-methyl-9-(3-methylpyridin-4-yl)[1,2,4]triazolo[1,5-c]quinazolin-5(6H)-one' 325.752   1   ? 
? ? ? 
3 non-polymer syn 'CALCIUM ION'                                                                                    40.078    1   ? 
? ? ? 
4 water       nat water                                                                                            18.015    111 ? 
? ? ? 
# 
_entity_name_com.entity_id   1 
_entity_name_com.name        
;HAVcr-2,T-cell immunoglobulin and mucin domain-containing protein 3,TIMD-3,T-cell immunoglobulin mucin receptor 3,TIM-3,T-cell membrane protein 3
;
# 
_entity_poly.entity_id                      1 
_entity_poly.type                           'polypeptide(L)' 
_entity_poly.nstd_linkage                   no 
_entity_poly.nstd_monomer                   no 
_entity_poly.pdbx_seq_one_letter_code       
;SEVEYRAEVGQNAYLPCFYTPAAPGNLVPVCWGKGACPVFECGNVVLRTDERDVNYWTSRYWLNGDFRKGDVSLTIENVT
LADSGIYCCRIQIPGIMNDEKFNLKLVIK
;
_entity_poly.pdbx_seq_one_letter_code_can   
;SEVEYRAEVGQNAYLPCFYTPAAPGNLVPVCWGKGACPVFECGNVVLRTDERDVNYWTSRYWLNGDFRKGDVSLTIENVT
LADSGIYCCRIQIPGIMNDEKFNLKLVIK
;
_entity_poly.pdbx_strand_id                 B 
_entity_poly.pdbx_target_identifier         ? 
# 
loop_
_pdbx_entity_nonpoly.entity_id 
_pdbx_entity_nonpoly.name 
_pdbx_entity_nonpoly.comp_id 
2 '(4R,10aP)-8-chloro-2-methyl-9-(3-methylpyridin-4-yl)[1,2,4]triazolo[1,5-c]quinazolin-5(6H)-one' YQ7 
3 'CALCIUM ION'                                                                                    CA  
4 water                                                                                            HOH 
# 
loop_
_entity_poly_seq.entity_id 
_entity_poly_seq.num 
_entity_poly_seq.mon_id 
_entity_poly_seq.hetero 
1 1   SER n 
1 2   GLU n 
1 3   VAL n 
1 4   GLU n 
1 5   TYR n 
1 6   ARG n 
1 7   ALA n 
1 8   GLU n 
1 9   VAL n 
1 10  GLY n 
1 11  GLN n 
1 12  ASN n 
1 13  ALA n 
1 14  TYR n 
1 15  LEU n 
1 16  PRO n 
1 17  CYS n 
1 18  PHE n 
1 19  TYR n 
1 20  THR n 
1 21  PRO n 
1 22  ALA n 
1 23  ALA n 
1 24  PRO n 
1 25  GLY n 
1 26  ASN n 
1 27  LEU n 
1 28  VAL n 
1 29  PRO n 
1 30  VAL n 
1 31  CYS n 
1 32  TRP n 
1 33  GLY n 
1 34  LYS n 
1 35  GLY n 
1 36  ALA n 
1 37  CYS n 
1 38  PRO n 
1 39  VAL n 
1 40  PHE n 
1 41  GLU n 
1 42  CYS n 
1 43  GLY n 
1 44  ASN n 
1 45  VAL n 
1 46  VAL n 
1 47  LEU n 
1 48  ARG n 
1 49  THR n 
1 50  ASP n 
1 51  GLU n 
1 52  ARG n 
1 53  ASP n 
1 54  VAL n 
1 55  ASN n 
1 56  TYR n 
1 57  TRP n 
1 58  THR n 
1 59  SER n 
1 60  ARG n 
1 61  TYR n 
1 62  TRP n 
1 63  LEU n 
1 64  ASN n 
1 65  GLY n 
1 66  ASP n 
1 67  PHE n 
1 68  ARG n 
1 69  LYS n 
1 70  GLY n 
1 71  ASP n 
1 72  VAL n 
1 73  SER n 
1 74  LEU n 
1 75  THR n 
1 76  ILE n 
1 77  GLU n 
1 78  ASN n 
1 79  VAL n 
1 80  THR n 
1 81  LEU n 
1 82  ALA n 
1 83  ASP n 
1 84  SER n 
1 85  GLY n 
1 86  ILE n 
1 87  TYR n 
1 88  CYS n 
1 89  CYS n 
1 90  ARG n 
1 91  ILE n 
1 92  GLN n 
1 93  ILE n 
1 94  PRO n 
1 95  GLY n 
1 96  ILE n 
1 97  MET n 
1 98  ASN n 
1 99  ASP n 
1 100 GLU n 
1 101 LYS n 
1 102 PHE n 
1 103 ASN n 
1 104 LEU n 
1 105 LYS n 
1 106 LEU n 
1 107 VAL n 
1 108 ILE n 
1 109 LYS n 
# 
_entity_src_gen.entity_id                          1 
_entity_src_gen.pdbx_src_id                        1 
_entity_src_gen.pdbx_alt_source_flag               sample 
_entity_src_gen.pdbx_seq_type                      'Biological sequence' 
_entity_src_gen.pdbx_beg_seq_num                   1 
_entity_src_gen.pdbx_end_seq_num                   109 
_entity_src_gen.gene_src_common_name               Human 
_entity_src_gen.gene_src_genus                     ? 
_entity_src_gen.pdbx_gene_src_gene                 'HAVCR2, TIM3, TIMD3' 
_entity_src_gen.gene_src_species                   ? 
_entity_src_gen.gene_src_strain                    ? 
_entity_src_gen.gene_src_tissue                    ? 
_entity_src_gen.gene_src_tissue_fraction           ? 
_entity_src_gen.gene_src_details                   ? 
_entity_src_gen.pdbx_gene_src_fragment             ? 
_entity_src_gen.pdbx_gene_src_scientific_name      'Homo sapiens' 
_entity_src_gen.pdbx_gene_src_ncbi_taxonomy_id     9606 
_entity_src_gen.pdbx_gene_src_variant              ? 
_entity_src_gen.pdbx_gene_src_cell_line            ? 
_entity_src_gen.pdbx_gene_src_atcc                 ? 
_entity_src_gen.pdbx_gene_src_organ                ? 
_entity_src_gen.pdbx_gene_src_organelle            ? 
_entity_src_gen.pdbx_gene_src_cell                 ? 
_entity_src_gen.pdbx_gene_src_cellular_location    ? 
_entity_src_gen.host_org_common_name               ? 
_entity_src_gen.pdbx_host_org_scientific_name      'Escherichia coli' 
_entity_src_gen.pdbx_host_org_ncbi_taxonomy_id     562 
_entity_src_gen.host_org_genus                     ? 
_entity_src_gen.pdbx_host_org_gene                 ? 
_entity_src_gen.pdbx_host_org_organ                ? 
_entity_src_gen.host_org_species                   ? 
_entity_src_gen.pdbx_host_org_tissue               ? 
_entity_src_gen.pdbx_host_org_tissue_fraction      ? 
_entity_src_gen.pdbx_host_org_strain               ? 
_entity_src_gen.pdbx_host_org_variant              ? 
_entity_src_gen.pdbx_host_org_cell_line            ? 
_entity_src_gen.pdbx_host_org_atcc                 ? 
_entity_src_gen.pdbx_host_org_culture_collection   ? 
_entity_src_gen.pdbx_host_org_cell                 ? 
_entity_src_gen.pdbx_host_org_organelle            ? 
_entity_src_gen.pdbx_host_org_cellular_location    ? 
_entity_src_gen.pdbx_host_org_vector_type          ? 
_entity_src_gen.pdbx_host_org_vector               ? 
_entity_src_gen.host_org_details                   ? 
_entity_src_gen.expression_system_id               ? 
_entity_src_gen.plasmid_name                       ? 
_entity_src_gen.plasmid_details                    ? 
_entity_src_gen.pdbx_description                   ? 
# 
loop_
_chem_comp.id 
_chem_comp.type 
_chem_comp.mon_nstd_flag 
_chem_comp.name 
_chem_comp.pdbx_synonyms 
_chem_comp.formula 
_chem_comp.formula_weight 
ALA 'L-peptide linking' y ALANINE                                                                                          ? 
'C3 H7 N O2'      89.093  
ARG 'L-peptide linking' y ARGININE                                                                                         ? 
'C6 H15 N4 O2 1'  175.209 
ASN 'L-peptide linking' y ASPARAGINE                                                                                       ? 
'C4 H8 N2 O3'     132.118 
ASP 'L-peptide linking' y 'ASPARTIC ACID'                                                                                  ? 
'C4 H7 N O4'      133.103 
CA  non-polymer         . 'CALCIUM ION'                                                                                    ? 
'Ca 2'            40.078  
CYS 'L-peptide linking' y CYSTEINE                                                                                         ? 
'C3 H7 N O2 S'    121.158 
GLN 'L-peptide linking' y GLUTAMINE                                                                                        ? 
'C5 H10 N2 O3'    146.144 
GLU 'L-peptide linking' y 'GLUTAMIC ACID'                                                                                  ? 
'C5 H9 N O4'      147.129 
GLY 'peptide linking'   y GLYCINE                                                                                          ? 
'C2 H5 N O2'      75.067  
HOH non-polymer         . WATER                                                                                            ? 
'H2 O'            18.015  
ILE 'L-peptide linking' y ISOLEUCINE                                                                                       ? 
'C6 H13 N O2'     131.173 
LEU 'L-peptide linking' y LEUCINE                                                                                          ? 
'C6 H13 N O2'     131.173 
LYS 'L-peptide linking' y LYSINE                                                                                           ? 
'C6 H15 N2 O2 1'  147.195 
MET 'L-peptide linking' y METHIONINE                                                                                       ? 
'C5 H11 N O2 S'   149.211 
PHE 'L-peptide linking' y PHENYLALANINE                                                                                    ? 
'C9 H11 N O2'     165.189 
PRO 'L-peptide linking' y PROLINE                                                                                          ? 
'C5 H9 N O2'      115.130 
SER 'L-peptide linking' y SERINE                                                                                           ? 
'C3 H7 N O3'      105.093 
THR 'L-peptide linking' y THREONINE                                                                                        ? 
'C4 H9 N O3'      119.119 
TRP 'L-peptide linking' y TRYPTOPHAN                                                                                       ? 
'C11 H12 N2 O2'   204.225 
TYR 'L-peptide linking' y TYROSINE                                                                                         ? 
'C9 H11 N O3'     181.189 
VAL 'L-peptide linking' y VALINE                                                                                           ? 
'C5 H11 N O2'     117.146 
YQ7 non-polymer         . '(4R,10aP)-8-chloro-2-methyl-9-(3-methylpyridin-4-yl)[1,2,4]triazolo[1,5-c]quinazolin-5(6H)-one' ? 
'C16 H12 Cl N5 O' 325.752 
# 
loop_
_pdbx_poly_seq_scheme.asym_id 
_pdbx_poly_seq_scheme.entity_id 
_pdbx_poly_seq_scheme.seq_id 
_pdbx_poly_seq_scheme.mon_id 
_pdbx_poly_seq_scheme.ndb_seq_num 
_pdbx_poly_seq_scheme.pdb_seq_num 
_pdbx_poly_seq_scheme.auth_seq_num 
_pdbx_poly_seq_scheme.pdb_mon_id 
_pdbx_poly_seq_scheme.auth_mon_id 
_pdbx_poly_seq_scheme.pdb_strand_id 
_pdbx_poly_seq_scheme.pdb_ins_code 
_pdbx_poly_seq_scheme.hetero 
A 1 1   SER 1   1   1   SER SER B . n 
A 1 2   GLU 2   2   2   GLU GLU B . n 
A 1 3   VAL 3   3   3   VAL VAL B . n 
A 1 4   GLU 4   4   4   GLU GLU B . n 
A 1 5   TYR 5   5   5   TYR TYR B . n 
A 1 6   ARG 6   6   6   ARG ARG B . n 
A 1 7   ALA 7   7   7   ALA ALA B . n 
A 1 8   GLU 8   8   8   GLU GLU B . n 
A 1 9   VAL 9   9   9   VAL VAL B . n 
A 1 10  GLY 10  10  10  GLY GLY B . n 
A 1 11  GLN 11  11  11  GLN GLN B . n 
A 1 12  ASN 12  12  12  ASN ASN B . n 
A 1 13  ALA 13  13  13  ALA ALA B . n 
A 1 14  TYR 14  14  14  TYR TYR B . n 
A 1 15  LEU 15  15  15  LEU LEU B . n 
A 1 16  PRO 16  16  16  PRO PRO B . n 
A 1 17  CYS 17  17  17  CYS CYS B . n 
A 1 18  PHE 18  18  18  PHE PHE B . n 
A 1 19  TYR 19  19  19  TYR TYR B . n 
A 1 20  THR 20  20  20  THR THR B . n 
A 1 21  PRO 21  21  21  PRO PRO B . n 
A 1 22  ALA 22  22  22  ALA ALA B . n 
A 1 23  ALA 23  23  23  ALA ALA B . n 
A 1 24  PRO 24  24  24  PRO PRO B . n 
A 1 25  GLY 25  25  25  GLY GLY B . n 
A 1 26  ASN 26  26  26  ASN ASN B . n 
A 1 27  LEU 27  27  27  LEU LEU B . n 
A 1 28  VAL 28  28  28  VAL VAL B . n 
A 1 29  PRO 29  29  29  PRO PRO B . n 
A 1 30  VAL 30  30  30  VAL VAL B . n 
A 1 31  CYS 31  31  31  CYS CYS B . n 
A 1 32  TRP 32  32  32  TRP TRP B . n 
A 1 33  GLY 33  33  33  GLY GLY B . n 
A 1 34  LYS 34  34  34  LYS LYS B . n 
A 1 35  GLY 35  35  35  GLY GLY B . n 
A 1 36  ALA 36  36  36  ALA ALA B . n 
A 1 37  CYS 37  37  37  CYS CYS B . n 
A 1 38  PRO 38  38  38  PRO PRO B . n 
A 1 39  VAL 39  39  39  VAL VAL B . n 
A 1 40  PHE 40  40  40  PHE PHE B . n 
A 1 41  GLU 41  41  41  GLU GLU B . n 
A 1 42  CYS 42  42  42  CYS CYS B . n 
A 1 43  GLY 43  43  43  GLY GLY B . n 
A 1 44  ASN 44  44  44  ASN ASN B . n 
A 1 45  VAL 45  45  45  VAL VAL B . n 
A 1 46  VAL 46  46  46  VAL VAL B . n 
A 1 47  LEU 47  47  47  LEU LEU B . n 
A 1 48  ARG 48  48  48  ARG ARG B . n 
A 1 49  THR 49  49  49  THR THR B . n 
A 1 50  ASP 50  50  50  ASP ASP B . n 
A 1 51  GLU 51  51  51  GLU GLU B . n 
A 1 52  ARG 52  52  52  ARG ARG B . n 
A 1 53  ASP 53  53  53  ASP ASP B . n 
A 1 54  VAL 54  54  54  VAL VAL B . n 
A 1 55  ASN 55  55  55  ASN ASN B . n 
A 1 56  TYR 56  56  56  TYR TYR B . n 
A 1 57  TRP 57  57  57  TRP TRP B . n 
A 1 58  THR 58  58  58  THR THR B . n 
A 1 59  SER 59  59  59  SER SER B . n 
A 1 60  ARG 60  60  60  ARG ARG B . n 
A 1 61  TYR 61  61  61  TYR TYR B . n 
A 1 62  TRP 62  62  62  TRP TRP B . n 
A 1 63  LEU 63  63  63  LEU LEU B . n 
A 1 64  ASN 64  64  64  ASN ASN B . n 
A 1 65  GLY 65  65  65  GLY GLY B . n 
A 1 66  ASP 66  66  66  ASP ASP B . n 
A 1 67  PHE 67  67  67  PHE PHE B . n 
A 1 68  ARG 68  68  68  ARG ARG B . n 
A 1 69  LYS 69  69  69  LYS LYS B . n 
A 1 70  GLY 70  70  70  GLY GLY B . n 
A 1 71  ASP 71  71  71  ASP ASP B . n 
A 1 72  VAL 72  72  72  VAL VAL B . n 
A 1 73  SER 73  73  73  SER SER B . n 
A 1 74  LEU 74  74  74  LEU LEU B . n 
A 1 75  THR 75  75  75  THR THR B . n 
A 1 76  ILE 76  76  76  ILE ILE B . n 
A 1 77  GLU 77  77  77  GLU GLU B . n 
A 1 78  ASN 78  78  78  ASN ASN B . n 
A 1 79  VAL 79  79  79  VAL VAL B . n 
A 1 80  THR 80  80  80  THR THR B . n 
A 1 81  LEU 81  81  81  LEU LEU B . n 
A 1 82  ALA 82  82  82  ALA ALA B . n 
A 1 83  ASP 83  83  83  ASP ASP B . n 
A 1 84  SER 84  84  84  SER SER B . n 
A 1 85  GLY 85  85  85  GLY GLY B . n 
A 1 86  ILE 86  86  86  ILE ILE B . n 
A 1 87  TYR 87  87  87  TYR TYR B . n 
A 1 88  CYS 88  88  88  CYS CYS B . n 
A 1 89  CYS 89  89  89  CYS CYS B . n 
A 1 90  ARG 90  90  90  ARG ARG B . n 
A 1 91  ILE 91  91  91  ILE ILE B . n 
A 1 92  GLN 92  92  92  GLN GLN B . n 
A 1 93  ILE 93  93  93  ILE ILE B . n 
A 1 94  PRO 94  94  94  PRO PRO B . n 
A 1 95  GLY 95  95  95  GLY GLY B . n 
A 1 96  ILE 96  96  96  ILE ILE B . n 
A 1 97  MET 97  97  97  MET MET B . n 
A 1 98  ASN 98  98  98  ASN ASN B . n 
A 1 99  ASP 99  99  99  ASP ASP B . n 
A 1 100 GLU 100 100 100 GLU GLU B . n 
A 1 101 LYS 101 101 101 LYS LYS B . n 
A 1 102 PHE 102 102 102 PHE PHE B . n 
A 1 103 ASN 103 103 103 ASN ASN B . n 
A 1 104 LEU 104 104 104 LEU LEU B . n 
A 1 105 LYS 105 105 105 LYS LYS B . n 
A 1 106 LEU 106 106 106 LEU LEU B . n 
A 1 107 VAL 107 107 107 VAL VAL B . n 
A 1 108 ILE 108 108 108 ILE ILE B . n 
A 1 109 LYS 109 109 109 LYS LYS B . n 
# 
_pdbx_entity_instance_feature.ordinal        1 
_pdbx_entity_instance_feature.comp_id        YQ7 
_pdbx_entity_instance_feature.asym_id        ? 
_pdbx_entity_instance_feature.seq_num        ? 
_pdbx_entity_instance_feature.auth_comp_id   YQ7 
_pdbx_entity_instance_feature.auth_asym_id   ? 
_pdbx_entity_instance_feature.auth_seq_num   ? 
_pdbx_entity_instance_feature.feature_type   'SUBJECT OF INVESTIGATION' 
_pdbx_entity_instance_feature.details        ? 
# 
loop_
_pdbx_nonpoly_scheme.asym_id 
_pdbx_nonpoly_scheme.entity_id 
_pdbx_nonpoly_scheme.mon_id 
_pdbx_nonpoly_scheme.ndb_seq_num 
_pdbx_nonpoly_scheme.pdb_seq_num 
_pdbx_nonpoly_scheme.auth_seq_num 
_pdbx_nonpoly_scheme.pdb_mon_id 
_pdbx_nonpoly_scheme.auth_mon_id 
_pdbx_nonpoly_scheme.pdb_strand_id 
_pdbx_nonpoly_scheme.pdb_ins_code 
B 2 YQ7 1   201 201 YQ7 LIG B . 
C 3 CA  1   202 1   CA  CA  B . 
D 4 HOH 1   301 49  HOH HOH B . 
D 4 HOH 2   302 96  HOH HOH B . 
D 4 HOH 3   303 90  HOH HOH B . 
D 4 HOH 4   304 12  HOH HOH B . 
D 4 HOH 5   305 30  HOH HOH B . 
D 4 HOH 6   306 55  HOH HOH B . 
D 4 HOH 7   307 82  HOH HOH B . 
D 4 HOH 8   308 56  HOH HOH B . 
D 4 HOH 9   309 10  HOH HOH B . 
D 4 HOH 10  310 60  HOH HOH B . 
D 4 HOH 11  311 14  HOH HOH B . 
D 4 HOH 12  312 97  HOH HOH B . 
D 4 HOH 13  313 51  HOH HOH B . 
D 4 HOH 14  314 58  HOH HOH B . 
D 4 HOH 15  315 68  HOH HOH B . 
D 4 HOH 16  316 33  HOH HOH B . 
D 4 HOH 17  317 27  HOH HOH B . 
D 4 HOH 18  318 48  HOH HOH B . 
D 4 HOH 19  319 20  HOH HOH B . 
D 4 HOH 20  320 15  HOH HOH B . 
D 4 HOH 21  321 13  HOH HOH B . 
D 4 HOH 22  322 70  HOH HOH B . 
D 4 HOH 23  323 64  HOH HOH B . 
D 4 HOH 24  324 7   HOH HOH B . 
D 4 HOH 25  325 32  HOH HOH B . 
D 4 HOH 26  326 69  HOH HOH B . 
D 4 HOH 27  327 103 HOH HOH B . 
D 4 HOH 28  328 26  HOH HOH B . 
D 4 HOH 29  329 17  HOH HOH B . 
D 4 HOH 30  330 71  HOH HOH B . 
D 4 HOH 31  331 18  HOH HOH B . 
D 4 HOH 32  332 88  HOH HOH B . 
D 4 HOH 33  333 11  HOH HOH B . 
D 4 HOH 34  334 46  HOH HOH B . 
D 4 HOH 35  335 6   HOH HOH B . 
D 4 HOH 36  336 44  HOH HOH B . 
D 4 HOH 37  337 108 HOH HOH B . 
D 4 HOH 38  338 40  HOH HOH B . 
D 4 HOH 39  339 53  HOH HOH B . 
D 4 HOH 40  340 94  HOH HOH B . 
D 4 HOH 41  341 79  HOH HOH B . 
D 4 HOH 42  342 50  HOH HOH B . 
D 4 HOH 43  343 5   HOH HOH B . 
D 4 HOH 44  344 78  HOH HOH B . 
D 4 HOH 45  345 28  HOH HOH B . 
D 4 HOH 46  346 54  HOH HOH B . 
D 4 HOH 47  347 87  HOH HOH B . 
D 4 HOH 48  348 38  HOH HOH B . 
D 4 HOH 49  349 21  HOH HOH B . 
D 4 HOH 50  350 47  HOH HOH B . 
D 4 HOH 51  351 23  HOH HOH B . 
D 4 HOH 52  352 105 HOH HOH B . 
D 4 HOH 53  353 24  HOH HOH B . 
D 4 HOH 54  354 61  HOH HOH B . 
D 4 HOH 55  355 2   HOH HOH B . 
D 4 HOH 56  356 4   HOH HOH B . 
D 4 HOH 57  357 35  HOH HOH B . 
D 4 HOH 58  358 98  HOH HOH B . 
D 4 HOH 59  359 19  HOH HOH B . 
D 4 HOH 60  360 8   HOH HOH B . 
D 4 HOH 61  361 22  HOH HOH B . 
D 4 HOH 62  362 89  HOH HOH B . 
D 4 HOH 63  363 62  HOH HOH B . 
D 4 HOH 64  364 107 HOH HOH B . 
D 4 HOH 65  365 45  HOH HOH B . 
D 4 HOH 66  366 3   HOH HOH B . 
D 4 HOH 67  367 16  HOH HOH B . 
D 4 HOH 68  368 57  HOH HOH B . 
D 4 HOH 69  369 34  HOH HOH B . 
D 4 HOH 70  370 29  HOH HOH B . 
D 4 HOH 71  371 99  HOH HOH B . 
D 4 HOH 72  372 31  HOH HOH B . 
D 4 HOH 73  373 25  HOH HOH B . 
D 4 HOH 74  374 110 HOH HOH B . 
D 4 HOH 75  375 41  HOH HOH B . 
D 4 HOH 76  376 37  HOH HOH B . 
D 4 HOH 77  377 52  HOH HOH B . 
D 4 HOH 78  378 84  HOH HOH B . 
D 4 HOH 79  379 80  HOH HOH B . 
D 4 HOH 80  380 76  HOH HOH B . 
D 4 HOH 81  381 1   HOH HOH B . 
D 4 HOH 82  382 63  HOH HOH B . 
D 4 HOH 83  383 73  HOH HOH B . 
D 4 HOH 84  384 65  HOH HOH B . 
D 4 HOH 85  385 67  HOH HOH B . 
D 4 HOH 86  386 104 HOH HOH B . 
D 4 HOH 87  387 36  HOH HOH B . 
D 4 HOH 88  388 74  HOH HOH B . 
D 4 HOH 89  389 92  HOH HOH B . 
D 4 HOH 90  390 59  HOH HOH B . 
D 4 HOH 91  391 101 HOH HOH B . 
D 4 HOH 92  392 85  HOH HOH B . 
D 4 HOH 93  393 39  HOH HOH B . 
D 4 HOH 94  394 100 HOH HOH B . 
D 4 HOH 95  395 9   HOH HOH B . 
D 4 HOH 96  396 91  HOH HOH B . 
D 4 HOH 97  397 66  HOH HOH B . 
D 4 HOH 98  398 109 HOH HOH B . 
D 4 HOH 99  399 111 HOH HOH B . 
D 4 HOH 100 400 81  HOH HOH B . 
D 4 HOH 101 401 72  HOH HOH B . 
D 4 HOH 102 402 93  HOH HOH B . 
D 4 HOH 103 403 86  HOH HOH B . 
D 4 HOH 104 404 75  HOH HOH B . 
D 4 HOH 105 405 77  HOH HOH B . 
D 4 HOH 106 406 42  HOH HOH B . 
D 4 HOH 107 407 83  HOH HOH B . 
D 4 HOH 108 408 102 HOH HOH B . 
D 4 HOH 109 409 43  HOH HOH B . 
D 4 HOH 110 410 106 HOH HOH B . 
D 4 HOH 111 411 95  HOH HOH B . 
# 
loop_
_software.citation_id 
_software.classification 
_software.compiler_name 
_software.compiler_version 
_software.contact_author 
_software.contact_author_email 
_software.date 
_software.description 
_software.dependencies 
_software.hardware 
_software.language 
_software.location 
_software.mods 
_software.name 
_software.os 
_software.os_version 
_software.type 
_software.version 
_software.pdbx_ordinal 
? 'data scaling'    ? ? ? ? ? ? ? ? ? ? ? HKL-2000    ? ? ? .           1 
? phasing           ? ? ? ? ? ? ? ? ? ? ? PHASER      ? ? ? 2.8.1       2 
? refinement        ? ? ? ? ? ? ? ? ? ? ? PHENIX      ? ? ? 1.19.1_4122 3 
? 'data extraction' ? ? ? ? ? ? ? ? ? ? ? PDB_EXTRACT ? ? ? 3.27        4 
? 'data reduction'  ? ? ? ? ? ? ? ? ? ? ? HKL-2000    ? ? ? .           5 
# 
_cell.angle_alpha                  90.000 
_cell.angle_alpha_esd              ? 
_cell.angle_beta                   90.000 
_cell.angle_beta_esd               ? 
_cell.angle_gamma                  90.000 
_cell.angle_gamma_esd              ? 
_cell.entry_id                     7M3Y 
_cell.details                      ? 
_cell.formula_units_Z              ? 
_cell.length_a                     46.958 
_cell.length_a_esd                 ? 
_cell.length_b                     85.343 
_cell.length_b_esd                 ? 
_cell.length_c                     53.697 
_cell.length_c_esd                 ? 
_cell.volume                       ? 
_cell.volume_esd                   ? 
_cell.Z_PDB                        8 
_cell.reciprocal_angle_alpha       ? 
_cell.reciprocal_angle_beta        ? 
_cell.reciprocal_angle_gamma       ? 
_cell.reciprocal_angle_alpha_esd   ? 
_cell.reciprocal_angle_beta_esd    ? 
_cell.reciprocal_angle_gamma_esd   ? 
_cell.reciprocal_length_a          ? 
_cell.reciprocal_length_b          ? 
_cell.reciprocal_length_c          ? 
_cell.reciprocal_length_a_esd      ? 
_cell.reciprocal_length_b_esd      ? 
_cell.reciprocal_length_c_esd      ? 
_cell.pdbx_unique_axis             ? 
# 
_symmetry.entry_id                         7M3Y 
_symmetry.cell_setting                     ? 
_symmetry.Int_Tables_number                20 
_symmetry.space_group_name_Hall            ? 
_symmetry.space_group_name_H-M             'C 2 2 21' 
_symmetry.pdbx_full_space_group_name_H-M   ? 
# 
_exptl.absorpt_coefficient_mu     ? 
_exptl.absorpt_correction_T_max   ? 
_exptl.absorpt_correction_T_min   ? 
_exptl.absorpt_correction_type    ? 
_exptl.absorpt_process_details    ? 
_exptl.entry_id                   7M3Y 
_exptl.crystals_number            1 
_exptl.details                    ? 
_exptl.method                     'X-RAY DIFFRACTION' 
_exptl.method_details             ? 
# 
_exptl_crystal.colour                      ? 
_exptl_crystal.density_diffrn              ? 
_exptl_crystal.density_Matthews            2.19 
_exptl_crystal.density_method              ? 
_exptl_crystal.density_percent_sol         43.77 
_exptl_crystal.description                 ? 
_exptl_crystal.F_000                       ? 
_exptl_crystal.id                          1 
_exptl_crystal.preparation                 ? 
_exptl_crystal.size_max                    ? 
_exptl_crystal.size_mid                    ? 
_exptl_crystal.size_min                    ? 
_exptl_crystal.size_rad                    ? 
_exptl_crystal.colour_lustre               ? 
_exptl_crystal.colour_modifier             ? 
_exptl_crystal.colour_primary              ? 
_exptl_crystal.density_meas                ? 
_exptl_crystal.density_meas_esd            ? 
_exptl_crystal.density_meas_gt             ? 
_exptl_crystal.density_meas_lt             ? 
_exptl_crystal.density_meas_temp           ? 
_exptl_crystal.density_meas_temp_esd       ? 
_exptl_crystal.density_meas_temp_gt        ? 
_exptl_crystal.density_meas_temp_lt        ? 
_exptl_crystal.pdbx_crystal_image_url      ? 
_exptl_crystal.pdbx_crystal_image_format   ? 
_exptl_crystal.pdbx_mosaicity              0.310 
_exptl_crystal.pdbx_mosaicity_esd          ? 
# 
_exptl_crystal_grow.apparatus       ? 
_exptl_crystal_grow.atmosphere      ? 
_exptl_crystal_grow.crystal_id      1 
_exptl_crystal_grow.details         ? 
_exptl_crystal_grow.method          'VAPOR DIFFUSION, SITTING DROP' 
_exptl_crystal_grow.method_ref      ? 
_exptl_crystal_grow.pH              ? 
_exptl_crystal_grow.pressure        ? 
_exptl_crystal_grow.pressure_esd    ? 
_exptl_crystal_grow.seeding         ? 
_exptl_crystal_grow.seeding_ref     ? 
_exptl_crystal_grow.temp            291 
_exptl_crystal_grow.temp_details    ? 
_exptl_crystal_grow.temp_esd        ? 
_exptl_crystal_grow.time            ? 
_exptl_crystal_grow.pdbx_details    '0.8 M sodium tartrate dibasic dihydrate, 0.1 M HEPES pH 6.8-8.2, and 10 mM CaCl2' 
_exptl_crystal_grow.pdbx_pH_range   ? 
# 
_diffrn.ambient_environment              ? 
_diffrn.ambient_temp                     100 
_diffrn.ambient_temp_details             ? 
_diffrn.ambient_temp_esd                 ? 
_diffrn.crystal_id                       1 
_diffrn.crystal_support                  ? 
_diffrn.crystal_treatment                ? 
_diffrn.details                          ? 
_diffrn.id                               1 
_diffrn.ambient_pressure                 ? 
_diffrn.ambient_pressure_esd             ? 
_diffrn.ambient_pressure_gt              ? 
_diffrn.ambient_pressure_lt              ? 
_diffrn.ambient_temp_gt                  ? 
_diffrn.ambient_temp_lt                  ? 
_diffrn.pdbx_serial_crystal_experiment   N 
# 
_diffrn_detector.details                      ? 
_diffrn_detector.detector                     CCD 
_diffrn_detector.diffrn_id                    1 
_diffrn_detector.type                         'RAYONIX MX300HE' 
_diffrn_detector.area_resol_mean              ? 
_diffrn_detector.dtime                        ? 
_diffrn_detector.pdbx_frames_total            ? 
_diffrn_detector.pdbx_collection_time_total   ? 
_diffrn_detector.pdbx_collection_date         2018-07-19 
_diffrn_detector.pdbx_frequency               ? 
# 
_diffrn_radiation.collimation                      ? 
_diffrn_radiation.diffrn_id                        1 
_diffrn_radiation.filter_edge                      ? 
_diffrn_radiation.inhomogeneity                    ? 
_diffrn_radiation.monochromator                    ? 
_diffrn_radiation.polarisn_norm                    ? 
_diffrn_radiation.polarisn_ratio                   ? 
_diffrn_radiation.probe                            ? 
_diffrn_radiation.type                             ? 
_diffrn_radiation.xray_symbol                      ? 
_diffrn_radiation.wavelength_id                    1 
_diffrn_radiation.pdbx_monochromatic_or_laue_m_l   M 
_diffrn_radiation.pdbx_wavelength_list             ? 
_diffrn_radiation.pdbx_wavelength                  ? 
_diffrn_radiation.pdbx_diffrn_protocol             'SINGLE WAVELENGTH' 
_diffrn_radiation.pdbx_analyzer                    ? 
_diffrn_radiation.pdbx_scattering_type             x-ray 
# 
_diffrn_radiation_wavelength.id           1 
_diffrn_radiation_wavelength.wavelength   0.987 
_diffrn_radiation_wavelength.wt           1.0 
# 
_diffrn_source.current                     ? 
_diffrn_source.details                     ? 
_diffrn_source.diffrn_id                   1 
_diffrn_source.power                       ? 
_diffrn_source.size                        ? 
_diffrn_source.source                      SYNCHROTRON 
_diffrn_source.target                      ? 
_diffrn_source.type                        'APS BEAMLINE 21-ID-F' 
_diffrn_source.voltage                     ? 
_diffrn_source.take-off_angle              ? 
_diffrn_source.pdbx_wavelength_list        0.987 
_diffrn_source.pdbx_wavelength             ? 
_diffrn_source.pdbx_synchrotron_beamline   21-ID-F 
_diffrn_source.pdbx_synchrotron_site       APS 
# 
_reflns.B_iso_Wilson_estimate            15.520 
_reflns.entry_id                         7M3Y 
_reflns.data_reduction_details           ? 
_reflns.data_reduction_method            ? 
_reflns.d_resolution_high                1.690 
_reflns.d_resolution_low                 30.000 
_reflns.details                          ? 
_reflns.limit_h_max                      ? 
_reflns.limit_h_min                      ? 
_reflns.limit_k_max                      ? 
_reflns.limit_k_min                      ? 
_reflns.limit_l_max                      ? 
_reflns.limit_l_min                      ? 
_reflns.number_all                       ? 
_reflns.number_obs                       12404 
_reflns.observed_criterion               ? 
_reflns.observed_criterion_F_max         ? 
_reflns.observed_criterion_F_min         ? 
_reflns.observed_criterion_I_max         ? 
_reflns.observed_criterion_I_min         ? 
_reflns.observed_criterion_sigma_F       ? 
_reflns.observed_criterion_sigma_I       ? 
_reflns.percent_possible_obs             100.000 
_reflns.R_free_details                   ? 
_reflns.Rmerge_F_all                     ? 
_reflns.Rmerge_F_obs                     ? 
_reflns.Friedel_coverage                 ? 
_reflns.number_gt                        ? 
_reflns.threshold_expression             ? 
_reflns.pdbx_redundancy                  8.000 
_reflns.pdbx_Rmerge_I_obs                0.097 
_reflns.pdbx_Rmerge_I_all                ? 
_reflns.pdbx_Rsym_value                  ? 
_reflns.pdbx_netI_over_av_sigmaI         ? 
_reflns.pdbx_netI_over_sigmaI            6.300 
_reflns.pdbx_res_netI_over_av_sigmaI_2   ? 
_reflns.pdbx_res_netI_over_sigmaI_2      ? 
_reflns.pdbx_chi_squared                 0.991 
_reflns.pdbx_scaling_rejects             ? 
_reflns.pdbx_d_res_high_opt              ? 
_reflns.pdbx_d_res_low_opt               ? 
_reflns.pdbx_d_res_opt_method            ? 
_reflns.phase_calculation_details        ? 
_reflns.pdbx_Rrim_I_all                  0.104 
_reflns.pdbx_Rpim_I_all                  0.036 
_reflns.pdbx_d_opt                       ? 
_reflns.pdbx_number_measured_all         99824 
_reflns.pdbx_diffrn_id                   1 
_reflns.pdbx_ordinal                     1 
_reflns.pdbx_CC_half                     ? 
_reflns.pdbx_CC_star                     ? 
_reflns.pdbx_R_split                     ? 
# 
loop_
_reflns_shell.d_res_high 
_reflns_shell.d_res_low 
_reflns_shell.meanI_over_sigI_all 
_reflns_shell.meanI_over_sigI_obs 
_reflns_shell.number_measured_all 
_reflns_shell.number_measured_obs 
_reflns_shell.number_possible 
_reflns_shell.number_unique_all 
_reflns_shell.number_unique_obs 
_reflns_shell.percent_possible_all 
_reflns_shell.percent_possible_obs 
_reflns_shell.Rmerge_F_all 
_reflns_shell.Rmerge_F_obs 
_reflns_shell.Rmerge_I_all 
_reflns_shell.Rmerge_I_obs 
_reflns_shell.meanI_over_sigI_gt 
_reflns_shell.meanI_over_uI_all 
_reflns_shell.meanI_over_uI_gt 
_reflns_shell.number_measured_gt 
_reflns_shell.number_unique_gt 
_reflns_shell.percent_possible_gt 
_reflns_shell.Rmerge_F_gt 
_reflns_shell.Rmerge_I_gt 
_reflns_shell.pdbx_redundancy 
_reflns_shell.pdbx_Rsym_value 
_reflns_shell.pdbx_chi_squared 
_reflns_shell.pdbx_netI_over_sigmaI_all 
_reflns_shell.pdbx_netI_over_sigmaI_obs 
_reflns_shell.pdbx_Rrim_I_all 
_reflns_shell.pdbx_Rpim_I_all 
_reflns_shell.pdbx_rejects 
_reflns_shell.pdbx_ordinal 
_reflns_shell.pdbx_diffrn_id 
_reflns_shell.pdbx_CC_half 
_reflns_shell.pdbx_CC_star 
_reflns_shell.pdbx_R_split 
1.690 1.720  ? ? ? ? ? ? 607 100.000 ? ? ? ? 0.763 ? ? ? ? ? ? ? ? 7.900 ? 0.603 ? ? 0.817 0.288 ? 1  1 0.766 ? ? 
1.720 1.750  ? ? ? ? ? ? 603 100.000 ? ? ? ? 0.683 ? ? ? ? ? ? ? ? 8.000 ? 0.637 ? ? 0.730 0.255 ? 2  1 0.854 ? ? 
1.750 1.780  ? ? ? ? ? ? 618 100.000 ? ? ? ? 0.565 ? ? ? ? ? ? ? ? 8.100 ? 0.667 ? ? 0.604 0.210 ? 3  1 0.865 ? ? 
1.780 1.820  ? ? ? ? ? ? 599 100.000 ? ? ? ? 0.468 ? ? ? ? ? ? ? ? 8.200 ? 0.714 ? ? 0.500 0.173 ? 4  1 0.922 ? ? 
1.820 1.860  ? ? ? ? ? ? 619 100.000 ? ? ? ? 0.401 ? ? ? ? ? ? ? ? 8.100 ? 0.709 ? ? 0.428 0.149 ? 5  1 0.944 ? ? 
1.860 1.900  ? ? ? ? ? ? 606 100.000 ? ? ? ? 0.336 ? ? ? ? ? ? ? ? 8.200 ? 0.757 ? ? 0.359 0.124 ? 6  1 0.955 ? ? 
1.900 1.950  ? ? ? ? ? ? 616 100.000 ? ? ? ? 0.272 ? ? ? ? ? ? ? ? 8.100 ? 0.782 ? ? 0.291 0.101 ? 7  1 0.975 ? ? 
1.950 2.000  ? ? ? ? ? ? 602 100.000 ? ? ? ? 0.247 ? ? ? ? ? ? ? ? 8.200 ? 0.861 ? ? 0.264 0.091 ? 8  1 0.973 ? ? 
2.000 2.060  ? ? ? ? ? ? 616 100.000 ? ? ? ? 0.223 ? ? ? ? ? ? ? ? 8.100 ? 0.945 ? ? 0.238 0.082 ? 9  1 0.980 ? ? 
2.060 2.130  ? ? ? ? ? ? 623 100.000 ? ? ? ? 0.186 ? ? ? ? ? ? ? ? 8.200 ? 0.992 ? ? 0.199 0.069 ? 10 1 0.980 ? ? 
2.130 2.210  ? ? ? ? ? ? 597 100.000 ? ? ? ? 0.173 ? ? ? ? ? ? ? ? 8.100 ? 0.974 ? ? 0.185 0.064 ? 11 1 0.988 ? ? 
2.210 2.290  ? ? ? ? ? ? 624 100.000 ? ? ? ? 0.148 ? ? ? ? ? ? ? ? 8.200 ? 1.024 ? ? 0.158 0.055 ? 12 1 0.989 ? ? 
2.290 2.400  ? ? ? ? ? ? 613 100.000 ? ? ? ? 0.136 ? ? ? ? ? ? ? ? 8.100 ? 0.997 ? ? 0.145 0.050 ? 13 1 0.990 ? ? 
2.400 2.520  ? ? ? ? ? ? 620 100.000 ? ? ? ? 0.124 ? ? ? ? ? ? ? ? 8.100 ? 1.084 ? ? 0.132 0.046 ? 14 1 0.990 ? ? 
2.520 2.680  ? ? ? ? ? ? 629 100.000 ? ? ? ? 0.105 ? ? ? ? ? ? ? ? 8.100 ? 1.181 ? ? 0.112 0.039 ? 15 1 0.995 ? ? 
2.680 2.890  ? ? ? ? ? ? 624 100.000 ? ? ? ? 0.092 ? ? ? ? ? ? ? ? 8.100 ? 1.497 ? ? 0.098 0.034 ? 16 1 0.996 ? ? 
2.890 3.180  ? ? ? ? ? ? 626 100.000 ? ? ? ? 0.070 ? ? ? ? ? ? ? ? 8.100 ? 1.505 ? ? 0.075 0.026 ? 17 1 0.996 ? ? 
3.180 3.640  ? ? ? ? ? ? 631 100.000 ? ? ? ? 0.051 ? ? ? ? ? ? ? ? 8.000 ? 1.361 ? ? 0.054 0.019 ? 18 1 0.998 ? ? 
3.640 4.580  ? ? ? ? ? ? 642 100.000 ? ? ? ? 0.038 ? ? ? ? ? ? ? ? 7.900 ? 1.241 ? ? 0.041 0.015 ? 19 1 0.999 ? ? 
4.580 30.000 ? ? ? ? ? ? 689 99.900  ? ? ? ? 0.037 ? ? ? ? ? ? ? ? 7.300 ? 1.233 ? ? 0.040 0.015 ? 20 1 0.999 ? ? 
# 
_refine.aniso_B[1][1]                            ? 
_refine.aniso_B[1][2]                            ? 
_refine.aniso_B[1][3]                            ? 
_refine.aniso_B[2][2]                            ? 
_refine.aniso_B[2][3]                            ? 
_refine.aniso_B[3][3]                            ? 
_refine.B_iso_max                                57.050 
_refine.B_iso_mean                               18.8805 
_refine.B_iso_min                                6.630 
_refine.correlation_coeff_Fo_to_Fc               ? 
_refine.correlation_coeff_Fo_to_Fc_free          ? 
_refine.details                                  ? 
_refine.diff_density_max                         ? 
_refine.diff_density_max_esd                     ? 
_refine.diff_density_min                         ? 
_refine.diff_density_min_esd                     ? 
_refine.diff_density_rms                         ? 
_refine.diff_density_rms_esd                     ? 
_refine.entry_id                                 7M3Y 
_refine.pdbx_refine_id                           'X-RAY DIFFRACTION' 
_refine.ls_abs_structure_details                 ? 
_refine.ls_abs_structure_Flack                   ? 
_refine.ls_abs_structure_Flack_esd               ? 
_refine.ls_abs_structure_Rogers                  ? 
_refine.ls_abs_structure_Rogers_esd              ? 
_refine.ls_d_res_high                            1.6900 
_refine.ls_d_res_low                             26.8500 
_refine.ls_extinction_coef                       ? 
_refine.ls_extinction_coef_esd                   ? 
_refine.ls_extinction_expression                 ? 
_refine.ls_extinction_method                     ? 
_refine.ls_goodness_of_fit_all                   ? 
_refine.ls_goodness_of_fit_all_esd               ? 
_refine.ls_goodness_of_fit_obs                   ? 
_refine.ls_goodness_of_fit_obs_esd               ? 
_refine.ls_hydrogen_treatment                    ? 
_refine.ls_matrix_type                           ? 
_refine.ls_number_constraints                    ? 
_refine.ls_number_parameters                     ? 
_refine.ls_number_reflns_all                     ? 
_refine.ls_number_reflns_obs                     12384 
_refine.ls_number_reflns_R_free                  674 
_refine.ls_number_reflns_R_work                  11710 
_refine.ls_number_restraints                     ? 
_refine.ls_percent_reflns_obs                    99.8500 
_refine.ls_percent_reflns_R_free                 5.4400 
_refine.ls_R_factor_all                          ? 
_refine.ls_R_factor_obs                          0.1882 
_refine.ls_R_factor_R_free                       0.2131 
_refine.ls_R_factor_R_free_error                 ? 
_refine.ls_R_factor_R_free_error_details         ? 
_refine.ls_R_factor_R_work                       0.1867 
_refine.ls_R_Fsqd_factor_obs                     ? 
_refine.ls_R_I_factor_obs                        ? 
_refine.ls_redundancy_reflns_all                 ? 
_refine.ls_redundancy_reflns_obs                 ? 
_refine.ls_restrained_S_all                      ? 
_refine.ls_restrained_S_obs                      ? 
_refine.ls_shift_over_esd_max                    ? 
_refine.ls_shift_over_esd_mean                   ? 
_refine.ls_structure_factor_coef                 ? 
_refine.ls_weighting_details                     ? 
_refine.ls_weighting_scheme                      ? 
_refine.ls_wR_factor_all                         ? 
_refine.ls_wR_factor_obs                         ? 
_refine.ls_wR_factor_R_free                      ? 
_refine.ls_wR_factor_R_work                      ? 
_refine.occupancy_max                            ? 
_refine.occupancy_min                            ? 
_refine.solvent_model_details                    'FLAT BULK SOLVENT MODEL' 
_refine.solvent_model_param_bsol                 ? 
_refine.solvent_model_param_ksol                 ? 
_refine.pdbx_R_complete                          ? 
_refine.ls_R_factor_gt                           ? 
_refine.ls_goodness_of_fit_gt                    ? 
_refine.ls_goodness_of_fit_ref                   ? 
_refine.ls_shift_over_su_max                     ? 
_refine.ls_shift_over_su_max_lt                  ? 
_refine.ls_shift_over_su_mean                    ? 
_refine.ls_shift_over_su_mean_lt                 ? 
_refine.pdbx_ls_sigma_I                          ? 
_refine.pdbx_ls_sigma_F                          1.380 
_refine.pdbx_ls_sigma_Fsqd                       ? 
_refine.pdbx_data_cutoff_high_absF               ? 
_refine.pdbx_data_cutoff_high_rms_absF           ? 
_refine.pdbx_data_cutoff_low_absF                ? 
_refine.pdbx_isotropic_thermal_model             ? 
_refine.pdbx_ls_cross_valid_method               THROUGHOUT 
_refine.pdbx_method_to_determine_struct          'MOLECULAR REPLACEMENT' 
_refine.pdbx_starting_model                      5F71 
_refine.pdbx_stereochemistry_target_values       ML 
_refine.pdbx_R_Free_selection_details            ? 
_refine.pdbx_stereochem_target_val_spec_case     ? 
_refine.pdbx_overall_ESU_R                       ? 
_refine.pdbx_overall_ESU_R_Free                  ? 
_refine.pdbx_solvent_vdw_probe_radii             1.1100 
_refine.pdbx_solvent_ion_probe_radii             ? 
_refine.pdbx_solvent_shrinkage_radii             0.9000 
_refine.pdbx_real_space_R                        ? 
_refine.pdbx_density_correlation                 ? 
_refine.pdbx_pd_number_of_powder_patterns        ? 
_refine.pdbx_pd_number_of_points                 ? 
_refine.pdbx_pd_meas_number_of_points            ? 
_refine.pdbx_pd_proc_ls_prof_R_factor            ? 
_refine.pdbx_pd_proc_ls_prof_wR_factor           ? 
_refine.pdbx_pd_Marquardt_correlation_coeff      ? 
_refine.pdbx_pd_Fsqrd_R_factor                   ? 
_refine.pdbx_pd_ls_matrix_band_width             ? 
_refine.pdbx_overall_phase_error                 20.9100 
_refine.pdbx_overall_SU_R_free_Cruickshank_DPI   ? 
_refine.pdbx_overall_SU_R_free_Blow_DPI          ? 
_refine.pdbx_overall_SU_R_Blow_DPI               ? 
_refine.pdbx_TLS_residual_ADP_flag               ? 
_refine.pdbx_diffrn_id                           1 
_refine.overall_SU_B                             ? 
_refine.overall_SU_ML                            0.1300 
_refine.overall_SU_R_Cruickshank_DPI             ? 
_refine.overall_SU_R_free                        ? 
_refine.overall_FOM_free_R_set                   ? 
_refine.overall_FOM_work_R_set                   ? 
_refine.pdbx_average_fsc_overall                 ? 
_refine.pdbx_average_fsc_work                    ? 
_refine.pdbx_average_fsc_free                    ? 
# 
_refine_hist.pdbx_refine_id                   'X-RAY DIFFRACTION' 
_refine_hist.cycle_id                         final 
_refine_hist.details                          ? 
_refine_hist.d_res_high                       1.6900 
_refine_hist.d_res_low                        26.8500 
_refine_hist.number_atoms_solvent             111 
_refine_hist.number_atoms_total               997 
_refine_hist.number_reflns_all                ? 
_refine_hist.number_reflns_obs                ? 
_refine_hist.number_reflns_R_free             ? 
_refine_hist.number_reflns_R_work             ? 
_refine_hist.R_factor_all                     ? 
_refine_hist.R_factor_obs                     ? 
_refine_hist.R_factor_R_free                  ? 
_refine_hist.R_factor_R_work                  ? 
_refine_hist.pdbx_number_residues_total       109 
_refine_hist.pdbx_B_iso_mean_ligand           16.01 
_refine_hist.pdbx_B_iso_mean_solvent          26.36 
_refine_hist.pdbx_number_atoms_protein        862 
_refine_hist.pdbx_number_atoms_nucleic_acid   0 
_refine_hist.pdbx_number_atoms_ligand         24 
_refine_hist.pdbx_number_atoms_lipid          ? 
_refine_hist.pdbx_number_atoms_carb           ? 
_refine_hist.pdbx_pseudo_atom_details         ? 
# 
loop_
_refine_ls_shell.pdbx_refine_id 
_refine_ls_shell.d_res_high 
_refine_ls_shell.d_res_low 
_refine_ls_shell.number_reflns_all 
_refine_ls_shell.number_reflns_obs 
_refine_ls_shell.number_reflns_R_free 
_refine_ls_shell.number_reflns_R_work 
_refine_ls_shell.percent_reflns_obs 
_refine_ls_shell.percent_reflns_R_free 
_refine_ls_shell.R_factor_all 
_refine_ls_shell.R_factor_obs 
_refine_ls_shell.R_factor_R_free 
_refine_ls_shell.R_factor_R_free_error 
_refine_ls_shell.R_factor_R_work 
_refine_ls_shell.redundancy_reflns_all 
_refine_ls_shell.redundancy_reflns_obs 
_refine_ls_shell.wR_factor_all 
_refine_ls_shell.wR_factor_obs 
_refine_ls_shell.wR_factor_R_free 
_refine_ls_shell.wR_factor_R_work 
_refine_ls_shell.pdbx_R_complete 
_refine_ls_shell.pdbx_total_number_of_bins_used 
_refine_ls_shell.pdbx_phase_error 
_refine_ls_shell.pdbx_fsc_work 
_refine_ls_shell.pdbx_fsc_free 
'X-RAY DIFFRACTION' 1.6900 1.8200  2417 . 122 2295 99.0000  . . . 0.2451 0.0000 0.2214 . . . . . . . 5 . . . 
'X-RAY DIFFRACTION' 1.8200 2.0100  2442 . 130 2312 100.0000 . . . 0.1917 0.0000 0.1858 . . . . . . . 5 . . . 
'X-RAY DIFFRACTION' 2.0100 2.3000  2464 . 162 2302 100.0000 . . . 0.2237 0.0000 0.1812 . . . . . . . 5 . . . 
'X-RAY DIFFRACTION' 2.3000 2.8900  2482 . 121 2361 100.0000 . . . 0.2696 0.0000 0.2040 . . . . . . . 5 . . . 
'X-RAY DIFFRACTION' 2.8900 26.8500 2579 . 139 2440 100.0000 . . . 0.1876 0.0000 0.1739 . . . . . . . 5 . . . 
# 
_struct.entry_id                     7M3Y 
_struct.title                        
;Structure of TIM-3 in complex with 8-chloro-2-methyl-9-(3-mehtylpyridin-4-yl)-[1,2,4]triazolo[1,5-c]quinazolin-5(6H)-one (compound 22)
;
_struct.pdbx_model_details           ? 
_struct.pdbx_formula_weight          ? 
_struct.pdbx_formula_weight_method   ? 
_struct.pdbx_model_type_details      ? 
_struct.pdbx_CASP_flag               N 
# 
_struct_keywords.entry_id        7M3Y 
_struct_keywords.text            'IgV, IMMUNE SYSTEM' 
_struct_keywords.pdbx_keywords   'IMMUNE SYSTEM' 
# 
loop_
_struct_asym.id 
_struct_asym.pdbx_blank_PDB_chainid_flag 
_struct_asym.pdbx_modified 
_struct_asym.entity_id 
_struct_asym.details 
A N N 1 ? 
B N N 2 ? 
C N N 3 ? 
D N N 4 ? 
# 
_struct_ref.id                         1 
_struct_ref.db_name                    UNP 
_struct_ref.db_code                    HAVR2_HUMAN 
_struct_ref.pdbx_db_accession          Q8TDQ0 
_struct_ref.pdbx_db_isoform            ? 
_struct_ref.entity_id                  1 
_struct_ref.pdbx_seq_one_letter_code   
;SEVEYRAEVGQNAYLPCFYTPAAPGNLVPVCWGKGACPVFECGNVVLRTDERDVNYWTSRYWLNGDFRKGDVSLTIENVT
LADSGIYCCRIQIPGIMNDEKFNLKLVIK
;
_struct_ref.pdbx_align_begin           22 
# 
_struct_ref_seq.align_id                      1 
_struct_ref_seq.ref_id                        1 
_struct_ref_seq.pdbx_PDB_id_code              7M3Y 
_struct_ref_seq.pdbx_strand_id                B 
_struct_ref_seq.seq_align_beg                 1 
_struct_ref_seq.pdbx_seq_align_beg_ins_code   ? 
_struct_ref_seq.seq_align_end                 109 
_struct_ref_seq.pdbx_seq_align_end_ins_code   ? 
_struct_ref_seq.pdbx_db_accession             Q8TDQ0 
_struct_ref_seq.db_align_beg                  22 
_struct_ref_seq.pdbx_db_align_beg_ins_code    ? 
_struct_ref_seq.db_align_end                  130 
_struct_ref_seq.pdbx_db_align_end_ins_code    ? 
_struct_ref_seq.pdbx_auth_seq_align_beg       1 
_struct_ref_seq.pdbx_auth_seq_align_end       109 
# 
_pdbx_struct_assembly.id                   1 
_pdbx_struct_assembly.details              author_and_software_defined_assembly 
_pdbx_struct_assembly.method_details       PISA 
_pdbx_struct_assembly.oligomeric_details   monomeric 
_pdbx_struct_assembly.oligomeric_count     1 
# 
_pdbx_struct_assembly_gen.assembly_id       1 
_pdbx_struct_assembly_gen.oper_expression   1 
_pdbx_struct_assembly_gen.asym_id_list      A,B,C,D 
# 
_pdbx_struct_assembly_auth_evidence.id                     1 
_pdbx_struct_assembly_auth_evidence.assembly_id            1 
_pdbx_struct_assembly_auth_evidence.experimental_support   none 
_pdbx_struct_assembly_auth_evidence.details                ? 
# 
_pdbx_struct_oper_list.id                   1 
_pdbx_struct_oper_list.type                 'identity operation' 
_pdbx_struct_oper_list.name                 1_555 
_pdbx_struct_oper_list.symmetry_operation   x,y,z 
_pdbx_struct_oper_list.matrix[1][1]         1.0000000000 
_pdbx_struct_oper_list.matrix[1][2]         0.0000000000 
_pdbx_struct_oper_list.matrix[1][3]         0.0000000000 
_pdbx_struct_oper_list.vector[1]            0.0000000000 
_pdbx_struct_oper_list.matrix[2][1]         0.0000000000 
_pdbx_struct_oper_list.matrix[2][2]         1.0000000000 
_pdbx_struct_oper_list.matrix[2][3]         0.0000000000 
_pdbx_struct_oper_list.vector[2]            0.0000000000 
_pdbx_struct_oper_list.matrix[3][1]         0.0000000000 
_pdbx_struct_oper_list.matrix[3][2]         0.0000000000 
_pdbx_struct_oper_list.matrix[3][3]         1.0000000000 
_pdbx_struct_oper_list.vector[3]            0.0000000000 
# 
loop_
_struct_conf.conf_type_id 
_struct_conf.id 
_struct_conf.pdbx_PDB_helix_id 
_struct_conf.beg_label_comp_id 
_struct_conf.beg_label_asym_id 
_struct_conf.beg_label_seq_id 
_struct_conf.pdbx_beg_PDB_ins_code 
_struct_conf.end_label_comp_id 
_struct_conf.end_label_asym_id 
_struct_conf.end_label_seq_id 
_struct_conf.pdbx_end_PDB_ins_code 
_struct_conf.beg_auth_comp_id 
_struct_conf.beg_auth_asym_id 
_struct_conf.beg_auth_seq_id 
_struct_conf.end_auth_comp_id 
_struct_conf.end_auth_asym_id 
_struct_conf.end_auth_seq_id 
_struct_conf.pdbx_PDB_helix_class 
_struct_conf.details 
_struct_conf.pdbx_PDB_helix_length 
HELX_P HELX_P1 AA1 ASP A 66 ? GLY A 70 ? ASP B 66 GLY B 70 5 ? 5 
HELX_P HELX_P2 AA2 THR A 80 ? SER A 84 ? THR B 80 SER B 84 5 ? 5 
# 
_struct_conf_type.id          HELX_P 
_struct_conf_type.criteria    ? 
_struct_conf_type.reference   ? 
# 
loop_
_struct_conn.id 
_struct_conn.conn_type_id 
_struct_conn.pdbx_leaving_atom_flag 
_struct_conn.pdbx_PDB_id 
_struct_conn.ptnr1_label_asym_id 
_struct_conn.ptnr1_label_comp_id 
_struct_conn.ptnr1_label_seq_id 
_struct_conn.ptnr1_label_atom_id 
_struct_conn.pdbx_ptnr1_label_alt_id 
_struct_conn.pdbx_ptnr1_PDB_ins_code 
_struct_conn.pdbx_ptnr1_standard_comp_id 
_struct_conn.ptnr1_symmetry 
_struct_conn.ptnr2_label_asym_id 
_struct_conn.ptnr2_label_comp_id 
_struct_conn.ptnr2_label_seq_id 
_struct_conn.ptnr2_label_atom_id 
_struct_conn.pdbx_ptnr2_label_alt_id 
_struct_conn.pdbx_ptnr2_PDB_ins_code 
_struct_conn.ptnr1_auth_asym_id 
_struct_conn.ptnr1_auth_comp_id 
_struct_conn.ptnr1_auth_seq_id 
_struct_conn.ptnr2_auth_asym_id 
_struct_conn.ptnr2_auth_comp_id 
_struct_conn.ptnr2_auth_seq_id 
_struct_conn.ptnr2_symmetry 
_struct_conn.pdbx_ptnr3_label_atom_id 
_struct_conn.pdbx_ptnr3_label_seq_id 
_struct_conn.pdbx_ptnr3_label_comp_id 
_struct_conn.pdbx_ptnr3_label_asym_id 
_struct_conn.pdbx_ptnr3_label_alt_id 
_struct_conn.pdbx_ptnr3_PDB_ins_code 
_struct_conn.details 
_struct_conn.pdbx_dist_value 
_struct_conn.pdbx_value_order 
_struct_conn.pdbx_role 
disulf1 disulf ? ? A CYS 17 SG  ? ? ? 1_555 A CYS 89 SG ? ? B CYS 17  B CYS 89  1_555 ? ? ? ? ? ? ? 2.033 ? ? 
disulf2 disulf ? ? A CYS 31 SG  ? ? ? 1_555 A CYS 42 SG ? ? B CYS 31  B CYS 42  1_555 ? ? ? ? ? ? ? 2.037 ? ? 
disulf3 disulf ? ? A CYS 37 SG  ? ? ? 1_555 A CYS 88 SG ? ? B CYS 37  B CYS 88  1_555 ? ? ? ? ? ? ? 2.029 ? ? 
metalc1 metalc ? ? A ILE 93 O   ? ? ? 1_555 C CA  .  CA ? ? B ILE 93  B CA  202 1_555 ? ? ? ? ? ? ? 2.277 ? ? 
metalc2 metalc ? ? A GLY 95 O   ? ? ? 1_555 C CA  .  CA ? ? B GLY 95  B CA  202 1_555 ? ? ? ? ? ? ? 2.390 ? ? 
metalc3 metalc ? ? A ASN 98 OD1 ? ? ? 1_555 C CA  .  CA ? ? B ASN 98  B CA  202 1_555 ? ? ? ? ? ? ? 2.323 ? ? 
metalc4 metalc ? ? A ASP 99 OD1 ? ? ? 1_555 C CA  .  CA ? ? B ASP 99  B CA  202 1_555 ? ? ? ? ? ? ? 2.349 ? ? 
metalc5 metalc ? ? C CA  .  CA  ? ? ? 1_555 D HOH .  O  ? ? B CA  202 B HOH 387 1_555 ? ? ? ? ? ? ? 2.416 ? ? 
# 
loop_
_struct_conn_type.id 
_struct_conn_type.criteria 
_struct_conn_type.reference 
disulf ? ? 
metalc ? ? 
# 
loop_
_pdbx_struct_conn_angle.id 
_pdbx_struct_conn_angle.ptnr1_label_atom_id 
_pdbx_struct_conn_angle.ptnr1_label_alt_id 
_pdbx_struct_conn_angle.ptnr1_label_asym_id 
_pdbx_struct_conn_angle.ptnr1_label_comp_id 
_pdbx_struct_conn_angle.ptnr1_label_seq_id 
_pdbx_struct_conn_angle.ptnr1_auth_atom_id 
_pdbx_struct_conn_angle.ptnr1_auth_asym_id 
_pdbx_struct_conn_angle.ptnr1_auth_comp_id 
_pdbx_struct_conn_angle.ptnr1_auth_seq_id 
_pdbx_struct_conn_angle.ptnr1_PDB_ins_code 
_pdbx_struct_conn_angle.ptnr1_symmetry 
_pdbx_struct_conn_angle.ptnr2_label_atom_id 
_pdbx_struct_conn_angle.ptnr2_label_alt_id 
_pdbx_struct_conn_angle.ptnr2_label_asym_id 
_pdbx_struct_conn_angle.ptnr2_label_comp_id 
_pdbx_struct_conn_angle.ptnr2_label_seq_id 
_pdbx_struct_conn_angle.ptnr2_auth_atom_id 
_pdbx_struct_conn_angle.ptnr2_auth_asym_id 
_pdbx_struct_conn_angle.ptnr2_auth_comp_id 
_pdbx_struct_conn_angle.ptnr2_auth_seq_id 
_pdbx_struct_conn_angle.ptnr2_PDB_ins_code 
_pdbx_struct_conn_angle.ptnr2_symmetry 
_pdbx_struct_conn_angle.ptnr3_label_atom_id 
_pdbx_struct_conn_angle.ptnr3_label_alt_id 
_pdbx_struct_conn_angle.ptnr3_label_asym_id 
_pdbx_struct_conn_angle.ptnr3_label_comp_id 
_pdbx_struct_conn_angle.ptnr3_label_seq_id 
_pdbx_struct_conn_angle.ptnr3_auth_atom_id 
_pdbx_struct_conn_angle.ptnr3_auth_asym_id 
_pdbx_struct_conn_angle.ptnr3_auth_comp_id 
_pdbx_struct_conn_angle.ptnr3_auth_seq_id 
_pdbx_struct_conn_angle.ptnr3_PDB_ins_code 
_pdbx_struct_conn_angle.ptnr3_symmetry 
_pdbx_struct_conn_angle.value 
_pdbx_struct_conn_angle.value_esd 
1  O   ? A ILE 93 ? B ILE 93 ? 1_555 CA ? C CA . ? B CA 202 ? 1_555 O   ? A GLY 95 ? B GLY 95  ? 1_555 99.5  ? 
2  O   ? A ILE 93 ? B ILE 93 ? 1_555 CA ? C CA . ? B CA 202 ? 1_555 OD1 ? A ASN 98 ? B ASN 98  ? 1_555 84.7  ? 
3  O   ? A GLY 95 ? B GLY 95 ? 1_555 CA ? C CA . ? B CA 202 ? 1_555 OD1 ? A ASN 98 ? B ASN 98  ? 1_555 78.9  ? 
4  O   ? A ILE 93 ? B ILE 93 ? 1_555 CA ? C CA . ? B CA 202 ? 1_555 OD1 ? A ASP 99 ? B ASP 99  ? 1_555 93.9  ? 
5  O   ? A GLY 95 ? B GLY 95 ? 1_555 CA ? C CA . ? B CA 202 ? 1_555 OD1 ? A ASP 99 ? B ASP 99  ? 1_555 166.6 ? 
6  OD1 ? A ASN 98 ? B ASN 98 ? 1_555 CA ? C CA . ? B CA 202 ? 1_555 OD1 ? A ASP 99 ? B ASP 99  ? 1_555 102.4 ? 
7  O   ? A ILE 93 ? B ILE 93 ? 1_555 CA ? C CA . ? B CA 202 ? 1_555 O   ? D HOH .  ? B HOH 387 ? 1_555 85.9  ? 
8  O   ? A GLY 95 ? B GLY 95 ? 1_555 CA ? C CA . ? B CA 202 ? 1_555 O   ? D HOH .  ? B HOH 387 ? 1_555 92.6  ? 
9  OD1 ? A ASN 98 ? B ASN 98 ? 1_555 CA ? C CA . ? B CA 202 ? 1_555 O   ? D HOH .  ? B HOH 387 ? 1_555 166.1 ? 
10 OD1 ? A ASP 99 ? B ASP 99 ? 1_555 CA ? C CA . ? B CA 202 ? 1_555 O   ? D HOH .  ? B HOH 387 ? 1_555 88.5  ? 
# 
loop_
_pdbx_modification_feature.ordinal 
_pdbx_modification_feature.label_comp_id 
_pdbx_modification_feature.label_asym_id 
_pdbx_modification_feature.label_seq_id 
_pdbx_modification_feature.label_alt_id 
_pdbx_modification_feature.modified_residue_label_comp_id 
_pdbx_modification_feature.modified_residue_label_asym_id 
_pdbx_modification_feature.modified_residue_label_seq_id 
_pdbx_modification_feature.modified_residue_label_alt_id 
_pdbx_modification_feature.auth_comp_id 
_pdbx_modification_feature.auth_asym_id 
_pdbx_modification_feature.auth_seq_id 
_pdbx_modification_feature.PDB_ins_code 
_pdbx_modification_feature.symmetry 
_pdbx_modification_feature.modified_residue_auth_comp_id 
_pdbx_modification_feature.modified_residue_auth_asym_id 
_pdbx_modification_feature.modified_residue_auth_seq_id 
_pdbx_modification_feature.modified_residue_PDB_ins_code 
_pdbx_modification_feature.modified_residue_symmetry 
_pdbx_modification_feature.comp_id_linking_atom 
_pdbx_modification_feature.modified_residue_id_linking_atom 
_pdbx_modification_feature.modified_residue_id 
_pdbx_modification_feature.ref_pcm_id 
_pdbx_modification_feature.ref_comp_id 
_pdbx_modification_feature.type 
_pdbx_modification_feature.category 
1 CYS A 17 ? CYS A 89 ? CYS B 17 ? 1_555 CYS B 89 ? 1_555 SG SG . . . None 'Disulfide bridge' 
2 CYS A 31 ? CYS A 42 ? CYS B 31 ? 1_555 CYS B 42 ? 1_555 SG SG . . . None 'Disulfide bridge' 
3 CYS A 37 ? CYS A 88 ? CYS B 37 ? 1_555 CYS B 88 ? 1_555 SG SG . . . None 'Disulfide bridge' 
# 
loop_
_struct_sheet.id 
_struct_sheet.type 
_struct_sheet.number_strands 
_struct_sheet.details 
AA1 ? 6 ? 
AA2 ? 3 ? 
# 
loop_
_struct_sheet_order.sheet_id 
_struct_sheet_order.range_id_1 
_struct_sheet_order.range_id_2 
_struct_sheet_order.offset 
_struct_sheet_order.sense 
AA1 1 2 ? parallel      
AA1 2 3 ? anti-parallel 
AA1 3 4 ? anti-parallel 
AA1 4 5 ? anti-parallel 
AA1 5 6 ? anti-parallel 
AA2 1 2 ? anti-parallel 
AA2 2 3 ? anti-parallel 
# 
loop_
_struct_sheet_range.sheet_id 
_struct_sheet_range.id 
_struct_sheet_range.beg_label_comp_id 
_struct_sheet_range.beg_label_asym_id 
_struct_sheet_range.beg_label_seq_id 
_struct_sheet_range.pdbx_beg_PDB_ins_code 
_struct_sheet_range.end_label_comp_id 
_struct_sheet_range.end_label_asym_id 
_struct_sheet_range.end_label_seq_id 
_struct_sheet_range.pdbx_end_PDB_ins_code 
_struct_sheet_range.beg_auth_comp_id 
_struct_sheet_range.beg_auth_asym_id 
_struct_sheet_range.beg_auth_seq_id 
_struct_sheet_range.end_auth_comp_id 
_struct_sheet_range.end_auth_asym_id 
_struct_sheet_range.end_auth_seq_id 
AA1 1 TYR A 5   ? GLU A 8   ? TYR B 5   GLU B 8   
AA1 2 GLU A 100 ? LYS A 109 ? GLU B 100 LYS B 109 
AA1 3 GLY A 85  ? ILE A 91  ? GLY B 85  ILE B 91  
AA1 4 VAL A 30  ? LYS A 34  ? VAL B 30  LYS B 34  
AA1 5 ASN A 44  ? THR A 49  ? ASN B 44  THR B 49  
AA1 6 VAL A 54  ? TRP A 57  ? VAL B 54  TRP B 57  
AA2 1 ALA A 13  ? LEU A 15  ? ALA B 13  LEU B 15  
AA2 2 LEU A 74  ? ILE A 76  ? LEU B 74  ILE B 76  
AA2 3 TYR A 61  ? TRP A 62  ? TYR B 61  TRP B 62  
# 
loop_
_pdbx_struct_sheet_hbond.sheet_id 
_pdbx_struct_sheet_hbond.range_id_1 
_pdbx_struct_sheet_hbond.range_id_2 
_pdbx_struct_sheet_hbond.range_1_label_atom_id 
_pdbx_struct_sheet_hbond.range_1_label_comp_id 
_pdbx_struct_sheet_hbond.range_1_label_asym_id 
_pdbx_struct_sheet_hbond.range_1_label_seq_id 
_pdbx_struct_sheet_hbond.range_1_PDB_ins_code 
_pdbx_struct_sheet_hbond.range_1_auth_atom_id 
_pdbx_struct_sheet_hbond.range_1_auth_comp_id 
_pdbx_struct_sheet_hbond.range_1_auth_asym_id 
_pdbx_struct_sheet_hbond.range_1_auth_seq_id 
_pdbx_struct_sheet_hbond.range_2_label_atom_id 
_pdbx_struct_sheet_hbond.range_2_label_comp_id 
_pdbx_struct_sheet_hbond.range_2_label_asym_id 
_pdbx_struct_sheet_hbond.range_2_label_seq_id 
_pdbx_struct_sheet_hbond.range_2_PDB_ins_code 
_pdbx_struct_sheet_hbond.range_2_auth_atom_id 
_pdbx_struct_sheet_hbond.range_2_auth_comp_id 
_pdbx_struct_sheet_hbond.range_2_auth_asym_id 
_pdbx_struct_sheet_hbond.range_2_auth_seq_id 
AA1 1 2 N TYR A 5   ? N TYR B 5   O VAL A 107 ? O VAL B 107 
AA1 2 3 O GLU A 100 ? O GLU B 100 N ILE A 91  ? N ILE B 91  
AA1 3 4 O ARG A 90  ? O ARG B 90  N CYS A 31  ? N CYS B 31  
AA1 4 5 N TRP A 32  ? N TRP B 32  O LEU A 47  ? O LEU B 47  
AA1 5 6 N ARG A 48  ? N ARG B 48  O TYR A 56  ? O TYR B 56  
AA2 1 2 N LEU A 15  ? N LEU B 15  O LEU A 74  ? O LEU B 74  
AA2 2 3 O THR A 75  ? O THR B 75  N TRP A 62  ? N TRP B 62  
# 
_pdbx_entry_details.entry_id                   7M3Y 
_pdbx_entry_details.has_ligand_of_interest     Y 
_pdbx_entry_details.compound_details           ? 
_pdbx_entry_details.source_details             ? 
_pdbx_entry_details.nonpolymer_details         ? 
_pdbx_entry_details.sequence_details           ? 
_pdbx_entry_details.has_protein_modification   Y 
# 
loop_
_pdbx_validate_torsion.id 
_pdbx_validate_torsion.PDB_model_num 
_pdbx_validate_torsion.auth_comp_id 
_pdbx_validate_torsion.auth_asym_id 
_pdbx_validate_torsion.auth_seq_id 
_pdbx_validate_torsion.PDB_ins_code 
_pdbx_validate_torsion.label_alt_id 
_pdbx_validate_torsion.phi 
_pdbx_validate_torsion.psi 
1 1 PHE B 40 ? ? 51.49   -122.10 
2 1 CYS B 42 ? ? -144.08 39.86   
3 1 ASP B 50 ? ? -120.07 -153.73 
4 1 ARG B 60 ? ? 90.08   -10.44  
# 
loop_
_pdbx_struct_special_symmetry.id 
_pdbx_struct_special_symmetry.PDB_model_num 
_pdbx_struct_special_symmetry.auth_asym_id 
_pdbx_struct_special_symmetry.auth_comp_id 
_pdbx_struct_special_symmetry.auth_seq_id 
_pdbx_struct_special_symmetry.PDB_ins_code 
_pdbx_struct_special_symmetry.label_asym_id 
_pdbx_struct_special_symmetry.label_comp_id 
_pdbx_struct_special_symmetry.label_seq_id 
1 1 B HOH 381 ? D HOH . 
2 1 B HOH 383 ? D HOH . 
# 
_pdbx_phasing_MR.entry_id                     7M3Y 
_pdbx_phasing_MR.method_rotation              ? 
_pdbx_phasing_MR.method_translation           ? 
_pdbx_phasing_MR.model_details                ? 
_pdbx_phasing_MR.R_factor                     ? 
_pdbx_phasing_MR.R_rigid_body                 ? 
_pdbx_phasing_MR.correlation_coeff_Fo_to_Fc   ? 
_pdbx_phasing_MR.correlation_coeff_Io_to_Ic   ? 
_pdbx_phasing_MR.d_res_high_rotation          4.510 
_pdbx_phasing_MR.d_res_low_rotation           26.850 
_pdbx_phasing_MR.d_res_high_translation       4.510 
_pdbx_phasing_MR.d_res_low_translation        26.850 
_pdbx_phasing_MR.packing                      ? 
_pdbx_phasing_MR.reflns_percent_rotation      ? 
_pdbx_phasing_MR.reflns_percent_translation   ? 
_pdbx_phasing_MR.sigma_F_rotation             ? 
_pdbx_phasing_MR.sigma_F_translation          ? 
_pdbx_phasing_MR.sigma_I_rotation             ? 
_pdbx_phasing_MR.sigma_I_translation          ? 
# 
_phasing.method   MR 
# 
loop_
_chem_comp_atom.comp_id 
_chem_comp_atom.atom_id 
_chem_comp_atom.type_symbol 
_chem_comp_atom.pdbx_aromatic_flag 
_chem_comp_atom.pdbx_stereo_config 
_chem_comp_atom.pdbx_ordinal 
ALA N    N  N N 1   
ALA CA   C  N S 2   
ALA C    C  N N 3   
ALA O    O  N N 4   
ALA CB   C  N N 5   
ALA OXT  O  N N 6   
ALA H    H  N N 7   
ALA H2   H  N N 8   
ALA HA   H  N N 9   
ALA HB1  H  N N 10  
ALA HB2  H  N N 11  
ALA HB3  H  N N 12  
ALA HXT  H  N N 13  
ARG N    N  N N 14  
ARG CA   C  N S 15  
ARG C    C  N N 16  
ARG O    O  N N 17  
ARG CB   C  N N 18  
ARG CG   C  N N 19  
ARG CD   C  N N 20  
ARG NE   N  N N 21  
ARG CZ   C  N N 22  
ARG NH1  N  N N 23  
ARG NH2  N  N N 24  
ARG OXT  O  N N 25  
ARG H    H  N N 26  
ARG H2   H  N N 27  
ARG HA   H  N N 28  
ARG HB2  H  N N 29  
ARG HB3  H  N N 30  
ARG HG2  H  N N 31  
ARG HG3  H  N N 32  
ARG HD2  H  N N 33  
ARG HD3  H  N N 34  
ARG HE   H  N N 35  
ARG HH11 H  N N 36  
ARG HH12 H  N N 37  
ARG HH21 H  N N 38  
ARG HH22 H  N N 39  
ARG HXT  H  N N 40  
ASN N    N  N N 41  
ASN CA   C  N S 42  
ASN C    C  N N 43  
ASN O    O  N N 44  
ASN CB   C  N N 45  
ASN CG   C  N N 46  
ASN OD1  O  N N 47  
ASN ND2  N  N N 48  
ASN OXT  O  N N 49  
ASN H    H  N N 50  
ASN H2   H  N N 51  
ASN HA   H  N N 52  
ASN HB2  H  N N 53  
ASN HB3  H  N N 54  
ASN HD21 H  N N 55  
ASN HD22 H  N N 56  
ASN HXT  H  N N 57  
ASP N    N  N N 58  
ASP CA   C  N S 59  
ASP C    C  N N 60  
ASP O    O  N N 61  
ASP CB   C  N N 62  
ASP CG   C  N N 63  
ASP OD1  O  N N 64  
ASP OD2  O  N N 65  
ASP OXT  O  N N 66  
ASP H    H  N N 67  
ASP H2   H  N N 68  
ASP HA   H  N N 69  
ASP HB2  H  N N 70  
ASP HB3  H  N N 71  
ASP HD2  H  N N 72  
ASP HXT  H  N N 73  
CA  CA   CA N N 74  
CYS N    N  N N 75  
CYS CA   C  N R 76  
CYS C    C  N N 77  
CYS O    O  N N 78  
CYS CB   C  N N 79  
CYS SG   S  N N 80  
CYS OXT  O  N N 81  
CYS H    H  N N 82  
CYS H2   H  N N 83  
CYS HA   H  N N 84  
CYS HB2  H  N N 85  
CYS HB3  H  N N 86  
CYS HG   H  N N 87  
CYS HXT  H  N N 88  
GLN N    N  N N 89  
GLN CA   C  N S 90  
GLN C    C  N N 91  
GLN O    O  N N 92  
GLN CB   C  N N 93  
GLN CG   C  N N 94  
GLN CD   C  N N 95  
GLN OE1  O  N N 96  
GLN NE2  N  N N 97  
GLN OXT  O  N N 98  
GLN H    H  N N 99  
GLN H2   H  N N 100 
GLN HA   H  N N 101 
GLN HB2  H  N N 102 
GLN HB3  H  N N 103 
GLN HG2  H  N N 104 
GLN HG3  H  N N 105 
GLN HE21 H  N N 106 
GLN HE22 H  N N 107 
GLN HXT  H  N N 108 
GLU N    N  N N 109 
GLU CA   C  N S 110 
GLU C    C  N N 111 
GLU O    O  N N 112 
GLU CB   C  N N 113 
GLU CG   C  N N 114 
GLU CD   C  N N 115 
GLU OE1  O  N N 116 
GLU OE2  O  N N 117 
GLU OXT  O  N N 118 
GLU H    H  N N 119 
GLU H2   H  N N 120 
GLU HA   H  N N 121 
GLU HB2  H  N N 122 
GLU HB3  H  N N 123 
GLU HG2  H  N N 124 
GLU HG3  H  N N 125 
GLU HE2  H  N N 126 
GLU HXT  H  N N 127 
GLY N    N  N N 128 
GLY CA   C  N N 129 
GLY C    C  N N 130 
GLY O    O  N N 131 
GLY OXT  O  N N 132 
GLY H    H  N N 133 
GLY H2   H  N N 134 
GLY HA2  H  N N 135 
GLY HA3  H  N N 136 
GLY HXT  H  N N 137 
HOH O    O  N N 138 
HOH H1   H  N N 139 
HOH H2   H  N N 140 
ILE N    N  N N 141 
ILE CA   C  N S 142 
ILE C    C  N N 143 
ILE O    O  N N 144 
ILE CB   C  N S 145 
ILE CG1  C  N N 146 
ILE CG2  C  N N 147 
ILE CD1  C  N N 148 
ILE OXT  O  N N 149 
ILE H    H  N N 150 
ILE H2   H  N N 151 
ILE HA   H  N N 152 
ILE HB   H  N N 153 
ILE HG12 H  N N 154 
ILE HG13 H  N N 155 
ILE HG21 H  N N 156 
ILE HG22 H  N N 157 
ILE HG23 H  N N 158 
ILE HD11 H  N N 159 
ILE HD12 H  N N 160 
ILE HD13 H  N N 161 
ILE HXT  H  N N 162 
LEU N    N  N N 163 
LEU CA   C  N S 164 
LEU C    C  N N 165 
LEU O    O  N N 166 
LEU CB   C  N N 167 
LEU CG   C  N N 168 
LEU CD1  C  N N 169 
LEU CD2  C  N N 170 
LEU OXT  O  N N 171 
LEU H    H  N N 172 
LEU H2   H  N N 173 
LEU HA   H  N N 174 
LEU HB2  H  N N 175 
LEU HB3  H  N N 176 
LEU HG   H  N N 177 
LEU HD11 H  N N 178 
LEU HD12 H  N N 179 
LEU HD13 H  N N 180 
LEU HD21 H  N N 181 
LEU HD22 H  N N 182 
LEU HD23 H  N N 183 
LEU HXT  H  N N 184 
LYS N    N  N N 185 
LYS CA   C  N S 186 
LYS C    C  N N 187 
LYS O    O  N N 188 
LYS CB   C  N N 189 
LYS CG   C  N N 190 
LYS CD   C  N N 191 
LYS CE   C  N N 192 
LYS NZ   N  N N 193 
LYS OXT  O  N N 194 
LYS H    H  N N 195 
LYS H2   H  N N 196 
LYS HA   H  N N 197 
LYS HB2  H  N N 198 
LYS HB3  H  N N 199 
LYS HG2  H  N N 200 
LYS HG3  H  N N 201 
LYS HD2  H  N N 202 
LYS HD3  H  N N 203 
LYS HE2  H  N N 204 
LYS HE3  H  N N 205 
LYS HZ1  H  N N 206 
LYS HZ2  H  N N 207 
LYS HZ3  H  N N 208 
LYS HXT  H  N N 209 
MET N    N  N N 210 
MET CA   C  N S 211 
MET C    C  N N 212 
MET O    O  N N 213 
MET CB   C  N N 214 
MET CG   C  N N 215 
MET SD   S  N N 216 
MET CE   C  N N 217 
MET OXT  O  N N 218 
MET H    H  N N 219 
MET H2   H  N N 220 
MET HA   H  N N 221 
MET HB2  H  N N 222 
MET HB3  H  N N 223 
MET HG2  H  N N 224 
MET HG3  H  N N 225 
MET HE1  H  N N 226 
MET HE2  H  N N 227 
MET HE3  H  N N 228 
MET HXT  H  N N 229 
PHE N    N  N N 230 
PHE CA   C  N S 231 
PHE C    C  N N 232 
PHE O    O  N N 233 
PHE CB   C  N N 234 
PHE CG   C  Y N 235 
PHE CD1  C  Y N 236 
PHE CD2  C  Y N 237 
PHE CE1  C  Y N 238 
PHE CE2  C  Y N 239 
PHE CZ   C  Y N 240 
PHE OXT  O  N N 241 
PHE H    H  N N 242 
PHE H2   H  N N 243 
PHE HA   H  N N 244 
PHE HB2  H  N N 245 
PHE HB3  H  N N 246 
PHE HD1  H  N N 247 
PHE HD2  H  N N 248 
PHE HE1  H  N N 249 
PHE HE2  H  N N 250 
PHE HZ   H  N N 251 
PHE HXT  H  N N 252 
PRO N    N  N N 253 
PRO CA   C  N S 254 
PRO C    C  N N 255 
PRO O    O  N N 256 
PRO CB   C  N N 257 
PRO CG   C  N N 258 
PRO CD   C  N N 259 
PRO OXT  O  N N 260 
PRO H    H  N N 261 
PRO HA   H  N N 262 
PRO HB2  H  N N 263 
PRO HB3  H  N N 264 
PRO HG2  H  N N 265 
PRO HG3  H  N N 266 
PRO HD2  H  N N 267 
PRO HD3  H  N N 268 
PRO HXT  H  N N 269 
SER N    N  N N 270 
SER CA   C  N S 271 
SER C    C  N N 272 
SER O    O  N N 273 
SER CB   C  N N 274 
SER OG   O  N N 275 
SER OXT  O  N N 276 
SER H    H  N N 277 
SER H2   H  N N 278 
SER HA   H  N N 279 
SER HB2  H  N N 280 
SER HB3  H  N N 281 
SER HG   H  N N 282 
SER HXT  H  N N 283 
THR N    N  N N 284 
THR CA   C  N S 285 
THR C    C  N N 286 
THR O    O  N N 287 
THR CB   C  N R 288 
THR OG1  O  N N 289 
THR CG2  C  N N 290 
THR OXT  O  N N 291 
THR H    H  N N 292 
THR H2   H  N N 293 
THR HA   H  N N 294 
THR HB   H  N N 295 
THR HG1  H  N N 296 
THR HG21 H  N N 297 
THR HG22 H  N N 298 
THR HG23 H  N N 299 
THR HXT  H  N N 300 
TRP N    N  N N 301 
TRP CA   C  N S 302 
TRP C    C  N N 303 
TRP O    O  N N 304 
TRP CB   C  N N 305 
TRP CG   C  Y N 306 
TRP CD1  C  Y N 307 
TRP CD2  C  Y N 308 
TRP NE1  N  Y N 309 
TRP CE2  C  Y N 310 
TRP CE3  C  Y N 311 
TRP CZ2  C  Y N 312 
TRP CZ3  C  Y N 313 
TRP CH2  C  Y N 314 
TRP OXT  O  N N 315 
TRP H    H  N N 316 
TRP H2   H  N N 317 
TRP HA   H  N N 318 
TRP HB2  H  N N 319 
TRP HB3  H  N N 320 
TRP HD1  H  N N 321 
TRP HE1  H  N N 322 
TRP HE3  H  N N 323 
TRP HZ2  H  N N 324 
TRP HZ3  H  N N 325 
TRP HH2  H  N N 326 
TRP HXT  H  N N 327 
TYR N    N  N N 328 
TYR CA   C  N S 329 
TYR C    C  N N 330 
TYR O    O  N N 331 
TYR CB   C  N N 332 
TYR CG   C  Y N 333 
TYR CD1  C  Y N 334 
TYR CD2  C  Y N 335 
TYR CE1  C  Y N 336 
TYR CE2  C  Y N 337 
TYR CZ   C  Y N 338 
TYR OH   O  N N 339 
TYR OXT  O  N N 340 
TYR H    H  N N 341 
TYR H2   H  N N 342 
TYR HA   H  N N 343 
TYR HB2  H  N N 344 
TYR HB3  H  N N 345 
TYR HD1  H  N N 346 
TYR HD2  H  N N 347 
TYR HE1  H  N N 348 
TYR HE2  H  N N 349 
TYR HH   H  N N 350 
TYR HXT  H  N N 351 
VAL N    N  N N 352 
VAL CA   C  N S 353 
VAL C    C  N N 354 
VAL O    O  N N 355 
VAL CB   C  N N 356 
VAL CG1  C  N N 357 
VAL CG2  C  N N 358 
VAL OXT  O  N N 359 
VAL H    H  N N 360 
VAL H2   H  N N 361 
VAL HA   H  N N 362 
VAL HB   H  N N 363 
VAL HG11 H  N N 364 
VAL HG12 H  N N 365 
VAL HG13 H  N N 366 
VAL HG21 H  N N 367 
VAL HG22 H  N N 368 
VAL HG23 H  N N 369 
VAL HXT  H  N N 370 
YQ7 N1   N  N N 371 
YQ7 N3   N  Y N 372 
YQ7 C4   C  Y N 373 
YQ7 C5   C  Y N 374 
YQ7 C6   C  Y N 375 
YQ7 C7   C  N N 376 
YQ7 C8   C  Y N 377 
YQ7 C10  C  N N 378 
YQ7 C13  C  Y N 379 
YQ7 C15  C  Y N 380 
YQ7 C1   C  Y N 381 
YQ7 C11  C  Y N 382 
YQ7 C12  C  Y N 383 
YQ7 C14  C  Y N 384 
YQ7 C16  C  N N 385 
YQ7 C2   C  Y N 386 
YQ7 C3   C  Y N 387 
YQ7 C9   C  Y N 388 
YQ7 N2   N  Y N 389 
YQ7 N4   N  Y N 390 
YQ7 N5   N  Y N 391 
YQ7 O1   O  N N 392 
YQ7 CL1  CL N N 393 
YQ7 H1   H  N N 394 
YQ7 H2   H  N N 395 
YQ7 H3   H  N N 396 
YQ7 H4   H  N N 397 
YQ7 H5   H  N N 398 
YQ7 H6   H  N N 399 
YQ7 H7   H  N N 400 
YQ7 H8   H  N N 401 
YQ7 H9   H  N N 402 
YQ7 H10  H  N N 403 
YQ7 H11  H  N N 404 
YQ7 H12  H  N N 405 
# 
loop_
_chem_comp_bond.comp_id 
_chem_comp_bond.atom_id_1 
_chem_comp_bond.atom_id_2 
_chem_comp_bond.value_order 
_chem_comp_bond.pdbx_aromatic_flag 
_chem_comp_bond.pdbx_stereo_config 
_chem_comp_bond.pdbx_ordinal 
ALA N   CA   sing N N 1   
ALA N   H    sing N N 2   
ALA N   H2   sing N N 3   
ALA CA  C    sing N N 4   
ALA CA  CB   sing N N 5   
ALA CA  HA   sing N N 6   
ALA C   O    doub N N 7   
ALA C   OXT  sing N N 8   
ALA CB  HB1  sing N N 9   
ALA CB  HB2  sing N N 10  
ALA CB  HB3  sing N N 11  
ALA OXT HXT  sing N N 12  
ARG N   CA   sing N N 13  
ARG N   H    sing N N 14  
ARG N   H2   sing N N 15  
ARG CA  C    sing N N 16  
ARG CA  CB   sing N N 17  
ARG CA  HA   sing N N 18  
ARG C   O    doub N N 19  
ARG C   OXT  sing N N 20  
ARG CB  CG   sing N N 21  
ARG CB  HB2  sing N N 22  
ARG CB  HB3  sing N N 23  
ARG CG  CD   sing N N 24  
ARG CG  HG2  sing N N 25  
ARG CG  HG3  sing N N 26  
ARG CD  NE   sing N N 27  
ARG CD  HD2  sing N N 28  
ARG CD  HD3  sing N N 29  
ARG NE  CZ   sing N N 30  
ARG NE  HE   sing N N 31  
ARG CZ  NH1  sing N N 32  
ARG CZ  NH2  doub N N 33  
ARG NH1 HH11 sing N N 34  
ARG NH1 HH12 sing N N 35  
ARG NH2 HH21 sing N N 36  
ARG NH2 HH22 sing N N 37  
ARG OXT HXT  sing N N 38  
ASN N   CA   sing N N 39  
ASN N   H    sing N N 40  
ASN N   H2   sing N N 41  
ASN CA  C    sing N N 42  
ASN CA  CB   sing N N 43  
ASN CA  HA   sing N N 44  
ASN C   O    doub N N 45  
ASN C   OXT  sing N N 46  
ASN CB  CG   sing N N 47  
ASN CB  HB2  sing N N 48  
ASN CB  HB3  sing N N 49  
ASN CG  OD1  doub N N 50  
ASN CG  ND2  sing N N 51  
ASN ND2 HD21 sing N N 52  
ASN ND2 HD22 sing N N 53  
ASN OXT HXT  sing N N 54  
ASP N   CA   sing N N 55  
ASP N   H    sing N N 56  
ASP N   H2   sing N N 57  
ASP CA  C    sing N N 58  
ASP CA  CB   sing N N 59  
ASP CA  HA   sing N N 60  
ASP C   O    doub N N 61  
ASP C   OXT  sing N N 62  
ASP CB  CG   sing N N 63  
ASP CB  HB2  sing N N 64  
ASP CB  HB3  sing N N 65  
ASP CG  OD1  doub N N 66  
ASP CG  OD2  sing N N 67  
ASP OD2 HD2  sing N N 68  
ASP OXT HXT  sing N N 69  
CYS N   CA   sing N N 70  
CYS N   H    sing N N 71  
CYS N   H2   sing N N 72  
CYS CA  C    sing N N 73  
CYS CA  CB   sing N N 74  
CYS CA  HA   sing N N 75  
CYS C   O    doub N N 76  
CYS C   OXT  sing N N 77  
CYS CB  SG   sing N N 78  
CYS CB  HB2  sing N N 79  
CYS CB  HB3  sing N N 80  
CYS SG  HG   sing N N 81  
CYS OXT HXT  sing N N 82  
GLN N   CA   sing N N 83  
GLN N   H    sing N N 84  
GLN N   H2   sing N N 85  
GLN CA  C    sing N N 86  
GLN CA  CB   sing N N 87  
GLN CA  HA   sing N N 88  
GLN C   O    doub N N 89  
GLN C   OXT  sing N N 90  
GLN CB  CG   sing N N 91  
GLN CB  HB2  sing N N 92  
GLN CB  HB3  sing N N 93  
GLN CG  CD   sing N N 94  
GLN CG  HG2  sing N N 95  
GLN CG  HG3  sing N N 96  
GLN CD  OE1  doub N N 97  
GLN CD  NE2  sing N N 98  
GLN NE2 HE21 sing N N 99  
GLN NE2 HE22 sing N N 100 
GLN OXT HXT  sing N N 101 
GLU N   CA   sing N N 102 
GLU N   H    sing N N 103 
GLU N   H2   sing N N 104 
GLU CA  C    sing N N 105 
GLU CA  CB   sing N N 106 
GLU CA  HA   sing N N 107 
GLU C   O    doub N N 108 
GLU C   OXT  sing N N 109 
GLU CB  CG   sing N N 110 
GLU CB  HB2  sing N N 111 
GLU CB  HB3  sing N N 112 
GLU CG  CD   sing N N 113 
GLU CG  HG2  sing N N 114 
GLU CG  HG3  sing N N 115 
GLU CD  OE1  doub N N 116 
GLU CD  OE2  sing N N 117 
GLU OE2 HE2  sing N N 118 
GLU OXT HXT  sing N N 119 
GLY N   CA   sing N N 120 
GLY N   H    sing N N 121 
GLY N   H2   sing N N 122 
GLY CA  C    sing N N 123 
GLY CA  HA2  sing N N 124 
GLY CA  HA3  sing N N 125 
GLY C   O    doub N N 126 
GLY C   OXT  sing N N 127 
GLY OXT HXT  sing N N 128 
HOH O   H1   sing N N 129 
HOH O   H2   sing N N 130 
ILE N   CA   sing N N 131 
ILE N   H    sing N N 132 
ILE N   H2   sing N N 133 
ILE CA  C    sing N N 134 
ILE CA  CB   sing N N 135 
ILE CA  HA   sing N N 136 
ILE C   O    doub N N 137 
ILE C   OXT  sing N N 138 
ILE CB  CG1  sing N N 139 
ILE CB  CG2  sing N N 140 
ILE CB  HB   sing N N 141 
ILE CG1 CD1  sing N N 142 
ILE CG1 HG12 sing N N 143 
ILE CG1 HG13 sing N N 144 
ILE CG2 HG21 sing N N 145 
ILE CG2 HG22 sing N N 146 
ILE CG2 HG23 sing N N 147 
ILE CD1 HD11 sing N N 148 
ILE CD1 HD12 sing N N 149 
ILE CD1 HD13 sing N N 150 
ILE OXT HXT  sing N N 151 
LEU N   CA   sing N N 152 
LEU N   H    sing N N 153 
LEU N   H2   sing N N 154 
LEU CA  C    sing N N 155 
LEU CA  CB   sing N N 156 
LEU CA  HA   sing N N 157 
LEU C   O    doub N N 158 
LEU C   OXT  sing N N 159 
LEU CB  CG   sing N N 160 
LEU CB  HB2  sing N N 161 
LEU CB  HB3  sing N N 162 
LEU CG  CD1  sing N N 163 
LEU CG  CD2  sing N N 164 
LEU CG  HG   sing N N 165 
LEU CD1 HD11 sing N N 166 
LEU CD1 HD12 sing N N 167 
LEU CD1 HD13 sing N N 168 
LEU CD2 HD21 sing N N 169 
LEU CD2 HD22 sing N N 170 
LEU CD2 HD23 sing N N 171 
LEU OXT HXT  sing N N 172 
LYS N   CA   sing N N 173 
LYS N   H    sing N N 174 
LYS N   H2   sing N N 175 
LYS CA  C    sing N N 176 
LYS CA  CB   sing N N 177 
LYS CA  HA   sing N N 178 
LYS C   O    doub N N 179 
LYS C   OXT  sing N N 180 
LYS CB  CG   sing N N 181 
LYS CB  HB2  sing N N 182 
LYS CB  HB3  sing N N 183 
LYS CG  CD   sing N N 184 
LYS CG  HG2  sing N N 185 
LYS CG  HG3  sing N N 186 
LYS CD  CE   sing N N 187 
LYS CD  HD2  sing N N 188 
LYS CD  HD3  sing N N 189 
LYS CE  NZ   sing N N 190 
LYS CE  HE2  sing N N 191 
LYS CE  HE3  sing N N 192 
LYS NZ  HZ1  sing N N 193 
LYS NZ  HZ2  sing N N 194 
LYS NZ  HZ3  sing N N 195 
LYS OXT HXT  sing N N 196 
MET N   CA   sing N N 197 
MET N   H    sing N N 198 
MET N   H2   sing N N 199 
MET CA  C    sing N N 200 
MET CA  CB   sing N N 201 
MET CA  HA   sing N N 202 
MET C   O    doub N N 203 
MET C   OXT  sing N N 204 
MET CB  CG   sing N N 205 
MET CB  HB2  sing N N 206 
MET CB  HB3  sing N N 207 
MET CG  SD   sing N N 208 
MET CG  HG2  sing N N 209 
MET CG  HG3  sing N N 210 
MET SD  CE   sing N N 211 
MET CE  HE1  sing N N 212 
MET CE  HE2  sing N N 213 
MET CE  HE3  sing N N 214 
MET OXT HXT  sing N N 215 
PHE N   CA   sing N N 216 
PHE N   H    sing N N 217 
PHE N   H2   sing N N 218 
PHE CA  C    sing N N 219 
PHE CA  CB   sing N N 220 
PHE CA  HA   sing N N 221 
PHE C   O    doub N N 222 
PHE C   OXT  sing N N 223 
PHE CB  CG   sing N N 224 
PHE CB  HB2  sing N N 225 
PHE CB  HB3  sing N N 226 
PHE CG  CD1  doub Y N 227 
PHE CG  CD2  sing Y N 228 
PHE CD1 CE1  sing Y N 229 
PHE CD1 HD1  sing N N 230 
PHE CD2 CE2  doub Y N 231 
PHE CD2 HD2  sing N N 232 
PHE CE1 CZ   doub Y N 233 
PHE CE1 HE1  sing N N 234 
PHE CE2 CZ   sing Y N 235 
PHE CE2 HE2  sing N N 236 
PHE CZ  HZ   sing N N 237 
PHE OXT HXT  sing N N 238 
PRO N   CA   sing N N 239 
PRO N   CD   sing N N 240 
PRO N   H    sing N N 241 
PRO CA  C    sing N N 242 
PRO CA  CB   sing N N 243 
PRO CA  HA   sing N N 244 
PRO C   O    doub N N 245 
PRO C   OXT  sing N N 246 
PRO CB  CG   sing N N 247 
PRO CB  HB2  sing N N 248 
PRO CB  HB3  sing N N 249 
PRO CG  CD   sing N N 250 
PRO CG  HG2  sing N N 251 
PRO CG  HG3  sing N N 252 
PRO CD  HD2  sing N N 253 
PRO CD  HD3  sing N N 254 
PRO OXT HXT  sing N N 255 
SER N   CA   sing N N 256 
SER N   H    sing N N 257 
SER N   H2   sing N N 258 
SER CA  C    sing N N 259 
SER CA  CB   sing N N 260 
SER CA  HA   sing N N 261 
SER C   O    doub N N 262 
SER C   OXT  sing N N 263 
SER CB  OG   sing N N 264 
SER CB  HB2  sing N N 265 
SER CB  HB3  sing N N 266 
SER OG  HG   sing N N 267 
SER OXT HXT  sing N N 268 
THR N   CA   sing N N 269 
THR N   H    sing N N 270 
THR N   H2   sing N N 271 
THR CA  C    sing N N 272 
THR CA  CB   sing N N 273 
THR CA  HA   sing N N 274 
THR C   O    doub N N 275 
THR C   OXT  sing N N 276 
THR CB  OG1  sing N N 277 
THR CB  CG2  sing N N 278 
THR CB  HB   sing N N 279 
THR OG1 HG1  sing N N 280 
THR CG2 HG21 sing N N 281 
THR CG2 HG22 sing N N 282 
THR CG2 HG23 sing N N 283 
THR OXT HXT  sing N N 284 
TRP N   CA   sing N N 285 
TRP N   H    sing N N 286 
TRP N   H2   sing N N 287 
TRP CA  C    sing N N 288 
TRP CA  CB   sing N N 289 
TRP CA  HA   sing N N 290 
TRP C   O    doub N N 291 
TRP C   OXT  sing N N 292 
TRP CB  CG   sing N N 293 
TRP CB  HB2  sing N N 294 
TRP CB  HB3  sing N N 295 
TRP CG  CD1  doub Y N 296 
TRP CG  CD2  sing Y N 297 
TRP CD1 NE1  sing Y N 298 
TRP CD1 HD1  sing N N 299 
TRP CD2 CE2  doub Y N 300 
TRP CD2 CE3  sing Y N 301 
TRP NE1 CE2  sing Y N 302 
TRP NE1 HE1  sing N N 303 
TRP CE2 CZ2  sing Y N 304 
TRP CE3 CZ3  doub Y N 305 
TRP CE3 HE3  sing N N 306 
TRP CZ2 CH2  doub Y N 307 
TRP CZ2 HZ2  sing N N 308 
TRP CZ3 CH2  sing Y N 309 
TRP CZ3 HZ3  sing N N 310 
TRP CH2 HH2  sing N N 311 
TRP OXT HXT  sing N N 312 
TYR N   CA   sing N N 313 
TYR N   H    sing N N 314 
TYR N   H2   sing N N 315 
TYR CA  C    sing N N 316 
TYR CA  CB   sing N N 317 
TYR CA  HA   sing N N 318 
TYR C   O    doub N N 319 
TYR C   OXT  sing N N 320 
TYR CB  CG   sing N N 321 
TYR CB  HB2  sing N N 322 
TYR CB  HB3  sing N N 323 
TYR CG  CD1  doub Y N 324 
TYR CG  CD2  sing Y N 325 
TYR CD1 CE1  sing Y N 326 
TYR CD1 HD1  sing N N 327 
TYR CD2 CE2  doub Y N 328 
TYR CD2 HD2  sing N N 329 
TYR CE1 CZ   doub Y N 330 
TYR CE1 HE1  sing N N 331 
TYR CE2 CZ   sing Y N 332 
TYR CE2 HE2  sing N N 333 
TYR CZ  OH   sing N N 334 
TYR OH  HH   sing N N 335 
TYR OXT HXT  sing N N 336 
VAL N   CA   sing N N 337 
VAL N   H    sing N N 338 
VAL N   H2   sing N N 339 
VAL CA  C    sing N N 340 
VAL CA  CB   sing N N 341 
VAL CA  HA   sing N N 342 
VAL C   O    doub N N 343 
VAL C   OXT  sing N N 344 
VAL CB  CG1  sing N N 345 
VAL CB  CG2  sing N N 346 
VAL CB  HB   sing N N 347 
VAL CG1 HG11 sing N N 348 
VAL CG1 HG12 sing N N 349 
VAL CG1 HG13 sing N N 350 
VAL CG2 HG21 sing N N 351 
VAL CG2 HG22 sing N N 352 
VAL CG2 HG23 sing N N 353 
VAL OXT HXT  sing N N 354 
YQ7 CL1 C3   sing N N 355 
YQ7 C4  C3   doub Y N 356 
YQ7 C4  C5   sing Y N 357 
YQ7 N1  C5   sing N N 358 
YQ7 N1  C7   sing N N 359 
YQ7 O1  C7   doub N N 360 
YQ7 C3  C2   sing Y N 361 
YQ7 C5  C6   doub Y N 362 
YQ7 C7  N2   sing N N 363 
YQ7 C2  C11  sing N N 364 
YQ7 C2  C1   doub Y N 365 
YQ7 C6  C1   sing Y N 366 
YQ7 C6  C8   sing N N 367 
YQ7 N2  C8   sing Y N 368 
YQ7 N2  N3   sing Y N 369 
YQ7 C11 C15  doub Y N 370 
YQ7 C11 C12  sing Y N 371 
YQ7 C16 C12  sing N N 372 
YQ7 C8  N4   doub Y N 373 
YQ7 C15 C14  sing Y N 374 
YQ7 N3  C9   doub Y N 375 
YQ7 C12 C13  doub Y N 376 
YQ7 C14 N5   doub Y N 377 
YQ7 C13 N5   sing Y N 378 
YQ7 N4  C9   sing Y N 379 
YQ7 C9  C10  sing N N 380 
YQ7 N1  H1   sing N N 381 
YQ7 C4  H2   sing N N 382 
YQ7 C10 H3   sing N N 383 
YQ7 C10 H4   sing N N 384 
YQ7 C10 H5   sing N N 385 
YQ7 C13 H6   sing N N 386 
YQ7 C15 H7   sing N N 387 
YQ7 C1  H8   sing N N 388 
YQ7 C14 H9   sing N N 389 
YQ7 C16 H10  sing N N 390 
YQ7 C16 H11  sing N N 391 
YQ7 C16 H12  sing N N 392 
# 
_pdbx_initial_refinement_model.id               1 
_pdbx_initial_refinement_model.entity_id_list   ? 
_pdbx_initial_refinement_model.type             'experimental model' 
_pdbx_initial_refinement_model.source_name      PDB 
_pdbx_initial_refinement_model.accession_code   5F71 
_pdbx_initial_refinement_model.details          ? 
# 
_atom_sites.entry_id                    7M3Y 
_atom_sites.Cartn_transf_matrix[1][1]   ? 
_atom_sites.Cartn_transf_matrix[1][2]   ? 
_atom_sites.Cartn_transf_matrix[1][3]   ? 
_atom_sites.Cartn_transf_matrix[2][1]   ? 
_atom_sites.Cartn_transf_matrix[2][2]   ? 
_atom_sites.Cartn_transf_matrix[2][3]   ? 
_atom_sites.Cartn_transf_matrix[3][1]   ? 
_atom_sites.Cartn_transf_matrix[3][2]   ? 
_atom_sites.Cartn_transf_matrix[3][3]   ? 
_atom_sites.Cartn_transf_vector[1]      ? 
_atom_sites.Cartn_transf_vector[2]      ? 
_atom_sites.Cartn_transf_vector[3]      ? 
_atom_sites.fract_transf_matrix[1][1]   0.00787303 
_atom_sites.fract_transf_matrix[1][2]   0.01147121 
_atom_sites.fract_transf_matrix[1][3]   -0.01612285 
_atom_sites.fract_transf_matrix[2][1]   -0.00674127 
_atom_sites.fract_transf_matrix[2][2]   0.00905162 
_atom_sites.fract_transf_matrix[2][3]   0.00314825 
_atom_sites.fract_transf_matrix[3][1]   0.01358724 
_atom_sites.fract_transf_matrix[3][2]   0.00626194 
_atom_sites.fract_transf_matrix[3][3]   0.01109014 
_atom_sites.fract_transf_vector[1]      0.220832 
_atom_sites.fract_transf_vector[2]      0.208046 
_atom_sites.fract_transf_vector[3]      -0.232735 
_atom_sites.solution_primary            ? 
_atom_sites.solution_secondary          ? 
_atom_sites.solution_hydrogens          ? 
_atom_sites.special_details             ? 
# 
loop_
_atom_type.symbol 
C  
CA 
CL 
N  
O  
S  
# 
loop_
_atom_site.group_PDB 
_atom_site.id 
_atom_site.type_symbol 
_atom_site.label_atom_id 
_atom_site.label_alt_id 
_atom_site.label_comp_id 
_atom_site.label_asym_id 
_atom_site.label_entity_id 
_atom_site.label_seq_id 
_atom_site.pdbx_PDB_ins_code 
_atom_site.Cartn_x 
_atom_site.Cartn_y 
_atom_site.Cartn_z 
_atom_site.occupancy 
_atom_site.B_iso_or_equiv 
_atom_site.pdbx_formal_charge 
_atom_site.auth_seq_id 
_atom_site.auth_comp_id 
_atom_site.auth_asym_id 
_atom_site.auth_atom_id 
_atom_site.pdbx_PDB_model_num 
ATOM   1   N  N   . SER A 1 1   ? -22.335 -3.536  5.485   1.00 29.63 ? 1   SER B N   1 
ATOM   2   C  CA  . SER A 1 1   ? -21.774 -2.888  4.302   1.00 31.21 ? 1   SER B CA  1 
ATOM   3   C  C   . SER A 1 1   ? -20.676 -3.756  3.705   1.00 25.76 ? 1   SER B C   1 
ATOM   4   O  O   . SER A 1 1   ? -20.951 -4.830  3.189   1.00 25.70 ? 1   SER B O   1 
ATOM   5   C  CB  . SER A 1 1   ? -21.230 -1.497  4.645   1.00 31.25 ? 1   SER B CB  1 
ATOM   6   O  OG  . SER A 1 1   ? -20.024 -1.582  5.396   1.00 31.62 ? 1   SER B OG  1 
ATOM   7   N  N   . GLU A 1 2   ? -19.432 -3.276  3.766   1.00 24.62 ? 2   GLU B N   1 
ATOM   8   C  CA  . GLU A 1 2   ? -18.277 -4.037  3.304   1.00 23.09 ? 2   GLU B CA  1 
ATOM   9   C  C   . GLU A 1 2   ? -17.029 -3.441  3.945   1.00 15.58 ? 2   GLU B C   1 
ATOM   10  O  O   . GLU A 1 2   ? -17.064 -2.335  4.487   1.00 20.40 ? 2   GLU B O   1 
ATOM   11  C  CB  . GLU A 1 2   ? -18.194 -4.047  1.772   1.00 24.37 ? 2   GLU B CB  1 
ATOM   12  C  CG  . GLU A 1 2   ? -17.159 -5.016  1.203   1.00 24.65 ? 2   GLU B CG  1 
ATOM   13  C  CD  . GLU A 1 2   ? -17.417 -6.448  1.607   1.00 28.71 ? 2   GLU B CD  1 
ATOM   14  O  OE1 . GLU A 1 2   ? -18.440 -7.019  1.163   1.00 33.61 ? 2   GLU B OE1 1 
ATOM   15  O  OE2 . GLU A 1 2   ? -16.592 -6.999  2.373   1.00 27.45 ? 2   GLU B OE2 1 
ATOM   16  N  N   . VAL A 1 3   ? -15.929 -4.205  3.900   1.00 18.25 ? 3   VAL B N   1 
ATOM   17  C  CA  . VAL A 1 3   ? -14.696 -3.795  4.572   1.00 12.90 ? 3   VAL B CA  1 
ATOM   18  C  C   . VAL A 1 3   ? -14.304 -2.400  4.128   1.00 13.33 ? 3   VAL B C   1 
ATOM   19  O  O   . VAL A 1 3   ? -14.213 -2.101  2.931   1.00 12.30 ? 3   VAL B O   1 
ATOM   20  C  CB  . VAL A 1 3   ? -13.556 -4.792  4.299   1.00 16.57 ? 3   VAL B CB  1 
ATOM   21  C  CG1 . VAL A 1 3   ? -12.254 -4.292  4.927   1.00 13.91 ? 3   VAL B CG1 1 
ATOM   22  C  CG2 . VAL A 1 3   ? -13.920 -6.158  4.837   1.00 18.12 ? 3   VAL B CG2 1 
ATOM   23  N  N   . GLU A 1 4   ? -14.057 -1.542  5.104   1.00 10.96 ? 4   GLU B N   1 
ATOM   24  C  CA  . GLU A 1 4   ? -13.514 -0.233  4.812   1.00 10.79 ? 4   GLU B CA  1 
ATOM   25  C  C   . GLU A 1 4   ? -12.650 0.218   5.974   1.00 10.51 ? 4   GLU B C   1 
ATOM   26  O  O   . GLU A 1 4   ? -12.720 -0.317  7.085   1.00 10.10 ? 4   GLU B O   1 
ATOM   27  C  CB  . GLU A 1 4   ? -14.603 0.799   4.537   1.00 15.73 ? 4   GLU B CB  1 
ATOM   28  C  CG  . GLU A 1 4   ? -15.660 0.920   5.611   1.00 16.81 ? 4   GLU B CG  1 
ATOM   29  C  CD  . GLU A 1 4   ? -16.710 1.957   5.249   1.00 21.44 ? 4   GLU B CD  1 
ATOM   30  O  OE1 . GLU A 1 4   ? -17.238 1.885   4.120   1.00 21.91 ? 4   GLU B OE1 1 
ATOM   31  O  OE2 . GLU A 1 4   ? -16.985 2.855   6.080   1.00 21.19 ? 4   GLU B OE2 1 
ATOM   32  N  N   . TYR A 1 5   ? -11.833 1.214   5.674   1.00 7.14  ? 5   TYR B N   1 
ATOM   33  C  CA  . TYR A 1 5   ? -10.916 1.854   6.608   1.00 7.94  ? 5   TYR B CA  1 
ATOM   34  C  C   . TYR A 1 5   ? -11.312 3.315   6.675   1.00 8.90  ? 5   TYR B C   1 
ATOM   35  O  O   . TYR A 1 5   ? -11.657 3.903   5.649   1.00 9.37  ? 5   TYR B O   1 
ATOM   36  C  CB  . TYR A 1 5   ? -9.462  1.658   6.146   1.00 7.19  ? 5   TYR B CB  1 
ATOM   37  C  CG  . TYR A 1 5   ? -9.206  0.183   6.076   1.00 7.24  ? 5   TYR B CG  1 
ATOM   38  C  CD1 . TYR A 1 5   ? -8.882  -0.510  7.227   1.00 8.01  ? 5   TYR B CD1 1 
ATOM   39  C  CD2 . TYR A 1 5   ? -9.402  -0.540  4.892   1.00 9.21  ? 5   TYR B CD2 1 
ATOM   40  C  CE1 . TYR A 1 5   ? -8.711  -1.883  7.213   1.00 9.59  ? 5   TYR B CE1 1 
ATOM   41  C  CE2 . TYR A 1 5   ? -9.238  -1.930  4.863   1.00 8.45  ? 5   TYR B CE2 1 
ATOM   42  C  CZ  . TYR A 1 5   ? -8.873  -2.583  6.036   1.00 11.13 ? 5   TYR B CZ  1 
ATOM   43  O  OH  . TYR A 1 5   ? -8.703  -3.949  6.067   1.00 9.17  ? 5   TYR B OH  1 
ATOM   44  N  N   . ARG A 1 6   ? -11.299 3.891   7.877   1.00 7.98  ? 6   ARG B N   1 
ATOM   45  C  CA  . ARG A 1 6   ? -11.948 5.180   8.102   1.00 10.21 ? 6   ARG B CA  1 
ATOM   46  C  C   . ARG A 1 6   ? -11.003 6.174   8.765   1.00 11.96 ? 6   ARG B C   1 
ATOM   47  O  O   . ARG A 1 6   ? -10.127 5.797   9.547   1.00 12.03 ? 6   ARG B O   1 
ATOM   48  C  CB  . ARG A 1 6   ? -13.206 5.003   8.967   1.00 12.49 ? 6   ARG B CB  1 
ATOM   49  C  CG  . ARG A 1 6   ? -14.152 3.931   8.404   1.00 14.76 ? 6   ARG B CG  1 
ATOM   50  C  CD  . ARG A 1 6   ? -15.349 3.690   9.311   1.00 16.76 ? 6   ARG B CD  1 
ATOM   51  N  NE  . ARG A 1 6   ? -16.274 2.729   8.715   1.00 13.67 ? 6   ARG B NE  1 
ATOM   52  C  CZ  . ARG A 1 6   ? -16.580 1.560   9.266   1.00 14.72 ? 6   ARG B CZ  1 
ATOM   53  N  NH1 . ARG A 1 6   ? -16.009 1.156   10.392  1.00 12.62 ? 6   ARG B NH1 1 
ATOM   54  N  NH2 . ARG A 1 6   ? -17.471 0.773   8.668   1.00 13.65 ? 6   ARG B NH2 1 
ATOM   55  N  N   . ALA A 1 7   ? -11.200 7.458   8.453   1.00 11.16 ? 7   ALA B N   1 
ATOM   56  C  CA  . ALA A 1 7   ? -10.455 8.524   9.114   1.00 12.08 ? 7   ALA B CA  1 
ATOM   57  C  C   . ALA A 1 7   ? -11.255 9.810   9.010   1.00 15.24 ? 7   ALA B C   1 
ATOM   58  O  O   . ALA A 1 7   ? -12.094 9.969   8.120   1.00 14.23 ? 7   ALA B O   1 
ATOM   59  C  CB  . ALA A 1 7   ? -9.062  8.727   8.503   1.00 12.39 ? 7   ALA B CB  1 
ATOM   60  N  N   . GLU A 1 8   ? -10.980 10.723  9.933   1.00 14.95 ? 8   GLU B N   1 
ATOM   61  C  CA  . GLU A 1 8   ? -11.510 12.078  9.865   1.00 14.81 ? 8   GLU B CA  1 
ATOM   62  C  C   . GLU A 1 8   ? -10.446 13.002  9.289   1.00 16.79 ? 8   GLU B C   1 
ATOM   63  O  O   . GLU A 1 8   ? -9.248  12.758  9.444   1.00 16.25 ? 8   GLU B O   1 
ATOM   64  C  CB  . GLU A 1 8   ? -11.940 12.556  11.255  1.00 17.95 ? 8   GLU B CB  1 
ATOM   65  C  CG  . GLU A 1 8   ? -13.202 11.878  11.774  1.00 20.86 ? 8   GLU B CG  1 
ATOM   66  C  CD  . GLU A 1 8   ? -13.622 12.390  13.131  1.00 31.46 ? 8   GLU B CD  1 
ATOM   67  O  OE1 . GLU A 1 8   ? -13.951 13.590  13.237  1.00 35.90 ? 8   GLU B OE1 1 
ATOM   68  O  OE2 . GLU A 1 8   ? -13.609 11.593  14.097  1.00 31.88 ? 8   GLU B OE2 1 
ATOM   69  N  N   . VAL A 1 9   ? -10.894 14.074  8.623   1.00 17.91 ? 9   VAL B N   1 
ATOM   70  C  CA  . VAL A 1 9   ? -9.957  15.031  8.036   1.00 16.98 ? 9   VAL B CA  1 
ATOM   71  C  C   . VAL A 1 9   ? -8.966  15.473  9.101   1.00 18.54 ? 9   VAL B C   1 
ATOM   72  O  O   . VAL A 1 9   ? -9.347  15.760  10.241  1.00 20.32 ? 9   VAL B O   1 
ATOM   73  C  CB  . VAL A 1 9   ? -10.712 16.232  7.427   1.00 17.02 ? 9   VAL B CB  1 
ATOM   74  C  CG1 . VAL A 1 9   ? -9.716  17.305  6.943   1.00 18.47 ? 9   VAL B CG1 1 
ATOM   75  C  CG2 . VAL A 1 9   ? -11.596 15.784  6.280   1.00 18.90 ? 9   VAL B CG2 1 
ATOM   76  N  N   . GLY A 1 10  ? -7.678  15.470  8.755   1.00 14.72 ? 10  GLY B N   1 
ATOM   77  C  CA  . GLY A 1 10  ? -6.632  15.840  9.678   1.00 16.51 ? 10  GLY B CA  1 
ATOM   78  C  C   . GLY A 1 10  ? -5.952  14.681  10.380  1.00 18.82 ? 10  GLY B C   1 
ATOM   79  O  O   . GLY A 1 10  ? -4.819  14.844  10.856  1.00 21.23 ? 10  GLY B O   1 
ATOM   80  N  N   . GLN A 1 11  ? -6.606  13.522  10.457  1.00 16.25 ? 11  GLN B N   1 
ATOM   81  C  CA  . GLN A 1 11  ? -6.007  12.331  11.047  1.00 16.25 ? 11  GLN B CA  1 
ATOM   82  C  C   . GLN A 1 11  ? -5.075  11.638  10.050  1.00 13.89 ? 11  GLN B C   1 
ATOM   83  O  O   . GLN A 1 11  ? -5.014  11.976  8.864   1.00 15.08 ? 11  GLN B O   1 
ATOM   84  C  CB  . GLN A 1 11  ? -7.082  11.337  11.481  1.00 15.05 ? 11  GLN B CB  1 
ATOM   85  C  CG  . GLN A 1 11  ? -8.038  11.807  12.560  1.00 17.45 ? 11  GLN B CG  1 
ATOM   86  C  CD  . GLN A 1 11  ? -8.894  10.665  13.094  1.00 19.49 ? 11  GLN B CD  1 
ATOM   87  O  OE1 . GLN A 1 11  ? -9.661  10.050  12.348  1.00 16.52 ? 11  GLN B OE1 1 
ATOM   88  N  NE2 . GLN A 1 11  ? -8.761  10.370  14.394  1.00 23.80 ? 11  GLN B NE2 1 
ATOM   89  N  N   . ASN A 1 12  ? -4.355  10.633  10.541  1.00 11.91 ? 12  ASN B N   1 
ATOM   90  C  CA  . ASN A 1 12  ? -3.670  9.702   9.651   1.00 11.10 ? 12  ASN B CA  1 
ATOM   91  C  C   . ASN A 1 12  ? -4.610  8.566   9.275   1.00 11.97 ? 12  ASN B C   1 
ATOM   92  O  O   . ASN A 1 12  ? -5.427  8.127   10.084  1.00 12.04 ? 12  ASN B O   1 
ATOM   93  C  CB  . ASN A 1 12  ? -2.419  9.125   10.310  1.00 13.94 ? 12  ASN B CB  1 
ATOM   94  C  CG  . ASN A 1 12  ? -1.401  10.195  10.653  1.00 17.41 ? 12  ASN B CG  1 
ATOM   95  O  OD1 . ASN A 1 12  ? -1.369  11.260  10.023  1.00 19.41 ? 12  ASN B OD1 1 
ATOM   96  N  ND2 . ASN A 1 12  ? -0.570  9.919   11.651  1.00 22.73 ? 12  ASN B ND2 1 
ATOM   97  N  N   . ALA A 1 13  ? -4.499  8.095   8.037   1.00 10.93 ? 13  ALA B N   1 
ATOM   98  C  CA  . ALA A 1 13  ? -5.231  6.911   7.609   1.00 10.38 ? 13  ALA B CA  1 
ATOM   99  C  C   . ALA A 1 13  ? -4.270  5.734   7.601   1.00 9.00  ? 13  ALA B C   1 
ATOM   100 O  O   . ALA A 1 13  ? -3.064  5.898   7.388   1.00 9.29  ? 13  ALA B O   1 
ATOM   101 C  CB  . ALA A 1 13  ? -5.863  7.092   6.230   1.00 10.92 ? 13  ALA B CB  1 
ATOM   102 N  N   . TYR A 1 14  ? -4.806  4.551   7.898   1.00 8.67  ? 14  TYR B N   1 
ATOM   103 C  CA  . TYR A 1 14  ? -4.003  3.342   8.065   1.00 8.55  ? 14  TYR B CA  1 
ATOM   104 C  C   . TYR A 1 14  ? -4.597  2.231   7.224   1.00 9.78  ? 14  TYR B C   1 
ATOM   105 O  O   . TYR A 1 14  ? -5.689  1.738   7.527   1.00 9.56  ? 14  TYR B O   1 
ATOM   106 C  CB  . TYR A 1 14  ? -3.922  2.917   9.535   1.00 8.81  ? 14  TYR B CB  1 
ATOM   107 C  CG  . TYR A 1 14  ? -3.302  3.977   10.404  1.00 9.79  ? 14  TYR B CG  1 
ATOM   108 C  CD1 . TYR A 1 14  ? -1.927  4.215   10.355  1.00 9.95  ? 14  TYR B CD1 1 
ATOM   109 C  CD2 . TYR A 1 14  ? -4.072  4.737   11.260  1.00 10.74 ? 14  TYR B CD2 1 
ATOM   110 C  CE1 . TYR A 1 14  ? -1.343  5.188   11.156  1.00 12.93 ? 14  TYR B CE1 1 
ATOM   111 C  CE2 . TYR A 1 14  ? -3.501  5.720   12.060  1.00 12.33 ? 14  TYR B CE2 1 
ATOM   112 C  CZ  . TYR A 1 14  ? -2.138  5.942   12.000  1.00 14.22 ? 14  TYR B CZ  1 
ATOM   113 O  OH  . TYR A 1 14  ? -1.570  6.927   12.792  1.00 16.36 ? 14  TYR B OH  1 
ATOM   114 N  N   . LEU A 1 15  ? -3.866  1.811   6.192   1.00 6.63  ? 15  LEU B N   1 
ATOM   115 C  CA  . LEU A 1 15  ? -4.353  0.794   5.270   1.00 8.24  ? 15  LEU B CA  1 
ATOM   116 C  C   . LEU A 1 15  ? -3.453  -0.428  5.336   1.00 8.87  ? 15  LEU B C   1 
ATOM   117 O  O   . LEU A 1 15  ? -2.255  -0.334  5.005   1.00 8.65  ? 15  LEU B O   1 
ATOM   118 C  CB  . LEU A 1 15  ? -4.412  1.337   3.842   1.00 8.45  ? 15  LEU B CB  1 
ATOM   119 C  CG  . LEU A 1 15  ? -5.250  2.590   3.643   1.00 7.20  ? 15  LEU B CG  1 
ATOM   120 C  CD1 . LEU A 1 15  ? -5.204  2.992   2.163   1.00 9.40  ? 15  LEU B CD1 1 
ATOM   121 C  CD2 . LEU A 1 15  ? -6.689  2.353   4.132   1.00 10.32 ? 15  LEU B CD2 1 
ATOM   122 N  N   . PRO A 1 16  ? -3.974  -1.582  5.738   1.00 8.78  ? 16  PRO B N   1 
ATOM   123 C  CA  . PRO A 1 16  ? -3.115  -2.743  6.000   1.00 10.13 ? 16  PRO B CA  1 
ATOM   124 C  C   . PRO A 1 16  ? -2.705  -3.475  4.734   1.00 8.78  ? 16  PRO B C   1 
ATOM   125 O  O   . PRO A 1 16  ? -3.501  -3.648  3.811   1.00 9.97  ? 16  PRO B O   1 
ATOM   126 C  CB  . PRO A 1 16  ? -4.012  -3.638  6.864   1.00 9.44  ? 16  PRO B CB  1 
ATOM   127 C  CG  . PRO A 1 16  ? -5.401  -3.353  6.311   1.00 10.82 ? 16  PRO B CG  1 
ATOM   128 C  CD  . PRO A 1 16  ? -5.399  -1.860  6.032   1.00 9.89  ? 16  PRO B CD  1 
ATOM   129 N  N   . CYS A 1 17  ? -1.465  -3.970  4.731   1.00 7.92  ? 17  CYS B N   1 
ATOM   130 C  CA  . CYS A 1 17  ? -1.002  -4.845  3.658   1.00 9.17  ? 17  CYS B CA  1 
ATOM   131 C  C   . CYS A 1 17  ? 0.199   -5.630  4.161   1.00 10.35 ? 17  CYS B C   1 
ATOM   132 O  O   . CYS A 1 17  ? 1.135   -5.041  4.717   1.00 11.44 ? 17  CYS B O   1 
ATOM   133 C  CB  . CYS A 1 17  ? -0.640  -4.028  2.412   1.00 9.83  ? 17  CYS B CB  1 
ATOM   134 S  SG  . CYS A 1 17  ? -0.314  -5.059  0.981   1.00 9.99  ? 17  CYS B SG  1 
ATOM   135 N  N   . PHE A 1 18  ? 0.186   -6.945  3.951   1.00 13.51 ? 18  PHE B N   1 
ATOM   136 C  CA  . PHE A 1 18  ? 1.232   -7.810  4.481   1.00 13.23 ? 18  PHE B CA  1 
ATOM   137 C  C   . PHE A 1 18  ? 1.608   -8.902  3.488   1.00 11.15 ? 18  PHE B C   1 
ATOM   138 O  O   . PHE A 1 18  ? 0.783   -9.361  2.693   1.00 12.31 ? 18  PHE B O   1 
ATOM   139 C  CB  . PHE A 1 18  ? 0.795   -8.505  5.773   1.00 13.73 ? 18  PHE B CB  1 
ATOM   140 C  CG  . PHE A 1 18  ? 0.262   -7.583  6.822   1.00 15.53 ? 18  PHE B CG  1 
ATOM   141 C  CD1 . PHE A 1 18  ? -1.078  -7.253  6.842   1.00 16.81 ? 18  PHE B CD1 1 
ATOM   142 C  CD2 . PHE A 1 18  ? 1.091   -7.081  7.814   1.00 19.59 ? 18  PHE B CD2 1 
ATOM   143 C  CE1 . PHE A 1 18  ? -1.582  -6.417  7.821   1.00 17.05 ? 18  PHE B CE1 1 
ATOM   144 C  CE2 . PHE A 1 18  ? 0.591   -6.241  8.797   1.00 18.56 ? 18  PHE B CE2 1 
ATOM   145 C  CZ  . PHE A 1 18  ? -0.746  -5.911  8.794   1.00 14.79 ? 18  PHE B CZ  1 
ATOM   146 N  N   . TYR A 1 19  ? 2.858   -9.353  3.584   1.00 12.38 ? 19  TYR B N   1 
ATOM   147 C  CA  . TYR A 1 19  ? 3.269   -10.595 2.954   1.00 14.74 ? 19  TYR B CA  1 
ATOM   148 C  C   . TYR A 1 19  ? 4.319   -11.251 3.834   1.00 17.74 ? 19  TYR B C   1 
ATOM   149 O  O   . TYR A 1 19  ? 4.860   -10.639 4.756   1.00 16.28 ? 19  TYR B O   1 
ATOM   150 C  CB  . TYR A 1 19  ? 3.806   -10.368 1.536   1.00 15.61 ? 19  TYR B CB  1 
ATOM   151 C  CG  . TYR A 1 19  ? 5.199   -9.785  1.476   1.00 14.64 ? 19  TYR B CG  1 
ATOM   152 C  CD1 . TYR A 1 19  ? 5.402   -8.418  1.587   1.00 12.84 ? 19  TYR B CD1 1 
ATOM   153 C  CD2 . TYR A 1 19  ? 6.318   -10.598 1.293   1.00 16.70 ? 19  TYR B CD2 1 
ATOM   154 C  CE1 . TYR A 1 19  ? 6.660   -7.867  1.516   1.00 13.80 ? 19  TYR B CE1 1 
ATOM   155 C  CE2 . TYR A 1 19  ? 7.591   -10.049 1.230   1.00 17.57 ? 19  TYR B CE2 1 
ATOM   156 C  CZ  . TYR A 1 19  ? 7.752   -8.682  1.344   1.00 16.98 ? 19  TYR B CZ  1 
ATOM   157 O  OH  . TYR A 1 19  ? 8.992   -8.084  1.290   1.00 17.45 ? 19  TYR B OH  1 
ATOM   158 N  N   . THR A 1 20  ? 4.603   -12.511 3.538   1.00 19.59 ? 20  THR B N   1 
ATOM   159 C  CA  . THR A 1 20  ? 5.607   -13.250 4.290   1.00 22.61 ? 20  THR B CA  1 
ATOM   160 C  C   . THR A 1 20  ? 6.808   -13.504 3.398   1.00 24.65 ? 20  THR B C   1 
ATOM   161 O  O   . THR A 1 20  ? 6.692   -14.257 2.421   1.00 24.95 ? 20  THR B O   1 
ATOM   162 C  CB  . THR A 1 20  ? 5.038   -14.573 4.806   1.00 25.75 ? 20  THR B CB  1 
ATOM   163 O  OG1 . THR A 1 20  ? 3.889   -14.316 5.624   1.00 29.75 ? 20  THR B OG1 1 
ATOM   164 C  CG2 . THR A 1 20  ? 6.086   -15.311 5.620   1.00 27.30 ? 20  THR B CG2 1 
ATOM   165 N  N   . PRO A 1 21  ? 7.956   -12.883 3.662   1.00 24.00 ? 21  PRO B N   1 
ATOM   166 C  CA  . PRO A 1 21  ? 9.138   -13.141 2.837   1.00 28.13 ? 21  PRO B CA  1 
ATOM   167 C  C   . PRO A 1 21  ? 9.570   -14.595 2.931   1.00 34.83 ? 21  PRO B C   1 
ATOM   168 O  O   . PRO A 1 21  ? 9.161   -15.340 3.824   1.00 32.68 ? 21  PRO B O   1 
ATOM   169 C  CB  . PRO A 1 21  ? 10.202  -12.200 3.418   1.00 27.25 ? 21  PRO B CB  1 
ATOM   170 C  CG  . PRO A 1 21  ? 9.664   -11.741 4.726   1.00 28.09 ? 21  PRO B CG  1 
ATOM   171 C  CD  . PRO A 1 21  ? 8.186   -11.812 4.644   1.00 25.38 ? 21  PRO B CD  1 
ATOM   172 N  N   . ALA A 1 22  ? 10.402  -15.003 1.969   1.00 35.09 ? 22  ALA B N   1 
ATOM   173 C  CA  . ALA A 1 22  ? 10.893  -16.377 1.962   1.00 40.57 ? 22  ALA B CA  1 
ATOM   174 C  C   . ALA A 1 22  ? 11.917  -16.601 3.069   1.00 39.46 ? 22  ALA B C   1 
ATOM   175 O  O   . ALA A 1 22  ? 11.982  -17.688 3.655   1.00 46.37 ? 22  ALA B O   1 
ATOM   176 C  CB  . ALA A 1 22  ? 11.485  -16.714 0.595   1.00 40.15 ? 22  ALA B CB  1 
ATOM   177 N  N   . ALA A 1 23  ? 12.724  -15.585 3.365   1.00 43.83 ? 23  ALA B N   1 
ATOM   178 C  CA  . ALA A 1 23  ? 13.682  -15.615 4.460   1.00 44.40 ? 23  ALA B CA  1 
ATOM   179 C  C   . ALA A 1 23  ? 14.044  -14.177 4.783   1.00 45.01 ? 23  ALA B C   1 
ATOM   180 O  O   . ALA A 1 23  ? 13.979  -13.320 3.892   1.00 41.97 ? 23  ALA B O   1 
ATOM   181 C  CB  . ALA A 1 23  ? 14.935  -16.424 4.091   1.00 46.35 ? 23  ALA B CB  1 
ATOM   182 N  N   . PRO A 1 24  ? 14.408  -13.873 6.030   1.00 47.05 ? 24  PRO B N   1 
ATOM   183 C  CA  . PRO A 1 24  ? 14.619  -12.470 6.415   1.00 47.53 ? 24  PRO B CA  1 
ATOM   184 C  C   . PRO A 1 24  ? 15.613  -11.759 5.503   1.00 44.94 ? 24  PRO B C   1 
ATOM   185 O  O   . PRO A 1 24  ? 16.612  -12.335 5.063   1.00 43.76 ? 24  PRO B O   1 
ATOM   186 C  CB  . PRO A 1 24  ? 15.139  -12.576 7.853   1.00 49.74 ? 24  PRO B CB  1 
ATOM   187 C  CG  . PRO A 1 24  ? 14.555  -13.853 8.360   1.00 47.50 ? 24  PRO B CG  1 
ATOM   188 C  CD  . PRO A 1 24  ? 14.535  -14.787 7.180   1.00 47.09 ? 24  PRO B CD  1 
ATOM   189 N  N   . GLY A 1 25  ? 15.318  -10.494 5.210   1.00 42.22 ? 25  GLY B N   1 
ATOM   190 C  CA  . GLY A 1 25  ? 16.118  -9.716  4.292   1.00 43.36 ? 25  GLY B CA  1 
ATOM   191 C  C   . GLY A 1 25  ? 15.914  -10.048 2.834   1.00 39.03 ? 25  GLY B C   1 
ATOM   192 O  O   . GLY A 1 25  ? 16.450  -9.334  1.976   1.00 40.67 ? 25  GLY B O   1 
ATOM   193 N  N   . ASN A 1 26  ? 15.170  -11.106 2.518   1.00 37.97 ? 26  ASN B N   1 
ATOM   194 C  CA  . ASN A 1 26  ? 14.837  -11.459 1.139   1.00 37.35 ? 26  ASN B CA  1 
ATOM   195 C  C   . ASN A 1 26  ? 13.465  -10.868 0.839   1.00 27.83 ? 26  ASN B C   1 
ATOM   196 O  O   . ASN A 1 26  ? 12.438  -11.534 0.968   1.00 27.56 ? 26  ASN B O   1 
ATOM   197 C  CB  . ASN A 1 26  ? 14.859  -12.969 0.941   1.00 39.82 ? 26  ASN B CB  1 
ATOM   198 C  CG  . ASN A 1 26  ? 16.269  -13.526 0.908   1.00 43.24 ? 26  ASN B CG  1 
ATOM   199 O  OD1 . ASN A 1 26  ? 17.241  -12.783 0.748   1.00 41.32 ? 26  ASN B OD1 1 
ATOM   200 N  ND2 . ASN A 1 26  ? 16.387  -14.839 1.061   1.00 51.22 ? 26  ASN B ND2 1 
ATOM   201 N  N   . LEU A 1 27  ? 13.453  -9.604  0.442   1.00 29.03 ? 27  LEU B N   1 
ATOM   202 C  CA  . LEU A 1 27  ? 12.201  -8.889  0.257   1.00 25.34 ? 27  LEU B CA  1 
ATOM   203 C  C   . LEU A 1 27  ? 11.663  -9.055  -1.153  1.00 22.64 ? 27  LEU B C   1 
ATOM   204 O  O   . LEU A 1 27  ? 12.364  -9.461  -2.079  1.00 22.67 ? 27  LEU B O   1 
ATOM   205 C  CB  . LEU A 1 27  ? 12.353  -7.404  0.569   1.00 23.83 ? 27  LEU B CB  1 
ATOM   206 C  CG  . LEU A 1 27  ? 13.259  -6.988  1.719   1.00 29.13 ? 27  LEU B CG  1 
ATOM   207 C  CD1 . LEU A 1 27  ? 13.158  -5.489  1.920   1.00 26.95 ? 27  LEU B CD1 1 
ATOM   208 C  CD2 . LEU A 1 27  ? 12.828  -7.717  2.969   1.00 27.91 ? 27  LEU B CD2 1 
ATOM   209 N  N   . VAL A 1 28  ? 10.389  -8.712  -1.292  1.00 17.93 ? 28  VAL B N   1 
ATOM   210 C  CA  . VAL A 1 28  ? 9.635   -8.752  -2.538  1.00 18.00 ? 28  VAL B CA  1 
ATOM   211 C  C   . VAL A 1 28  ? 9.248   -7.307  -2.836  1.00 18.02 ? 28  VAL B C   1 
ATOM   212 O  O   . VAL A 1 28  ? 8.852   -6.583  -1.911  1.00 15.93 ? 28  VAL B O   1 
ATOM   213 C  CB  . VAL A 1 28  ? 8.407   -9.662  -2.376  1.00 20.73 ? 28  VAL B CB  1 
ATOM   214 C  CG1 . VAL A 1 28  ? 7.315   -9.302  -3.358  1.00 22.18 ? 28  VAL B CG1 1 
ATOM   215 C  CG2 . VAL A 1 28  ? 8.820   -11.126 -2.461  1.00 25.36 ? 28  VAL B CG2 1 
ATOM   216 N  N   . PRO A 1 29  ? 9.370   -6.819  -4.068  1.00 14.30 ? 29  PRO B N   1 
ATOM   217 C  CA  . PRO A 1 29  ? 8.950   -5.437  -4.338  1.00 13.55 ? 29  PRO B CA  1 
ATOM   218 C  C   . PRO A 1 29  ? 7.446   -5.269  -4.160  1.00 14.41 ? 29  PRO B C   1 
ATOM   219 O  O   . PRO A 1 29  ? 6.654   -6.183  -4.409  1.00 13.34 ? 29  PRO B O   1 
ATOM   220 C  CB  . PRO A 1 29  ? 9.374   -5.196  -5.794  1.00 18.20 ? 29  PRO B CB  1 
ATOM   221 C  CG  . PRO A 1 29  ? 9.706   -6.550  -6.352  1.00 21.93 ? 29  PRO B CG  1 
ATOM   222 C  CD  . PRO A 1 29  ? 10.068  -7.434  -5.210  1.00 19.53 ? 29  PRO B CD  1 
ATOM   223 N  N   . VAL A 1 30  ? 7.057   -4.076  -3.705  1.00 11.83 ? 30  VAL B N   1 
ATOM   224 C  CA  . VAL A 1 30  ? 5.653   -3.750  -3.475  1.00 12.83 ? 30  VAL B CA  1 
ATOM   225 C  C   . VAL A 1 30  ? 5.325   -2.436  -4.169  1.00 13.15 ? 30  VAL B C   1 
ATOM   226 O  O   . VAL A 1 30  ? 6.158   -1.527  -4.245  1.00 12.79 ? 30  VAL B O   1 
ATOM   227 C  CB  . VAL A 1 30  ? 5.332   -3.674  -1.962  1.00 11.49 ? 30  VAL B CB  1 
ATOM   228 C  CG1 . VAL A 1 30  ? 3.879   -3.228  -1.707  1.00 12.74 ? 30  VAL B CG1 1 
ATOM   229 C  CG2 . VAL A 1 30  ? 5.624   -5.032  -1.291  1.00 11.80 ? 30  VAL B CG2 1 
ATOM   230 N  N   . CYS A 1 31  ? 4.087   -2.358  -4.678  1.00 11.75 ? 31  CYS B N   1 
ATOM   231 C  CA  . CYS A 1 31  ? 3.529   -1.224  -5.404  1.00 14.23 ? 31  CYS B CA  1 
ATOM   232 C  C   . CYS A 1 31  ? 2.279   -0.780  -4.647  1.00 10.71 ? 31  CYS B C   1 
ATOM   233 O  O   . CYS A 1 31  ? 1.325   -1.554  -4.529  1.00 12.23 ? 31  CYS B O   1 
ATOM   234 C  CB  . CYS A 1 31  ? 3.181   -1.638  -6.853  1.00 9.14  ? 31  CYS B CB  1 
ATOM   235 S  SG  . CYS A 1 31  ? 2.771   -0.395  -8.073  1.00 17.59 ? 31  CYS B SG  1 
ATOM   236 N  N   . TRP A 1 32  ? 2.283   0.448   -4.134  1.00 9.80  ? 32  TRP B N   1 
ATOM   237 C  CA  . TRP A 1 32  ? 1.076   1.093   -3.623  1.00 8.51  ? 32  TRP B CA  1 
ATOM   238 C  C   . TRP A 1 32  ? 0.632   2.178   -4.589  1.00 9.73  ? 32  TRP B C   1 
ATOM   239 O  O   . TRP A 1 32  ? 1.456   2.975   -5.038  1.00 8.97  ? 32  TRP B O   1 
ATOM   240 C  CB  . TRP A 1 32  ? 1.321   1.768   -2.270  1.00 9.73  ? 32  TRP B CB  1 
ATOM   241 C  CG  . TRP A 1 32  ? 1.146   0.921   -1.056  1.00 10.35 ? 32  TRP B CG  1 
ATOM   242 C  CD1 . TRP A 1 32  ? 2.140   0.339   -0.322  1.00 7.63  ? 32  TRP B CD1 1 
ATOM   243 C  CD2 . TRP A 1 32  ? -0.079  0.622   -0.385  1.00 8.32  ? 32  TRP B CD2 1 
ATOM   244 N  NE1 . TRP A 1 32  ? 1.609   -0.324  0.756   1.00 8.51  ? 32  TRP B NE1 1 
ATOM   245 C  CE2 . TRP A 1 32  ? 0.245   -0.181  0.736   1.00 8.50  ? 32  TRP B CE2 1 
ATOM   246 C  CE3 . TRP A 1 32  ? -1.423  0.920   -0.635  1.00 10.45 ? 32  TRP B CE3 1 
ATOM   247 C  CZ2 . TRP A 1 32  ? -0.722  -0.662  1.620   1.00 8.30  ? 32  TRP B CZ2 1 
ATOM   248 C  CZ3 . TRP A 1 32  ? -2.382  0.437   0.242   1.00 8.37  ? 32  TRP B CZ3 1 
ATOM   249 C  CH2 . TRP A 1 32  ? -2.033  -0.358  1.351   1.00 8.47  ? 32  TRP B CH2 1 
ATOM   250 N  N   . GLY A 1 33  ? -0.673  2.256   -4.845  1.00 8.17  ? 33  GLY B N   1 
ATOM   251 C  CA  . GLY A 1 33  ? -1.202  3.314   -5.689  1.00 9.34  ? 33  GLY B CA  1 
ATOM   252 C  C   . GLY A 1 33  ? -2.646  3.585   -5.333  1.00 9.88  ? 33  GLY B C   1 
ATOM   253 O  O   . GLY A 1 33  ? -3.288  2.812   -4.614  1.00 10.26 ? 33  GLY B O   1 
ATOM   254 N  N   . LYS A 1 34  ? -3.135  4.727   -5.807  1.00 8.33  ? 34  LYS B N   1 
ATOM   255 C  CA  . LYS A 1 34  ? -4.538  5.101   -5.644  1.00 11.01 ? 34  LYS B CA  1 
ATOM   256 C  C   . LYS A 1 34  ? -5.332  4.611   -6.843  1.00 10.84 ? 34  LYS B C   1 
ATOM   257 O  O   . LYS A 1 34  ? -4.923  4.814   -7.993  1.00 13.82 ? 34  LYS B O   1 
ATOM   258 C  CB  . LYS A 1 34  ? -4.702  6.611   -5.481  1.00 13.15 ? 34  LYS B CB  1 
ATOM   259 C  CG  . LYS A 1 34  ? -6.088  6.961   -4.939  1.00 14.01 ? 34  LYS B CG  1 
ATOM   260 C  CD  . LYS A 1 34  ? -6.161  8.384   -4.417  1.00 14.80 ? 34  LYS B CD  1 
ATOM   261 C  CE  . LYS A 1 34  ? -7.534  8.678   -3.824  1.00 17.59 ? 34  LYS B CE  1 
ATOM   262 N  NZ  . LYS A 1 34  ? -8.604  8.618   -4.871  1.00 22.09 ? 34  LYS B NZ  1 
ATOM   263 N  N   . GLY A 1 35  ? -6.456  3.962   -6.574  1.00 9.66  ? 35  GLY B N   1 
ATOM   264 C  CA  . GLY A 1 35  ? -7.199  3.239   -7.584  1.00 10.40 ? 35  GLY B CA  1 
ATOM   265 C  C   . GLY A 1 35  ? -7.057  1.733   -7.415  1.00 11.53 ? 35  GLY B C   1 
ATOM   266 O  O   . GLY A 1 35  ? -6.113  1.227   -6.811  1.00 15.73 ? 35  GLY B O   1 
ATOM   267 N  N   . ALA A 1 36  ? -8.018  1.005   -7.988  1.00 11.91 ? 36  ALA B N   1 
ATOM   268 C  CA  . ALA A 1 36  ? -8.049  -0.444  -7.826  1.00 13.56 ? 36  ALA B CA  1 
ATOM   269 C  C   . ALA A 1 36  ? -6.909  -1.107  -8.601  1.00 15.78 ? 36  ALA B C   1 
ATOM   270 O  O   . ALA A 1 36  ? -6.395  -0.568  -9.584  1.00 16.38 ? 36  ALA B O   1 
ATOM   271 C  CB  . ALA A 1 36  ? -9.400  -0.997  -8.291  1.00 14.10 ? 36  ALA B CB  1 
ATOM   272 N  N   . CYS A 1 37  ? -6.541  -2.307  -8.149  1.00 14.33 ? 37  CYS B N   1 
ATOM   273 C  CA  . CYS A 1 37  ? -5.437  -3.044  -8.756  1.00 15.55 ? 37  CYS B CA  1 
ATOM   274 C  C   . CYS A 1 37  ? -5.634  -3.403  -10.230 1.00 16.09 ? 37  CYS B C   1 
ATOM   275 O  O   . CYS A 1 37  ? -4.613  -3.586  -10.912 1.00 19.69 ? 37  CYS B O   1 
ATOM   276 C  CB  . CYS A 1 37  ? -5.163  -4.323  -7.945  1.00 15.04 ? 37  CYS B CB  1 
ATOM   277 S  SG  . CYS A 1 37  ? -4.585  -4.010  -6.226  1.00 15.41 ? 37  CYS B SG  1 
ATOM   278 N  N   . PRO A 1 38  ? -6.852  -3.524  -10.775 1.00 15.81 ? 38  PRO B N   1 
ATOM   279 C  CA  . PRO A 1 38  ? -6.979  -3.740  -12.230 1.00 17.04 ? 38  PRO B CA  1 
ATOM   280 C  C   . PRO A 1 38  ? -6.434  -2.603  -13.080 1.00 19.96 ? 38  PRO B C   1 
ATOM   281 O  O   . PRO A 1 38  ? -6.325  -2.775  -14.303 1.00 21.01 ? 38  PRO B O   1 
ATOM   282 C  CB  . PRO A 1 38  ? -8.493  -3.882  -12.439 1.00 18.12 ? 38  PRO B CB  1 
ATOM   283 C  CG  . PRO A 1 38  ? -9.008  -4.391  -11.148 1.00 19.08 ? 38  PRO B CG  1 
ATOM   284 C  CD  . PRO A 1 38  ? -8.150  -3.742  -10.098 1.00 16.96 ? 38  PRO B CD  1 
ATOM   285 N  N   . VAL A 1 39  ? -6.093  -1.465  -12.489 1.00 16.75 ? 39  VAL B N   1 
ATOM   286 C  CA  . VAL A 1 39  ? -5.665  -0.290  -13.238 1.00 18.74 ? 39  VAL B CA  1 
ATOM   287 C  C   . VAL A 1 39  ? -4.143  -0.296  -13.308 1.00 20.82 ? 39  VAL B C   1 
ATOM   288 O  O   . VAL A 1 39  ? -3.466  -0.245  -12.273 1.00 18.66 ? 39  VAL B O   1 
ATOM   289 C  CB  . VAL A 1 39  ? -6.191  1.000   -12.590 1.00 19.03 ? 39  VAL B CB  1 
ATOM   290 C  CG1 . VAL A 1 39  ? -5.620  2.234   -13.291 1.00 21.40 ? 39  VAL B CG1 1 
ATOM   291 C  CG2 . VAL A 1 39  ? -7.731  1.018   -12.581 1.00 20.29 ? 39  VAL B CG2 1 
ATOM   292 N  N   . PHE A 1 40  ? -3.604  -0.375  -14.526 1.00 19.36 ? 40  PHE B N   1 
ATOM   293 C  CA  . PHE A 1 40  ? -2.158  -0.389  -14.742 1.00 19.75 ? 40  PHE B CA  1 
ATOM   294 C  C   . PHE A 1 40  ? -1.463  -1.445  -13.884 1.00 21.45 ? 40  PHE B C   1 
ATOM   295 O  O   . PHE A 1 40  ? -1.778  -2.635  -13.969 1.00 19.84 ? 40  PHE B O   1 
ATOM   296 C  CB  . PHE A 1 40  ? -1.565  0.998   -14.459 1.00 18.80 ? 40  PHE B CB  1 
ATOM   297 C  CG  . PHE A 1 40  ? -2.042  2.062   -15.404 1.00 18.91 ? 40  PHE B CG  1 
ATOM   298 C  CD1 . PHE A 1 40  ? -1.959  1.871   -16.770 1.00 21.94 ? 40  PHE B CD1 1 
ATOM   299 C  CD2 . PHE A 1 40  ? -2.564  3.250   -14.933 1.00 20.17 ? 40  PHE B CD2 1 
ATOM   300 C  CE1 . PHE A 1 40  ? -2.393  2.846   -17.650 1.00 21.05 ? 40  PHE B CE1 1 
ATOM   301 C  CE2 . PHE A 1 40  ? -3.012  4.232   -15.819 1.00 20.36 ? 40  PHE B CE2 1 
ATOM   302 C  CZ  . PHE A 1 40  ? -2.916  4.020   -17.174 1.00 18.41 ? 40  PHE B CZ  1 
ATOM   303 N  N   . GLU A 1 41  ? -0.514  -1.011  -13.052 1.00 17.54 ? 41  GLU B N   1 
ATOM   304 C  CA  . GLU A 1 41  ? 0.231   -1.897  -12.165 1.00 21.53 ? 41  GLU B CA  1 
ATOM   305 C  C   . GLU A 1 41  ? -0.392  -1.954  -10.774 1.00 17.28 ? 41  GLU B C   1 
ATOM   306 O  O   . GLU A 1 41  ? -0.763  -3.029  -10.291 1.00 18.35 ? 41  GLU B O   1 
ATOM   307 C  CB  . GLU A 1 41  ? 1.676   -1.412  -12.082 1.00 24.00 ? 41  GLU B CB  1 
ATOM   308 C  CG  . GLU A 1 41  ? 2.691   -2.485  -12.035 1.00 26.90 ? 41  GLU B CG  1 
ATOM   309 C  CD  . GLU A 1 41  ? 4.082   -1.907  -12.060 1.00 27.04 ? 41  GLU B CD  1 
ATOM   310 O  OE1 . GLU A 1 41  ? 4.216   -0.695  -12.353 1.00 25.72 ? 41  GLU B OE1 1 
ATOM   311 O  OE2 . GLU A 1 41  ? 5.033   -2.652  -11.767 1.00 28.34 ? 41  GLU B OE2 1 
ATOM   312 N  N   . CYS A 1 42  ? -0.510  -0.802  -10.119 1.00 14.35 ? 42  CYS B N   1 
ATOM   313 C  CA  . CYS A 1 42  ? -1.211  -0.702  -8.850  1.00 14.71 ? 42  CYS B CA  1 
ATOM   314 C  C   . CYS A 1 42  ? -1.944  0.634   -8.782  1.00 15.97 ? 42  CYS B C   1 
ATOM   315 O  O   . CYS A 1 42  ? -1.969  1.297   -7.744  1.00 16.62 ? 42  CYS B O   1 
ATOM   316 C  CB  . CYS A 1 42  ? -0.245  -0.887  -7.665  1.00 14.55 ? 42  CYS B CB  1 
ATOM   317 S  SG  . CYS A 1 42  ? 0.994   0.398   -7.470  1.00 16.75 ? 42  CYS B SG  1 
ATOM   318 N  N   . GLY A 1 43  ? -2.540  1.059   -9.902  1.00 15.81 ? 43  GLY B N   1 
ATOM   319 C  CA  . GLY A 1 43  ? -3.228  2.342   -9.926  1.00 15.71 ? 43  GLY B CA  1 
ATOM   320 C  C   . GLY A 1 43  ? -2.254  3.484   -10.165 1.00 17.36 ? 43  GLY B C   1 
ATOM   321 O  O   . GLY A 1 43  ? -1.263  3.340   -10.871 1.00 15.80 ? 43  GLY B O   1 
ATOM   322 N  N   . ASN A 1 44  ? -2.552  4.636   -9.571  1.00 15.26 ? 44  ASN B N   1 
ATOM   323 C  CA  . ASN A 1 44  ? -1.698  5.819   -9.687  1.00 15.76 ? 44  ASN B CA  1 
ATOM   324 C  C   . ASN A 1 44  ? -0.674  5.770   -8.561  1.00 14.05 ? 44  ASN B C   1 
ATOM   325 O  O   . ASN A 1 44  ? -1.016  5.960   -7.395  1.00 13.09 ? 44  ASN B O   1 
ATOM   326 C  CB  . ASN A 1 44  ? -2.539  7.088   -9.658  1.00 18.58 ? 44  ASN B CB  1 
ATOM   327 C  CG  . ASN A 1 44  ? -3.528  7.145   -10.825 1.00 25.16 ? 44  ASN B CG  1 
ATOM   328 O  OD1 . ASN A 1 44  ? -4.707  6.810   -10.684 1.00 32.97 ? 44  ASN B OD1 1 
ATOM   329 N  ND2 . ASN A 1 44  ? -3.028  7.525   -12.002 1.00 26.94 ? 44  ASN B ND2 1 
ATOM   330 N  N   . VAL A 1 45  ? 0.581   5.496   -8.915  1.00 12.83 ? 45  VAL B N   1 
ATOM   331 C  CA  . VAL A 1 45  ? 1.565   5.040   -7.935  1.00 9.51  ? 45  VAL B CA  1 
ATOM   332 C  C   . VAL A 1 45  ? 1.876   6.125   -6.913  1.00 11.71 ? 45  VAL B C   1 
ATOM   333 O  O   . VAL A 1 45  ? 2.144   7.277   -7.269  1.00 14.05 ? 45  VAL B O   1 
ATOM   334 C  CB  . VAL A 1 45  ? 2.842   4.588   -8.648  1.00 11.71 ? 45  VAL B CB  1 
ATOM   335 C  CG1 . VAL A 1 45  ? 3.878   4.169   -7.607  1.00 14.60 ? 45  VAL B CG1 1 
ATOM   336 C  CG2 . VAL A 1 45  ? 2.514   3.453   -9.622  1.00 13.36 ? 45  VAL B CG2 1 
ATOM   337 N  N   . VAL A 1 46  ? 1.859   5.752   -5.631  1.00 10.16 ? 46  VAL B N   1 
ATOM   338 C  CA  . VAL A 1 46  ? 2.260   6.663   -4.567  1.00 9.97  ? 46  VAL B CA  1 
ATOM   339 C  C   . VAL A 1 46  ? 3.494   6.186   -3.801  1.00 13.58 ? 46  VAL B C   1 
ATOM   340 O  O   . VAL A 1 46  ? 4.171   7.018   -3.178  1.00 13.24 ? 46  VAL B O   1 
ATOM   341 C  CB  . VAL A 1 46  ? 1.100   6.950   -3.585  1.00 11.29 ? 46  VAL B CB  1 
ATOM   342 C  CG1 . VAL A 1 46  ? -0.084  7.579   -4.314  1.00 14.30 ? 46  VAL B CG1 1 
ATOM   343 C  CG2 . VAL A 1 46  ? 0.652   5.681   -2.843  1.00 10.47 ? 46  VAL B CG2 1 
ATOM   344 N  N   . LEU A 1 47  ? 3.843   4.901   -3.837  1.00 11.43 ? 47  LEU B N   1 
ATOM   345 C  CA  . LEU A 1 47  ? 4.962   4.388   -3.052  1.00 11.68 ? 47  LEU B CA  1 
ATOM   346 C  C   . LEU A 1 47  ? 5.394   3.053   -3.641  1.00 12.06 ? 47  LEU B C   1 
ATOM   347 O  O   . LEU A 1 47  ? 4.544   2.239   -4.027  1.00 12.74 ? 47  LEU B O   1 
ATOM   348 C  CB  . LEU A 1 47  ? 4.567   4.233   -1.570  1.00 11.07 ? 47  LEU B CB  1 
ATOM   349 C  CG  . LEU A 1 47  ? 5.674   4.190   -0.515  1.00 13.73 ? 47  LEU B CG  1 
ATOM   350 C  CD1 . LEU A 1 47  ? 5.138   4.673   0.812   1.00 12.78 ? 47  LEU B CD1 1 
ATOM   351 C  CD2 . LEU A 1 47  ? 6.220   2.776   -0.372  1.00 14.53 ? 47  LEU B CD2 1 
ATOM   352 N  N   . ARG A 1 48  ? 6.708   2.817   -3.693  1.00 9.50  ? 48  ARG B N   1 
ATOM   353 C  CA  . ARG A 1 48  ? 7.240   1.527   -4.133  1.00 9.43  ? 48  ARG B CA  1 
ATOM   354 C  C   . ARG A 1 48  ? 8.463   1.120   -3.315  1.00 13.45 ? 48  ARG B C   1 
ATOM   355 O  O   . ARG A 1 48  ? 9.247   1.957   -2.866  1.00 13.81 ? 48  ARG B O   1 
ATOM   356 C  CB  . ARG A 1 48  ? 7.649   1.510   -5.626  1.00 14.91 ? 48  ARG B CB  1 
ATOM   357 C  CG  . ARG A 1 48  ? 6.705   2.209   -6.600  1.00 17.17 ? 48  ARG B CG  1 
ATOM   358 C  CD  . ARG A 1 48  ? 7.051   1.867   -8.051  1.00 24.45 ? 48  ARG B CD  1 
ATOM   359 N  NE  . ARG A 1 48  ? 6.652   0.500   -8.359  1.00 27.00 ? 48  ARG B NE  1 
ATOM   360 C  CZ  . ARG A 1 48  ? 6.122   0.109   -9.508  1.00 18.96 ? 48  ARG B CZ  1 
ATOM   361 N  NH1 . ARG A 1 48  ? 5.912   0.965   -10.505 1.00 23.60 ? 48  ARG B NH1 1 
ATOM   362 N  NH2 . ARG A 1 48  ? 5.792   -1.169  -9.659  1.00 25.52 ? 48  ARG B NH2 1 
ATOM   363 N  N   . THR A 1 49  ? 8.618   -0.188  -3.146  1.00 14.47 ? 49  THR B N   1 
ATOM   364 C  CA  . THR A 1 49  ? 9.818   -0.798  -2.584  1.00 15.15 ? 49  THR B CA  1 
ATOM   365 C  C   . THR A 1 49  ? 10.389  -1.784  -3.595  1.00 18.00 ? 49  THR B C   1 
ATOM   366 O  O   . THR A 1 49  ? 9.681   -2.262  -4.483  1.00 15.11 ? 49  THR B O   1 
ATOM   367 C  CB  . THR A 1 49  ? 9.515   -1.564  -1.297  1.00 14.78 ? 49  THR B CB  1 
ATOM   368 O  OG1 . THR A 1 49  ? 8.696   -2.701  -1.612  1.00 16.66 ? 49  THR B OG1 1 
ATOM   369 C  CG2 . THR A 1 49  ? 8.785   -0.689  -0.315  1.00 16.99 ? 49  THR B CG2 1 
ATOM   370 N  N   . ASP A 1 50  ? 11.674  -2.112  -3.444  1.00 17.84 ? 50  ASP B N   1 
ATOM   371 C  CA  . ASP A 1 50  ? 12.216  -3.220  -4.221  1.00 20.17 ? 50  ASP B CA  1 
ATOM   372 C  C   . ASP A 1 50  ? 12.741  -4.297  -3.281  1.00 20.48 ? 50  ASP B C   1 
ATOM   373 O  O   . ASP A 1 50  ? 12.267  -4.417  -2.147  1.00 23.77 ? 50  ASP B O   1 
ATOM   374 C  CB  . ASP A 1 50  ? 13.312  -2.745  -5.182  1.00 21.36 ? 50  ASP B CB  1 
ATOM   375 C  CG  . ASP A 1 50  ? 14.390  -1.933  -4.497  1.00 21.87 ? 50  ASP B CG  1 
ATOM   376 O  OD1 . ASP A 1 50  ? 14.791  -2.282  -3.369  1.00 22.94 ? 50  ASP B OD1 1 
ATOM   377 O  OD2 . ASP A 1 50  ? 14.839  -0.933  -5.091  1.00 23.07 ? 50  ASP B OD2 1 
ATOM   378 N  N   . GLU A 1 51  ? 13.712  -5.089  -3.740  1.00 21.03 ? 51  GLU B N   1 
ATOM   379 C  CA  . GLU A 1 51  ? 14.254  -6.160  -2.911  1.00 25.57 ? 51  GLU B CA  1 
ATOM   380 C  C   . GLU A 1 51  ? 15.062  -5.649  -1.729  1.00 26.97 ? 51  GLU B C   1 
ATOM   381 O  O   . GLU A 1 51  ? 15.319  -6.427  -0.803  1.00 27.38 ? 51  GLU B O   1 
ATOM   382 C  CB  . GLU A 1 51  ? 15.130  -7.092  -3.753  1.00 22.42 ? 51  GLU B CB  1 
ATOM   383 C  CG  . GLU A 1 51  ? 14.373  -7.815  -4.850  1.00 24.95 ? 51  GLU B CG  1 
ATOM   384 C  CD  . GLU A 1 51  ? 14.173  -6.957  -6.082  1.00 25.20 ? 51  GLU B CD  1 
ATOM   385 O  OE1 . GLU A 1 51  ? 14.675  -5.811  -6.100  1.00 26.87 ? 51  GLU B OE1 1 
ATOM   386 O  OE2 . GLU A 1 51  ? 13.496  -7.424  -7.027  1.00 30.68 ? 51  GLU B OE2 1 
ATOM   387 N  N   . ARG A 1 52  ? 15.456  -4.380  -1.726  1.00 25.53 ? 52  ARG B N   1 
ATOM   388 C  CA  . ARG A 1 52  ? 16.388  -3.860  -0.732  1.00 30.13 ? 52  ARG B CA  1 
ATOM   389 C  C   . ARG A 1 52  ? 15.868  -2.672  0.066   1.00 26.74 ? 52  ARG B C   1 
ATOM   390 O  O   . ARG A 1 52  ? 16.197  -2.550  1.248   1.00 28.27 ? 52  ARG B O   1 
ATOM   391 C  CB  . ARG A 1 52  ? 17.710  -3.466  -1.414  1.00 31.21 ? 52  ARG B CB  1 
ATOM   392 C  CG  . ARG A 1 52  ? 18.511  -4.655  -1.938  1.00 33.01 ? 52  ARG B CG  1 
ATOM   393 C  CD  . ARG A 1 52  ? 18.952  -5.584  -0.810  1.00 40.67 ? 52  ARG B CD  1 
ATOM   394 N  NE  . ARG A 1 52  ? 20.403  -5.635  -0.656  1.00 43.61 ? 52  ARG B NE  1 
ATOM   395 C  CZ  . ARG A 1 52  ? 21.060  -5.307  0.450   1.00 45.85 ? 52  ARG B CZ  1 
ATOM   396 N  NH1 . ARG A 1 52  ? 20.428  -4.878  1.530   1.00 45.77 ? 52  ARG B NH1 1 
ATOM   397 N  NH2 . ARG A 1 52  ? 22.387  -5.417  0.473   1.00 43.00 ? 52  ARG B NH2 1 
ATOM   398 N  N   . ASP A 1 53  ? 15.093  -1.769  -0.534  1.00 23.43 ? 53  ASP B N   1 
ATOM   399 C  CA  . ASP A 1 53  ? 14.726  -0.550  0.178   1.00 23.88 ? 53  ASP B CA  1 
ATOM   400 C  C   . ASP A 1 53  ? 13.494  0.060   -0.472  1.00 20.32 ? 53  ASP B C   1 
ATOM   401 O  O   . ASP A 1 53  ? 13.002  -0.419  -1.493  1.00 20.67 ? 53  ASP B O   1 
ATOM   402 C  CB  . ASP A 1 53  ? 15.885  0.457   0.190   1.00 28.36 ? 53  ASP B CB  1 
ATOM   403 C  CG  . ASP A 1 53  ? 15.847  1.410   1.392   1.00 31.27 ? 53  ASP B CG  1 
ATOM   404 O  OD1 . ASP A 1 53  ? 14.818  1.477   2.110   1.00 27.06 ? 53  ASP B OD1 1 
ATOM   405 O  OD2 . ASP A 1 53  ? 16.868  2.096   1.619   1.00 37.88 ? 53  ASP B OD2 1 
ATOM   406 N  N   . VAL A 1 54  ? 12.994  1.122   0.158   1.00 17.68 ? 54  VAL B N   1 
ATOM   407 C  CA  . VAL A 1 54  ? 12.021  1.998   -0.482  1.00 16.77 ? 54  VAL B CA  1 
ATOM   408 C  C   . VAL A 1 54  ? 12.699  2.713   -1.638  1.00 18.38 ? 54  VAL B C   1 
ATOM   409 O  O   . VAL A 1 54  ? 13.762  3.325   -1.465  1.00 20.68 ? 54  VAL B O   1 
ATOM   410 C  CB  . VAL A 1 54  ? 11.469  3.009   0.532   1.00 16.94 ? 54  VAL B CB  1 
ATOM   411 C  CG1 . VAL A 1 54  ? 10.536  3.999   -0.162  1.00 18.01 ? 54  VAL B CG1 1 
ATOM   412 C  CG2 . VAL A 1 54  ? 10.777  2.291   1.689   1.00 14.27 ? 54  VAL B CG2 1 
ATOM   413 N  N   . ASN A 1 55  ? 12.111  2.640   -2.830  1.00 14.17 ? 55  ASN B N   1 
ATOM   414 C  CA  . ASN A 1 55  ? 12.730  3.316   -3.962  1.00 17.72 ? 55  ASN B CA  1 
ATOM   415 C  C   . ASN A 1 55  ? 11.862  4.431   -4.548  1.00 18.64 ? 55  ASN B C   1 
ATOM   416 O  O   . ASN A 1 55  ? 12.298  5.114   -5.482  1.00 15.95 ? 55  ASN B O   1 
ATOM   417 C  CB  . ASN A 1 55  ? 13.151  2.281   -5.035  1.00 18.82 ? 55  ASN B CB  1 
ATOM   418 C  CG  . ASN A 1 55  ? 11.976  1.646   -5.782  1.00 22.71 ? 55  ASN B CG  1 
ATOM   419 O  OD1 . ASN A 1 55  ? 10.883  2.185   -5.829  1.00 26.37 ? 55  ASN B OD1 1 
ATOM   420 N  ND2 . ASN A 1 55  ? 12.211  0.475   -6.354  1.00 22.57 ? 55  ASN B ND2 1 
ATOM   421 N  N   . TYR A 1 56  ? 10.666  4.663   -4.004  1.00 14.02 ? 56  TYR B N   1 
ATOM   422 C  CA  . TYR A 1 56  ? 9.770   5.695   -4.507  1.00 12.72 ? 56  TYR B CA  1 
ATOM   423 C  C   . TYR A 1 56  ? 8.765   6.047   -3.424  1.00 12.95 ? 56  TYR B C   1 
ATOM   424 O  O   . TYR A 1 56  ? 8.211   5.153   -2.777  1.00 11.57 ? 56  TYR B O   1 
ATOM   425 C  CB  . TYR A 1 56  ? 9.022   5.227   -5.753  1.00 15.56 ? 56  TYR B CB  1 
ATOM   426 C  CG  . TYR A 1 56  ? 8.190   6.300   -6.399  1.00 16.29 ? 56  TYR B CG  1 
ATOM   427 C  CD1 . TYR A 1 56  ? 8.796   7.311   -7.152  1.00 15.82 ? 56  TYR B CD1 1 
ATOM   428 C  CD2 . TYR A 1 56  ? 6.805   6.298   -6.294  1.00 15.39 ? 56  TYR B CD2 1 
ATOM   429 C  CE1 . TYR A 1 56  ? 8.054   8.286   -7.763  1.00 16.67 ? 56  TYR B CE1 1 
ATOM   430 C  CE2 . TYR A 1 56  ? 6.044   7.288   -6.900  1.00 16.42 ? 56  TYR B CE2 1 
ATOM   431 C  CZ  . TYR A 1 56  ? 6.678   8.275   -7.646  1.00 19.23 ? 56  TYR B CZ  1 
ATOM   432 O  OH  . TYR A 1 56  ? 5.935   9.267   -8.263  1.00 18.70 ? 56  TYR B OH  1 
ATOM   433 N  N   . TRP A 1 57  ? 8.523   7.340   -3.240  1.00 14.29 ? 57  TRP B N   1 
ATOM   434 C  CA  . TRP A 1 57  ? 7.440   7.766   -2.368  1.00 12.95 ? 57  TRP B CA  1 
ATOM   435 C  C   . TRP A 1 57  ? 6.932   9.136   -2.800  1.00 17.34 ? 57  TRP B C   1 
ATOM   436 O  O   . TRP A 1 57  ? 7.598   9.879   -3.536  1.00 16.64 ? 57  TRP B O   1 
ATOM   437 C  CB  . TRP A 1 57  ? 7.850   7.798   -0.882  1.00 13.84 ? 57  TRP B CB  1 
ATOM   438 C  CG  . TRP A 1 57  ? 9.091   8.591   -0.565  1.00 15.66 ? 57  TRP B CG  1 
ATOM   439 C  CD1 . TRP A 1 57  ? 10.341  8.094   -0.393  1.00 16.03 ? 57  TRP B CD1 1 
ATOM   440 C  CD2 . TRP A 1 57  ? 9.189   10.012  -0.341  1.00 16.26 ? 57  TRP B CD2 1 
ATOM   441 N  NE1 . TRP A 1 57  ? 11.224  9.110   -0.101  1.00 16.94 ? 57  TRP B NE1 1 
ATOM   442 C  CE2 . TRP A 1 57  ? 10.540  10.294  -0.058  1.00 15.76 ? 57  TRP B CE2 1 
ATOM   443 C  CE3 . TRP A 1 57  ? 8.270   11.067  -0.362  1.00 17.06 ? 57  TRP B CE3 1 
ATOM   444 C  CZ2 . TRP A 1 57  ? 11.001  11.594  0.196   1.00 19.99 ? 57  TRP B CZ2 1 
ATOM   445 C  CZ3 . TRP A 1 57  ? 8.730   12.370  -0.101  1.00 18.69 ? 57  TRP B CZ3 1 
ATOM   446 C  CH2 . TRP A 1 57  ? 10.083  12.609  0.181   1.00 16.39 ? 57  TRP B CH2 1 
ATOM   447 N  N   . THR A 1 58  ? 5.721   9.429   -2.343  1.00 15.17 ? 58  THR B N   1 
ATOM   448 C  CA  . THR A 1 58  ? 5.014   10.689  -2.531  1.00 17.61 ? 58  THR B CA  1 
ATOM   449 C  C   . THR A 1 58  ? 4.800   11.329  -1.169  1.00 16.55 ? 58  THR B C   1 
ATOM   450 O  O   . THR A 1 58  ? 4.559   10.625  -0.183  1.00 15.47 ? 58  THR B O   1 
ATOM   451 C  CB  . THR A 1 58  ? 3.642   10.453  -3.202  1.00 19.81 ? 58  THR B CB  1 
ATOM   452 O  OG1 . THR A 1 58  ? 3.820   9.729   -4.420  1.00 25.33 ? 58  THR B OG1 1 
ATOM   453 C  CG2 . THR A 1 58  ? 2.935   11.779  -3.493  1.00 24.32 ? 58  THR B CG2 1 
ATOM   454 N  N   . SER A 1 59  ? 4.869   12.661  -1.107  1.00 16.30 ? 59  SER B N   1 
ATOM   455 C  CA  . SER A 1 59  ? 4.672   13.342  0.168   1.00 14.81 ? 59  SER B CA  1 
ATOM   456 C  C   . SER A 1 59  ? 3.356   12.913  0.792   1.00 14.37 ? 59  SER B C   1 
ATOM   457 O  O   . SER A 1 59  ? 2.345   12.803  0.098   1.00 15.79 ? 59  SER B O   1 
ATOM   458 C  CB  . SER A 1 59  ? 4.699   14.864  -0.007  1.00 18.41 ? 59  SER B CB  1 
ATOM   459 O  OG  . SER A 1 59  ? 5.936   15.285  -0.558  1.00 30.71 ? 59  SER B OG  1 
ATOM   460 N  N   . ARG A 1 60  ? 3.405   12.618  2.098   1.00 13.85 ? 60  ARG B N   1 
ATOM   461 C  CA  . ARG A 1 60  ? 2.321   12.221  3.005   1.00 14.42 ? 60  ARG B CA  1 
ATOM   462 C  C   . ARG A 1 60  ? 2.103   10.708  3.068   1.00 12.68 ? 60  ARG B C   1 
ATOM   463 O  O   . ARG A 1 60  ? 1.351   10.251  3.932   1.00 12.88 ? 60  ARG B O   1 
ATOM   464 C  CB  . ARG A 1 60  ? 0.979   12.903  2.685   1.00 16.49 ? 60  ARG B CB  1 
ATOM   465 C  CG  . ARG A 1 60  ? 1.021   14.429  2.790   1.00 17.72 ? 60  ARG B CG  1 
ATOM   466 C  CD  . ARG A 1 60  ? -0.390  14.999  2.736   1.00 15.86 ? 60  ARG B CD  1 
ATOM   467 N  NE  . ARG A 1 60  ? -1.049  14.604  1.503   1.00 18.56 ? 60  ARG B NE  1 
ATOM   468 C  CZ  . ARG A 1 60  ? -2.217  13.980  1.442   1.00 20.81 ? 60  ARG B CZ  1 
ATOM   469 N  NH1 . ARG A 1 60  ? -2.889  13.653  2.537   1.00 17.46 ? 60  ARG B NH1 1 
ATOM   470 N  NH2 . ARG A 1 60  ? -2.726  13.683  0.254   1.00 18.98 ? 60  ARG B NH2 1 
ATOM   471 N  N   . TYR A 1 61  ? 2.721   9.920   2.189   1.00 13.34 ? 61  TYR B N   1 
ATOM   472 C  CA  . TYR A 1 61  ? 2.522   8.476   2.155   1.00 10.53 ? 61  TYR B CA  1 
ATOM   473 C  C   . TYR A 1 61  ? 3.730   7.774   2.746   1.00 12.14 ? 61  TYR B C   1 
ATOM   474 O  O   . TYR A 1 61  ? 4.858   8.040   2.326   1.00 10.86 ? 61  TYR B O   1 
ATOM   475 C  CB  . TYR A 1 61  ? 2.296   7.985   0.726   1.00 12.59 ? 61  TYR B CB  1 
ATOM   476 C  CG  . TYR A 1 61  ? 1.097   8.599   0.081   1.00 12.65 ? 61  TYR B CG  1 
ATOM   477 C  CD1 . TYR A 1 61  ? 1.200   9.818   -0.588  1.00 15.36 ? 61  TYR B CD1 1 
ATOM   478 C  CD2 . TYR A 1 61  ? -0.139  7.960   0.112   1.00 12.65 ? 61  TYR B CD2 1 
ATOM   479 C  CE1 . TYR A 1 61  ? 0.093   10.395  -1.187  1.00 17.86 ? 61  TYR B CE1 1 
ATOM   480 C  CE2 . TYR A 1 61  ? -1.240  8.518   -0.499  1.00 15.35 ? 61  TYR B CE2 1 
ATOM   481 C  CZ  . TYR A 1 61  ? -1.118  9.736   -1.145  1.00 19.38 ? 61  TYR B CZ  1 
ATOM   482 O  OH  . TYR A 1 61  ? -2.209  10.324  -1.762  1.00 25.14 ? 61  TYR B OH  1 
ATOM   483 N  N   . TRP A 1 62  ? 3.487   6.849   3.688   1.00 10.46 ? 62  TRP B N   1 
ATOM   484 C  CA  . TRP A 1 62  ? 4.543   6.259   4.499   1.00 10.10 ? 62  TRP B CA  1 
ATOM   485 C  C   . TRP A 1 62  ? 4.383   4.750   4.643   1.00 10.19 ? 62  TRP B C   1 
ATOM   486 O  O   . TRP A 1 62  ? 3.267   4.233   4.742   1.00 10.29 ? 62  TRP B O   1 
ATOM   487 C  CB  . TRP A 1 62  ? 4.549   6.869   5.915   1.00 10.58 ? 62  TRP B CB  1 
ATOM   488 C  CG  . TRP A 1 62  ? 4.825   8.325   5.949   1.00 10.73 ? 62  TRP B CG  1 
ATOM   489 C  CD1 . TRP A 1 62  ? 3.917   9.336   5.875   1.00 13.30 ? 62  TRP B CD1 1 
ATOM   490 C  CD2 . TRP A 1 62  ? 6.108   8.941   6.085   1.00 13.48 ? 62  TRP B CD2 1 
ATOM   491 N  NE1 . TRP A 1 62  ? 4.563   10.559  5.939   1.00 16.03 ? 62  TRP B NE1 1 
ATOM   492 C  CE2 . TRP A 1 62  ? 5.909   10.335  6.065   1.00 15.54 ? 62  TRP B CE2 1 
ATOM   493 C  CE3 . TRP A 1 62  ? 7.407   8.445   6.199   1.00 13.25 ? 62  TRP B CE3 1 
ATOM   494 C  CZ2 . TRP A 1 62  ? 6.968   11.241  6.177   1.00 17.51 ? 62  TRP B CZ2 1 
ATOM   495 C  CZ3 . TRP A 1 62  ? 8.457   9.345   6.306   1.00 14.59 ? 62  TRP B CZ3 1 
ATOM   496 C  CH2 . TRP A 1 62  ? 8.226   10.724  6.292   1.00 16.28 ? 62  TRP B CH2 1 
ATOM   497 N  N   . LEU A 1 63  ? 5.513   4.055   4.701   1.00 9.49  ? 63  LEU B N   1 
ATOM   498 C  CA  . LEU A 1 63  ? 5.600   2.711   5.277   1.00 9.89  ? 63  LEU B CA  1 
ATOM   499 C  C   . LEU A 1 63  ? 6.303   2.855   6.622   1.00 14.59 ? 63  LEU B C   1 
ATOM   500 O  O   . LEU A 1 63  ? 7.535   2.912   6.686   1.00 15.36 ? 63  LEU B O   1 
ATOM   501 C  CB  . LEU A 1 63  ? 6.365   1.746   4.379   1.00 11.95 ? 63  LEU B CB  1 
ATOM   502 C  CG  . LEU A 1 63  ? 5.831   1.461   2.982   1.00 11.46 ? 63  LEU B CG  1 
ATOM   503 C  CD1 . LEU A 1 63  ? 6.670   0.335   2.387   1.00 16.12 ? 63  LEU B CD1 1 
ATOM   504 C  CD2 . LEU A 1 63  ? 4.344   1.096   3.001   1.00 12.68 ? 63  LEU B CD2 1 
ATOM   505 N  N   . ASN A 1 64  ? 5.526   2.910   7.703   1.00 10.85 ? 64  ASN B N   1 
ATOM   506 C  CA  . ASN A 1 64  ? 6.105   3.082   9.032   1.00 12.87 ? 64  ASN B CA  1 
ATOM   507 C  C   . ASN A 1 64  ? 6.185   1.777   9.802   1.00 16.27 ? 64  ASN B C   1 
ATOM   508 O  O   . ASN A 1 64  ? 6.764   1.751   10.895  1.00 15.13 ? 64  ASN B O   1 
ATOM   509 C  CB  . ASN A 1 64  ? 5.303   4.124   9.826   1.00 13.37 ? 64  ASN B CB  1 
ATOM   510 C  CG  . ASN A 1 64  ? 5.479   5.527   9.273   1.00 14.25 ? 64  ASN B CG  1 
ATOM   511 O  OD1 . ASN A 1 64  ? 6.531   5.851   8.711   1.00 15.46 ? 64  ASN B OD1 1 
ATOM   512 N  ND2 . ASN A 1 64  ? 4.453   6.353   9.402   1.00 14.69 ? 64  ASN B ND2 1 
ATOM   513 N  N   . GLY A 1 65  ? 5.627   0.703   9.251   1.00 11.78 ? 65  GLY B N   1 
ATOM   514 C  CA  . GLY A 1 65  ? 5.748   -0.620  9.825   1.00 15.84 ? 65  GLY B CA  1 
ATOM   515 C  C   . GLY A 1 65  ? 7.071   -1.281  9.471   1.00 14.29 ? 65  GLY B C   1 
ATOM   516 O  O   . GLY A 1 65  ? 7.942   -0.716  8.815   1.00 15.19 ? 65  GLY B O   1 
ATOM   517 N  N   . ASP A 1 66  ? 7.230   -2.515  9.936   1.00 14.13 ? 66  ASP B N   1 
ATOM   518 C  CA  . ASP A 1 66  ? 8.481   -3.246  9.716   1.00 15.54 ? 66  ASP B CA  1 
ATOM   519 C  C   . ASP A 1 66  ? 8.436   -3.891  8.334   1.00 14.13 ? 66  ASP B C   1 
ATOM   520 O  O   . ASP A 1 66  ? 8.146   -5.078  8.175   1.00 14.46 ? 66  ASP B O   1 
ATOM   521 C  CB  . ASP A 1 66  ? 8.680   -4.289  10.809  1.00 16.89 ? 66  ASP B CB  1 
ATOM   522 C  CG  . ASP A 1 66  ? 10.084  -4.868  10.831  1.00 23.69 ? 66  ASP B CG  1 
ATOM   523 O  OD1 . ASP A 1 66  ? 10.863  -4.632  9.881   1.00 18.94 ? 66  ASP B OD1 1 
ATOM   524 O  OD2 . ASP A 1 66  ? 10.397  -5.577  11.814  1.00 25.95 ? 66  ASP B OD2 1 
ATOM   525 N  N   . PHE A 1 67  ? 8.736   -3.086  7.308   1.00 14.92 ? 67  PHE B N   1 
ATOM   526 C  CA  . PHE A 1 67  ? 8.566   -3.590  5.951   1.00 16.49 ? 67  PHE B CA  1 
ATOM   527 C  C   . PHE A 1 67  ? 9.631   -4.614  5.579   1.00 19.01 ? 67  PHE B C   1 
ATOM   528 O  O   . PHE A 1 67  ? 9.401   -5.431  4.683   1.00 15.70 ? 67  PHE B O   1 
ATOM   529 C  CB  . PHE A 1 67  ? 8.519   -2.438  4.923   1.00 13.56 ? 67  PHE B CB  1 
ATOM   530 C  CG  . PHE A 1 67  ? 9.755   -1.569  4.866   1.00 16.13 ? 67  PHE B CG  1 
ATOM   531 C  CD1 . PHE A 1 67  ? 10.831  -1.920  4.060   1.00 21.29 ? 67  PHE B CD1 1 
ATOM   532 C  CD2 . PHE A 1 67  ? 9.800   -0.358  5.533   1.00 19.01 ? 67  PHE B CD2 1 
ATOM   533 C  CE1 . PHE A 1 67  ? 11.955  -1.106  3.977   1.00 18.76 ? 67  PHE B CE1 1 
ATOM   534 C  CE2 . PHE A 1 67  ? 10.924  0.464   5.453   1.00 20.88 ? 67  PHE B CE2 1 
ATOM   535 C  CZ  . PHE A 1 67  ? 11.993  0.088   4.672   1.00 22.24 ? 67  PHE B CZ  1 
ATOM   536 N  N   . ARG A 1 68  ? 10.759  -4.642  6.288   1.00 16.71 ? 68  ARG B N   1 
ATOM   537 C  CA  . ARG A 1 68  ? 11.736  -5.696  6.050   1.00 20.04 ? 68  ARG B CA  1 
ATOM   538 C  C   . ARG A 1 68  ? 11.287  -7.049  6.596   1.00 20.78 ? 68  ARG B C   1 
ATOM   539 O  O   . ARG A 1 68  ? 11.935  -8.063  6.312   1.00 20.29 ? 68  ARG B O   1 
ATOM   540 C  CB  . ARG A 1 68  ? 13.075  -5.278  6.651   1.00 21.75 ? 68  ARG B CB  1 
ATOM   541 C  CG  . ARG A 1 68  ? 13.520  -3.929  6.122   1.00 21.85 ? 68  ARG B CG  1 
ATOM   542 C  CD  . ARG A 1 68  ? 14.971  -3.601  6.430   1.00 28.04 ? 68  ARG B CD  1 
ATOM   543 N  NE  . ARG A 1 68  ? 15.298  -2.275  5.922   1.00 32.09 ? 68  ARG B NE  1 
ATOM   544 C  CZ  . ARG A 1 68  ? 15.753  -2.034  4.700   1.00 31.43 ? 68  ARG B CZ  1 
ATOM   545 N  NH1 . ARG A 1 68  ? 15.965  -3.015  3.834   1.00 32.01 ? 68  ARG B NH1 1 
ATOM   546 N  NH2 . ARG A 1 68  ? 15.986  -0.777  4.328   1.00 33.08 ? 68  ARG B NH2 1 
ATOM   547 N  N   . LYS A 1 69  ? 10.201  -7.093  7.364   1.00 16.88 ? 69  LYS B N   1 
ATOM   548 C  CA  . LYS A 1 69  ? 9.571   -8.344  7.754   1.00 18.70 ? 69  LYS B CA  1 
ATOM   549 C  C   . LYS A 1 69  ? 8.212   -8.541  7.090   1.00 20.25 ? 69  LYS B C   1 
ATOM   550 O  O   . LYS A 1 69  ? 7.439   -9.404  7.524   1.00 19.18 ? 69  LYS B O   1 
ATOM   551 C  CB  . LYS A 1 69  ? 9.441   -8.419  9.277   1.00 22.05 ? 69  LYS B CB  1 
ATOM   552 C  CG  . LYS A 1 69  ? 10.778  -8.297  9.991   1.00 23.65 ? 69  LYS B CG  1 
ATOM   553 C  CD  . LYS A 1 69  ? 10.771  -8.980  11.349  1.00 28.60 ? 69  LYS B CD  1 
ATOM   554 C  CE  . LYS A 1 69  ? 12.119  -8.817  12.047  1.00 34.27 ? 69  LYS B CE  1 
ATOM   555 N  NZ  . LYS A 1 69  ? 12.244  -7.503  12.758  1.00 35.17 ? 69  LYS B NZ  1 
ATOM   556 N  N   . GLY A 1 70  ? 7.894   -7.755  6.061   1.00 14.02 ? 70  GLY B N   1 
ATOM   557 C  CA  . GLY A 1 70  ? 6.681   -7.963  5.300   1.00 13.29 ? 70  GLY B CA  1 
ATOM   558 C  C   . GLY A 1 70  ? 5.483   -7.132  5.717   1.00 13.49 ? 70  GLY B C   1 
ATOM   559 O  O   . GLY A 1 70  ? 4.406   -7.318  5.147   1.00 12.80 ? 70  GLY B O   1 
ATOM   560 N  N   . ASP A 1 71  ? 5.618   -6.235  6.686   1.00 15.12 ? 71  ASP B N   1 
ATOM   561 C  CA  . ASP A 1 71  ? 4.525   -5.320  7.019   1.00 12.92 ? 71  ASP B CA  1 
ATOM   562 C  C   . ASP A 1 71  ? 4.656   -4.098  6.121   1.00 10.67 ? 71  ASP B C   1 
ATOM   563 O  O   . ASP A 1 71  ? 5.393   -3.161  6.423   1.00 11.80 ? 71  ASP B O   1 
ATOM   564 C  CB  . ASP A 1 71  ? 4.535   -4.927  8.492   1.00 13.00 ? 71  ASP B CB  1 
ATOM   565 C  CG  . ASP A 1 71  ? 3.379   -3.998  8.846   1.00 16.01 ? 71  ASP B CG  1 
ATOM   566 O  OD1 . ASP A 1 71  ? 2.615   -3.623  7.924   1.00 11.36 ? 71  ASP B OD1 1 
ATOM   567 O  OD2 . ASP A 1 71  ? 3.219   -3.645  10.035  1.00 15.14 ? 71  ASP B OD2 1 
ATOM   568 N  N   . VAL A 1 72  ? 3.925   -4.100  5.018   1.00 9.60  ? 72  VAL B N   1 
ATOM   569 C  CA  . VAL A 1 72  ? 4.004   -2.983  4.088   1.00 9.61  ? 72  VAL B CA  1 
ATOM   570 C  C   . VAL A 1 72  ? 2.723   -2.167  4.182   1.00 10.20 ? 72  VAL B C   1 
ATOM   571 O  O   . VAL A 1 72  ? 2.247   -1.620  3.183   1.00 9.09  ? 72  VAL B O   1 
ATOM   572 C  CB  . VAL A 1 72  ? 4.267   -3.467  2.653   1.00 11.77 ? 72  VAL B CB  1 
ATOM   573 C  CG1 . VAL A 1 72  ? 5.724   -3.874  2.494   1.00 12.81 ? 72  VAL B CG1 1 
ATOM   574 C  CG2 . VAL A 1 72  ? 3.360   -4.644  2.298   1.00 11.90 ? 72  VAL B CG2 1 
ATOM   575 N  N   . SER A 1 73  ? 2.176   -2.051  5.392   1.00 8.56  ? 73  SER B N   1 
ATOM   576 C  CA  . SER A 1 73  ? 0.969   -1.267  5.591   1.00 9.70  ? 73  SER B CA  1 
ATOM   577 C  C   . SER A 1 73  ? 1.250   0.218   5.367   1.00 8.71  ? 73  SER B C   1 
ATOM   578 O  O   . SER A 1 73  ? 2.321   0.734   5.701   1.00 10.19 ? 73  SER B O   1 
ATOM   579 C  CB  . SER A 1 73  ? 0.419   -1.484  7.002   1.00 10.07 ? 73  SER B CB  1 
ATOM   580 O  OG  . SER A 1 73  ? 0.087   -2.849  7.208   1.00 10.08 ? 73  SER B OG  1 
ATOM   581 N  N   . LEU A 1 74  ? 0.258   0.910   4.821   1.00 7.57  ? 74  LEU B N   1 
ATOM   582 C  CA  . LEU A 1 74  ? 0.410   2.297   4.409   1.00 8.46  ? 74  LEU B CA  1 
ATOM   583 C  C   . LEU A 1 74  ? -0.132  3.233   5.480   1.00 9.44  ? 74  LEU B C   1 
ATOM   584 O  O   . LEU A 1 74  ? -1.185  2.974   6.069   1.00 9.40  ? 74  LEU B O   1 
ATOM   585 C  CB  . LEU A 1 74  ? -0.325  2.552   3.090   1.00 7.85  ? 74  LEU B CB  1 
ATOM   586 C  CG  . LEU A 1 74  ? -0.114  3.887   2.380   1.00 10.09 ? 74  LEU B CG  1 
ATOM   587 C  CD1 . LEU A 1 74  ? 1.299   3.930   1.785   1.00 12.45 ? 74  LEU B CD1 1 
ATOM   588 C  CD2 . LEU A 1 74  ? -1.176  4.091   1.284   1.00 8.23  ? 74  LEU B CD2 1 
ATOM   589 N  N   . THR A 1 75  ? 0.595   4.320   5.728   1.00 7.95  ? 75  THR B N   1 
ATOM   590 C  CA  . THR A 1 75  ? 0.084   5.452   6.486   1.00 8.04  ? 75  THR B CA  1 
ATOM   591 C  C   . THR A 1 75  ? -0.037  6.635   5.537   1.00 12.12 ? 75  THR B C   1 
ATOM   592 O  O   . THR A 1 75  ? 0.904   6.934   4.803   1.00 11.35 ? 75  THR B O   1 
ATOM   593 C  CB  . THR A 1 75  ? 0.998   5.818   7.658   1.00 9.50  ? 75  THR B CB  1 
ATOM   594 O  OG1 . THR A 1 75  ? 1.129   4.696   8.544   1.00 10.23 ? 75  THR B OG1 1 
ATOM   595 C  CG2 . THR A 1 75  ? 0.414   7.013   8.409   1.00 12.74 ? 75  THR B CG2 1 
ATOM   596 N  N   . ILE A 1 76  ? -1.204  7.277   5.526   1.00 9.66  ? 76  ILE B N   1 
ATOM   597 C  CA  . ILE A 1 76  ? -1.419  8.526   4.801   1.00 8.55  ? 76  ILE B CA  1 
ATOM   598 C  C   . ILE A 1 76  ? -1.574  9.628   5.845   1.00 11.20 ? 76  ILE B C   1 
ATOM   599 O  O   . ILE A 1 76  ? -2.492  9.582   6.670   1.00 10.47 ? 76  ILE B O   1 
ATOM   600 C  CB  . ILE A 1 76  ? -2.650  8.459   3.883   1.00 11.99 ? 76  ILE B CB  1 
ATOM   601 C  CG1 . ILE A 1 76  ? -2.577  7.260   2.932   1.00 10.98 ? 76  ILE B CG1 1 
ATOM   602 C  CG2 . ILE A 1 76  ? -2.765  9.754   3.078   1.00 13.27 ? 76  ILE B CG2 1 
ATOM   603 C  CD1 . ILE A 1 76  ? -3.839  7.140   2.042   1.00 12.57 ? 76  ILE B CD1 1 
ATOM   604 N  N   . GLU A 1 77  ? -0.671  10.605  5.846   1.00 12.19 ? 77  GLU B N   1 
ATOM   605 C  CA  . GLU A 1 77  ? -0.725  11.583  6.926   1.00 13.38 ? 77  GLU B CA  1 
ATOM   606 C  C   . GLU A 1 77  ? -1.585  12.782  6.534   1.00 14.44 ? 77  GLU B C   1 
ATOM   607 O  O   . GLU A 1 77  ? -1.684  13.154  5.357   1.00 17.19 ? 77  GLU B O   1 
ATOM   608 C  CB  . GLU A 1 77  ? 0.684   12.019  7.351   1.00 19.70 ? 77  GLU B CB  1 
ATOM   609 C  CG  . GLU A 1 77  ? 1.308   13.135  6.576   1.00 24.78 ? 77  GLU B CG  1 
ATOM   610 C  CD  . GLU A 1 77  ? 2.747   13.394  7.016   1.00 21.60 ? 77  GLU B CD  1 
ATOM   611 O  OE1 . GLU A 1 77  ? 3.657   13.140  6.205   1.00 19.70 ? 77  GLU B OE1 1 
ATOM   612 O  OE2 . GLU A 1 77  ? 2.969   13.848  8.169   1.00 24.41 ? 77  GLU B OE2 1 
ATOM   613 N  N   . ASN A 1 78  ? -2.266  13.345  7.532   1.00 15.29 ? 78  ASN B N   1 
ATOM   614 C  CA  . ASN A 1 78  ? -3.016  14.589  7.372   1.00 18.05 ? 78  ASN B CA  1 
ATOM   615 C  C   . ASN A 1 78  ? -4.011  14.491  6.210   1.00 16.78 ? 78  ASN B C   1 
ATOM   616 O  O   . ASN A 1 78  ? -3.976  15.263  5.244   1.00 15.55 ? 78  ASN B O   1 
ATOM   617 C  CB  . ASN A 1 78  ? -2.041  15.761  7.183   1.00 18.77 ? 78  ASN B CB  1 
ATOM   618 C  CG  . ASN A 1 78  ? -2.697  17.107  7.398   1.00 26.23 ? 78  ASN B CG  1 
ATOM   619 O  OD1 . ASN A 1 78  ? -3.727  17.211  8.067   1.00 24.79 ? 78  ASN B OD1 1 
ATOM   620 N  ND2 . ASN A 1 78  ? -2.105  18.152  6.823   1.00 32.20 ? 78  ASN B ND2 1 
ATOM   621 N  N   . VAL A 1 79  ? -4.918  13.510  6.315   1.00 15.13 ? 79  VAL B N   1 
ATOM   622 C  CA  . VAL A 1 79  ? -5.815  13.228  5.201   1.00 13.13 ? 79  VAL B CA  1 
ATOM   623 C  C   . VAL A 1 79  ? -6.794  14.374  4.991   1.00 18.76 ? 79  VAL B C   1 
ATOM   624 O  O   . VAL A 1 79  ? -7.123  15.133  5.917   1.00 18.28 ? 79  VAL B O   1 
ATOM   625 C  CB  . VAL A 1 79  ? -6.580  11.904  5.392   1.00 14.46 ? 79  VAL B CB  1 
ATOM   626 C  CG1 . VAL A 1 79  ? -5.616  10.727  5.416   1.00 13.89 ? 79  VAL B CG1 1 
ATOM   627 C  CG2 . VAL A 1 79  ? -7.441  11.951  6.641   1.00 15.14 ? 79  VAL B CG2 1 
ATOM   628 N  N   . THR A 1 80  ? -7.230  14.518  3.742   1.00 18.07 ? 80  THR B N   1 
ATOM   629 C  CA  . THR A 1 80  ? -8.322  15.388  3.336   1.00 17.09 ? 80  THR B CA  1 
ATOM   630 C  C   . THR A 1 80  ? -9.382  14.540  2.649   1.00 16.74 ? 80  THR B C   1 
ATOM   631 O  O   . THR A 1 80  ? -9.166  13.365  2.342   1.00 19.57 ? 80  THR B O   1 
ATOM   632 C  CB  . THR A 1 80  ? -7.840  16.491  2.383   1.00 20.11 ? 80  THR B CB  1 
ATOM   633 O  OG1 . THR A 1 80  ? -7.723  15.955  1.061   1.00 23.25 ? 80  THR B OG1 1 
ATOM   634 C  CG2 . THR A 1 80  ? -6.483  17.045  2.822   1.00 24.70 ? 80  THR B CG2 1 
ATOM   635 N  N   . LEU A 1 81  ? -10.536 15.152  2.372   1.00 19.93 ? 81  LEU B N   1 
ATOM   636 C  CA  . LEU A 1 81  ? -11.616 14.401  1.741   1.00 17.58 ? 81  LEU B CA  1 
ATOM   637 C  C   . LEU A 1 81  ? -11.221 13.863  0.368   1.00 17.96 ? 81  LEU B C   1 
ATOM   638 O  O   . LEU A 1 81  ? -11.794 12.863  -0.080  1.00 19.26 ? 81  LEU B O   1 
ATOM   639 C  CB  . LEU A 1 81  ? -12.865 15.280  1.633   1.00 19.75 ? 81  LEU B CB  1 
ATOM   640 C  CG  . LEU A 1 81  ? -13.584 15.599  2.950   1.00 22.14 ? 81  LEU B CG  1 
ATOM   641 C  CD1 . LEU A 1 81  ? -14.651 16.671  2.725   1.00 23.28 ? 81  LEU B CD1 1 
ATOM   642 C  CD2 . LEU A 1 81  ? -14.210 14.353  3.558   1.00 20.62 ? 81  LEU B CD2 1 
ATOM   643 N  N   . ALA A 1 82  ? -10.251 14.494  -0.303  1.00 16.56 ? 82  ALA B N   1 
ATOM   644 C  CA  . ALA A 1 82  ? -9.805  14.020  -1.606  1.00 18.72 ? 82  ALA B CA  1 
ATOM   645 C  C   . ALA A 1 82  ? -9.042  12.703  -1.517  1.00 18.42 ? 82  ALA B C   1 
ATOM   646 O  O   . ALA A 1 82  ? -8.827  12.055  -2.550  1.00 17.67 ? 82  ALA B O   1 
ATOM   647 C  CB  . ALA A 1 82  ? -8.928  15.075  -2.283  1.00 20.16 ? 82  ALA B CB  1 
ATOM   648 N  N   . ASP A 1 83  ? -8.636  12.294  -0.314  1.00 16.44 ? 83  ASP B N   1 
ATOM   649 C  CA  . ASP A 1 83  ? -7.932  11.027  -0.148  1.00 17.37 ? 83  ASP B CA  1 
ATOM   650 C  C   . ASP A 1 83  ? -8.858  9.814   -0.123  1.00 15.84 ? 83  ASP B C   1 
ATOM   651 O  O   . ASP A 1 83  ? -8.354  8.687   -0.159  1.00 13.71 ? 83  ASP B O   1 
ATOM   652 C  CB  . ASP A 1 83  ? -7.100  11.048  1.136   1.00 16.06 ? 83  ASP B CB  1 
ATOM   653 C  CG  . ASP A 1 83  ? -5.912  12.007  1.057   1.00 18.58 ? 83  ASP B CG  1 
ATOM   654 O  OD1 . ASP A 1 83  ? -5.263  12.094  -0.002  1.00 19.55 ? 83  ASP B OD1 1 
ATOM   655 O  OD2 . ASP A 1 83  ? -5.621  12.672  2.068   1.00 18.55 ? 83  ASP B OD2 1 
ATOM   656 N  N   . SER A 1 84  ? -10.177 10.001  -0.045  1.00 16.59 ? 84  SER B N   1 
ATOM   657 C  CA  . SER A 1 84  ? -11.087 8.862   -0.068  1.00 14.97 ? 84  SER B CA  1 
ATOM   658 C  C   . SER A 1 84  ? -10.947 8.090   -1.368  1.00 13.12 ? 84  SER B C   1 
ATOM   659 O  O   . SER A 1 84  ? -10.653 8.660   -2.427  1.00 15.98 ? 84  SER B O   1 
ATOM   660 C  CB  . SER A 1 84  ? -12.544 9.304   0.073   1.00 17.01 ? 84  SER B CB  1 
ATOM   661 O  OG  . SER A 1 84  ? -12.823 9.813   1.357   1.00 21.12 ? 84  SER B OG  1 
ATOM   662 N  N   . GLY A 1 85  ? -11.201 6.788   -1.292  1.00 12.23 ? 85  GLY B N   1 
ATOM   663 C  CA  . GLY A 1 85  ? -11.260 5.955   -2.475  1.00 13.83 ? 85  GLY B CA  1 
ATOM   664 C  C   . GLY A 1 85  ? -10.591 4.615   -2.257  1.00 11.17 ? 85  GLY B C   1 
ATOM   665 O  O   . GLY A 1 85  ? -10.204 4.269   -1.146  1.00 9.87  ? 85  GLY B O   1 
ATOM   666 N  N   . ILE A 1 86  ? -10.483 3.857   -3.353  1.00 12.07 ? 86  ILE B N   1 
ATOM   667 C  CA  . ILE A 1 86  ? -9.816  2.555   -3.355  1.00 10.71 ? 86  ILE B CA  1 
ATOM   668 C  C   . ILE A 1 86  ? -8.320  2.756   -3.534  1.00 10.62 ? 86  ILE B C   1 
ATOM   669 O  O   . ILE A 1 86  ? -7.885  3.577   -4.349  1.00 10.53 ? 86  ILE B O   1 
ATOM   670 C  CB  . ILE A 1 86  ? -10.355 1.649   -4.478  1.00 11.67 ? 86  ILE B CB  1 
ATOM   671 C  CG1 . ILE A 1 86  ? -11.877 1.547   -4.438  1.00 13.03 ? 86  ILE B CG1 1 
ATOM   672 C  CG2 . ILE A 1 86  ? -9.716  0.266   -4.389  1.00 13.82 ? 86  ILE B CG2 1 
ATOM   673 C  CD1 . ILE A 1 86  ? -12.388 0.672   -3.309  1.00 17.12 ? 86  ILE B CD1 1 
ATOM   674 N  N   . TYR A 1 87  ? -7.526  1.958   -2.813  1.00 8.91  ? 87  TYR B N   1 
ATOM   675 C  CA  . TYR A 1 87  ? -6.078  1.917   -2.958  1.00 9.10  ? 87  TYR B CA  1 
ATOM   676 C  C   . TYR A 1 87  ? -5.652  0.487   -3.258  1.00 9.04  ? 87  TYR B C   1 
ATOM   677 O  O   . TYR A 1 87  ? -6.263  -0.468  -2.763  1.00 9.97  ? 87  TYR B O   1 
ATOM   678 C  CB  . TYR A 1 87  ? -5.374  2.405   -1.687  1.00 9.48  ? 87  TYR B CB  1 
ATOM   679 C  CG  . TYR A 1 87  ? -5.526  3.894   -1.472  1.00 11.16 ? 87  TYR B CG  1 
ATOM   680 C  CD1 . TYR A 1 87  ? -6.724  4.424   -1.005  1.00 10.44 ? 87  TYR B CD1 1 
ATOM   681 C  CD2 . TYR A 1 87  ? -4.473  4.764   -1.748  1.00 9.63  ? 87  TYR B CD2 1 
ATOM   682 C  CE1 . TYR A 1 87  ? -6.878  5.804   -0.812  1.00 10.93 ? 87  TYR B CE1 1 
ATOM   683 C  CE2 . TYR A 1 87  ? -4.607  6.135   -1.565  1.00 10.89 ? 87  TYR B CE2 1 
ATOM   684 C  CZ  . TYR A 1 87  ? -5.806  6.647   -1.093  1.00 13.25 ? 87  TYR B CZ  1 
ATOM   685 O  OH  . TYR A 1 87  ? -5.946  8.001   -0.900  1.00 14.65 ? 87  TYR B OH  1 
ATOM   686 N  N   . CYS A 1 88  ? -4.596  0.350   -4.058  1.00 7.33  ? 88  CYS B N   1 
ATOM   687 C  CA  . CYS A 1 88  ? -4.046  -0.955  -4.415  1.00 7.98  ? 88  CYS B CA  1 
ATOM   688 C  C   . CYS A 1 88  ? -2.705  -1.164  -3.726  1.00 10.16 ? 88  CYS B C   1 
ATOM   689 O  O   . CYS A 1 88  ? -1.796  -0.352  -3.891  1.00 9.55  ? 88  CYS B O   1 
ATOM   690 C  CB  . CYS A 1 88  ? -3.852  -1.083  -5.930  1.00 10.47 ? 88  CYS B CB  1 
ATOM   691 S  SG  . CYS A 1 88  ? -3.070  -2.672  -6.402  1.00 13.68 ? 88  CYS B SG  1 
ATOM   692 N  N   . CYS A 1 89  ? -2.584  -2.267  -2.982  1.00 8.25  ? 89  CYS B N   1 
ATOM   693 C  CA  . CYS A 1 89  ? -1.297  -2.771  -2.507  1.00 8.43  ? 89  CYS B CA  1 
ATOM   694 C  C   . CYS A 1 89  ? -0.997  -4.047  -3.289  1.00 9.80  ? 89  CYS B C   1 
ATOM   695 O  O   . CYS A 1 89  ? -1.706  -5.051  -3.142  1.00 10.58 ? 89  CYS B O   1 
ATOM   696 C  CB  . CYS A 1 89  ? -1.322  -3.052  -1.009  1.00 8.86  ? 89  CYS B CB  1 
ATOM   697 S  SG  . CYS A 1 89  ? 0.261   -3.726  -0.442  1.00 10.59 ? 89  CYS B SG  1 
ATOM   698 N  N   . ARG A 1 90  ? 0.039   -4.013  -4.118  1.00 9.95  ? 90  ARG B N   1 
ATOM   699 C  CA  . ARG A 1 90  ? 0.391   -5.148  -4.958  1.00 9.65  ? 90  ARG B CA  1 
ATOM   700 C  C   . ARG A 1 90  ? 1.724   -5.725  -4.509  1.00 11.44 ? 90  ARG B C   1 
ATOM   701 O  O   . ARG A 1 90  ? 2.747   -5.036  -4.553  1.00 11.41 ? 90  ARG B O   1 
ATOM   702 C  CB  . ARG A 1 90  ? 0.445   -4.727  -6.426  1.00 11.20 ? 90  ARG B CB  1 
ATOM   703 C  CG  . ARG A 1 90  ? 0.657   -5.880  -7.366  1.00 13.92 ? 90  ARG B CG  1 
ATOM   704 C  CD  . ARG A 1 90  ? 0.729   -5.363  -8.796  1.00 15.53 ? 90  ARG B CD  1 
ATOM   705 N  NE  . ARG A 1 90  ? 0.745   -6.456  -9.763  1.00 17.79 ? 90  ARG B NE  1 
ATOM   706 C  CZ  . ARG A 1 90  ? -0.005  -6.498  -10.855 1.00 21.84 ? 90  ARG B CZ  1 
ATOM   707 N  NH1 . ARG A 1 90  ? -0.801  -5.495  -11.187 1.00 23.39 ? 90  ARG B NH1 1 
ATOM   708 N  NH2 . ARG A 1 90  ? 0.047   -7.572  -11.638 1.00 22.83 ? 90  ARG B NH2 1 
ATOM   709 N  N   . ILE A 1 91  ? 1.699   -6.980  -4.055  1.00 12.97 ? 91  ILE B N   1 
ATOM   710 C  CA  . ILE A 1 91  ? 2.905   -7.734  -3.716  1.00 13.27 ? 91  ILE B CA  1 
ATOM   711 C  C   . ILE A 1 91  ? 3.436   -8.363  -4.999  1.00 15.44 ? 91  ILE B C   1 
ATOM   712 O  O   . ILE A 1 91  ? 2.817   -9.278  -5.546  1.00 14.51 ? 91  ILE B O   1 
ATOM   713 C  CB  . ILE A 1 91  ? 2.607   -8.813  -2.668  1.00 13.62 ? 91  ILE B CB  1 
ATOM   714 C  CG1 . ILE A 1 91  ? 1.753   -8.240  -1.529  1.00 12.44 ? 91  ILE B CG1 1 
ATOM   715 C  CG2 . ILE A 1 91  ? 3.899   -9.397  -2.119  1.00 14.74 ? 91  ILE B CG2 1 
ATOM   716 C  CD1 . ILE A 1 91  ? 2.426   -7.148  -0.779  1.00 13.59 ? 91  ILE B CD1 1 
ATOM   717 N  N   . GLN A 1 92  ? 4.590   -7.888  -5.476  1.00 14.09 ? 92  GLN B N   1 
ATOM   718 C  CA  . GLN A 1 92  ? 5.112   -8.324  -6.774  1.00 16.93 ? 92  GLN B CA  1 
ATOM   719 C  C   . GLN A 1 92  ? 6.035   -9.530  -6.592  1.00 18.18 ? 92  GLN B C   1 
ATOM   720 O  O   . GLN A 1 92  ? 7.254   -9.453  -6.730  1.00 19.80 ? 92  GLN B O   1 
ATOM   721 C  CB  . GLN A 1 92  ? 5.808   -7.167  -7.466  1.00 17.15 ? 92  GLN B CB  1 
ATOM   722 C  CG  . GLN A 1 92  ? 4.859   -5.974  -7.637  1.00 13.39 ? 92  GLN B CG  1 
ATOM   723 C  CD  . GLN A 1 92  ? 5.483   -4.818  -8.371  1.00 19.31 ? 92  GLN B CD  1 
ATOM   724 O  OE1 . GLN A 1 92  ? 6.077   -3.931  -7.763  1.00 19.25 ? 92  GLN B OE1 1 
ATOM   725 N  NE2 . GLN A 1 92  ? 5.344   -4.812  -9.691  1.00 31.62 ? 92  GLN B NE2 1 
ATOM   726 N  N   . ILE A 1 93  ? 5.415   -10.658 -6.259  1.00 18.91 ? 93  ILE B N   1 
ATOM   727 C  CA  . ILE A 1 93  ? 6.182   -11.906 -6.125  1.00 19.05 ? 93  ILE B CA  1 
ATOM   728 C  C   . ILE A 1 93  ? 6.878   -12.233 -7.440  1.00 23.98 ? 93  ILE B C   1 
ATOM   729 O  O   . ILE A 1 93  ? 6.264   -12.105 -8.517  1.00 19.36 ? 93  ILE B O   1 
ATOM   730 C  CB  . ILE A 1 93  ? 5.278   -13.061 -5.651  1.00 25.65 ? 93  ILE B CB  1 
ATOM   731 C  CG1 . ILE A 1 93  ? 4.382   -12.602 -4.481  1.00 21.69 ? 93  ILE B CG1 1 
ATOM   732 C  CG2 . ILE A 1 93  ? 6.075   -14.352 -5.398  1.00 23.22 ? 93  ILE B CG2 1 
ATOM   733 C  CD1 . ILE A 1 93  ? 3.012   -13.197 -4.464  1.00 27.25 ? 93  ILE B CD1 1 
ATOM   734 N  N   . PRO A 1 94  ? 8.164   -12.593 -7.417  1.00 24.72 ? 94  PRO B N   1 
ATOM   735 C  CA  . PRO A 1 94  ? 8.853   -12.939 -8.665  1.00 23.87 ? 94  PRO B CA  1 
ATOM   736 C  C   . PRO A 1 94  ? 8.140   -14.072 -9.378  1.00 21.46 ? 94  PRO B C   1 
ATOM   737 O  O   . PRO A 1 94  ? 7.664   -15.021 -8.756  1.00 22.11 ? 94  PRO B O   1 
ATOM   738 C  CB  . PRO A 1 94  ? 10.256  -13.357 -8.205  1.00 25.74 ? 94  PRO B CB  1 
ATOM   739 C  CG  . PRO A 1 94  ? 10.289  -13.240 -6.721  1.00 28.69 ? 94  PRO B CG  1 
ATOM   740 C  CD  . PRO A 1 94  ? 9.074   -12.512 -6.262  1.00 25.93 ? 94  PRO B CD  1 
ATOM   741 N  N   . GLY A 1 95  ? 8.065   -13.966 -10.697 1.00 23.42 ? 95  GLY B N   1 
ATOM   742 C  CA  . GLY A 1 95  ? 7.316   -14.905 -11.497 1.00 22.93 ? 95  GLY B CA  1 
ATOM   743 C  C   . GLY A 1 95  ? 6.102   -14.259 -12.141 1.00 30.07 ? 95  GLY B C   1 
ATOM   744 O  O   . GLY A 1 95  ? 5.776   -13.093 -11.905 1.00 26.09 ? 95  GLY B O   1 
ATOM   745 N  N   . ILE A 1 96  ? 5.424   -15.061 -12.956 1.00 28.44 ? 96  ILE B N   1 
ATOM   746 C  CA  . ILE A 1 96  ? 4.371   -14.594 -13.852 1.00 31.77 ? 96  ILE B CA  1 
ATOM   747 C  C   . ILE A 1 96  ? 3.014   -14.979 -13.280 1.00 28.13 ? 96  ILE B C   1 
ATOM   748 O  O   . ILE A 1 96  ? 2.845   -16.082 -12.744 1.00 30.17 ? 96  ILE B O   1 
ATOM   749 C  CB  . ILE A 1 96  ? 4.577   -15.181 -15.266 1.00 35.09 ? 96  ILE B CB  1 
ATOM   750 C  CG1 . ILE A 1 96  ? 5.918   -14.709 -15.831 1.00 36.22 ? 96  ILE B CG1 1 
ATOM   751 C  CG2 . ILE A 1 96  ? 3.452   -14.787 -16.200 1.00 40.53 ? 96  ILE B CG2 1 
ATOM   752 C  CD1 . ILE A 1 96  ? 5.992   -13.207 -15.994 1.00 31.78 ? 96  ILE B CD1 1 
ATOM   753 N  N   . MET A 1 97  ? 2.048   -14.056 -13.385 1.00 31.91 ? 97  MET B N   1 
ATOM   754 C  CA  . MET A 1 97  ? 0.659   -14.278 -12.957 1.00 34.01 ? 97  MET B CA  1 
ATOM   755 C  C   . MET A 1 97  ? 0.583   -14.860 -11.548 1.00 31.93 ? 97  MET B C   1 
ATOM   756 O  O   . MET A 1 97  ? -0.171  -15.795 -11.276 1.00 30.59 ? 97  MET B O   1 
ATOM   757 C  CB  . MET A 1 97  ? -0.098  -15.163 -13.953 1.00 38.14 ? 97  MET B CB  1 
ATOM   758 C  CG  . MET A 1 97  ? -0.081  -14.648 -15.381 1.00 39.22 ? 97  MET B CG  1 
ATOM   759 S  SD  . MET A 1 97  ? -0.979  -13.088 -15.533 1.00 57.05 ? 97  MET B SD  1 
ATOM   760 C  CE  . MET A 1 97  ? -2.308  -13.532 -16.651 1.00 42.53 ? 97  MET B CE  1 
ATOM   761 N  N   . ASN A 1 98  ? 1.373   -14.292 -10.636 1.00 27.21 ? 98  ASN B N   1 
ATOM   762 C  CA  . ASN A 1 98  ? 1.368   -14.770 -9.262  1.00 25.75 ? 98  ASN B CA  1 
ATOM   763 C  C   . ASN A 1 98  ? 1.370   -13.633 -8.245  1.00 23.89 ? 98  ASN B C   1 
ATOM   764 O  O   . ASN A 1 98  ? 1.590   -13.889 -7.057  1.00 25.99 ? 98  ASN B O   1 
ATOM   765 C  CB  . ASN A 1 98  ? 2.564   -15.706 -9.013  1.00 28.28 ? 98  ASN B CB  1 
ATOM   766 C  CG  . ASN A 1 98  ? 3.907   -15.011 -9.198  1.00 25.83 ? 98  ASN B CG  1 
ATOM   767 O  OD1 . ASN A 1 98  ? 3.974   -13.864 -9.641  1.00 26.97 ? 98  ASN B OD1 1 
ATOM   768 N  ND2 . ASN A 1 98  ? 4.985   -15.713 -8.867  1.00 26.96 ? 98  ASN B ND2 1 
ATOM   769 N  N   . ASP A 1 99  ? 1.140   -12.395 -8.664  1.00 23.61 ? 99  ASP B N   1 
ATOM   770 C  CA  . ASP A 1 99  ? 1.148   -11.293 -7.710  1.00 19.46 ? 99  ASP B CA  1 
ATOM   771 C  C   . ASP A 1 99  ? -0.034  -11.402 -6.756  1.00 21.99 ? 99  ASP B C   1 
ATOM   772 O  O   . ASP A 1 99  ? -1.079  -11.974 -7.081  1.00 22.63 ? 99  ASP B O   1 
ATOM   773 C  CB  . ASP A 1 99  ? 1.108   -9.947  -8.432  1.00 19.82 ? 99  ASP B CB  1 
ATOM   774 C  CG  . ASP A 1 99  ? 2.442   -9.563  -9.030  1.00 21.47 ? 99  ASP B CG  1 
ATOM   775 O  OD1 . ASP A 1 99  ? 3.405   -10.343 -8.911  1.00 20.61 ? 99  ASP B OD1 1 
ATOM   776 O  OD2 . ASP A 1 99  ? 2.535   -8.458  -9.599  1.00 19.06 ? 99  ASP B OD2 1 
ATOM   777 N  N   . GLU A 1 100 ? 0.146   -10.860 -5.556  1.00 17.39 ? 100 GLU B N   1 
ATOM   778 C  CA  . GLU A 1 100 ? -0.943  -10.701 -4.606  1.00 16.84 ? 100 GLU B CA  1 
ATOM   779 C  C   . GLU A 1 100 ? -1.436  -9.268  -4.694  1.00 15.54 ? 100 GLU B C   1 
ATOM   780 O  O   . GLU A 1 100 ? -0.632  -8.330  -4.641  1.00 15.70 ? 100 GLU B O   1 
ATOM   781 C  CB  . GLU A 1 100 ? -0.497  -11.033 -3.184  1.00 18.52 ? 100 GLU B CB  1 
ATOM   782 C  CG  . GLU A 1 100 ? -0.358  -12.527 -2.929  1.00 21.49 ? 100 GLU B CG  1 
ATOM   783 C  CD  . GLU A 1 100 ? 0.208   -12.832 -1.561  1.00 30.65 ? 100 GLU B CD  1 
ATOM   784 O  OE1 . GLU A 1 100 ? 0.412   -11.881 -0.772  1.00 35.82 ? 100 GLU B OE1 1 
ATOM   785 O  OE2 . GLU A 1 100 ? 0.432   -14.025 -1.263  1.00 38.19 ? 100 GLU B OE2 1 
ATOM   786 N  N   . LYS A 1 101 ? -2.739  -9.106  -4.881  1.00 15.37 ? 101 LYS B N   1 
ATOM   787 C  CA  . LYS A 1 101 ? -3.351  -7.799  -5.092  1.00 13.19 ? 101 LYS B CA  1 
ATOM   788 C  C   . LYS A 1 101 ? -4.371  -7.564  -3.991  1.00 16.32 ? 101 LYS B C   1 
ATOM   789 O  O   . LYS A 1 101 ? -5.294  -8.367  -3.814  1.00 17.40 ? 101 LYS B O   1 
ATOM   790 C  CB  . LYS A 1 101 ? -4.020  -7.730  -6.466  1.00 13.13 ? 101 LYS B CB  1 
ATOM   791 C  CG  . LYS A 1 101 ? -3.075  -7.796  -7.652  1.00 17.83 ? 101 LYS B CG  1 
ATOM   792 C  CD  . LYS A 1 101 ? -3.899  -7.966  -8.933  1.00 23.14 ? 101 LYS B CD  1 
ATOM   793 C  CE  . LYS A 1 101 ? -3.143  -7.519  -10.162 1.00 29.52 ? 101 LYS B CE  1 
ATOM   794 N  NZ  . LYS A 1 101 ? -3.730  -8.092  -11.407 1.00 32.27 ? 101 LYS B NZ  1 
ATOM   795 N  N   . PHE A 1 102 ? -4.209  -6.474  -3.250  1.00 11.55 ? 102 PHE B N   1 
ATOM   796 C  CA  . PHE A 1 102 ? -5.148  -6.113  -2.202  1.00 11.13 ? 102 PHE B CA  1 
ATOM   797 C  C   . PHE A 1 102 ? -5.748  -4.754  -2.528  1.00 11.34 ? 102 PHE B C   1 
ATOM   798 O  O   . PHE A 1 102 ? -5.019  -3.798  -2.813  1.00 11.88 ? 102 PHE B O   1 
ATOM   799 C  CB  . PHE A 1 102 ? -4.481  -6.097  -0.829  1.00 12.21 ? 102 PHE B CB  1 
ATOM   800 C  CG  . PHE A 1 102 ? -3.862  -7.416  -0.453  1.00 13.89 ? 102 PHE B CG  1 
ATOM   801 C  CD1 . PHE A 1 102 ? -4.629  -8.400  0.145   1.00 15.98 ? 102 PHE B CD1 1 
ATOM   802 C  CD2 . PHE A 1 102 ? -2.524  -7.665  -0.695  1.00 14.92 ? 102 PHE B CD2 1 
ATOM   803 C  CE1 . PHE A 1 102 ? -4.073  -9.610  0.482   1.00 16.38 ? 102 PHE B CE1 1 
ATOM   804 C  CE2 . PHE A 1 102 ? -1.959  -8.876  -0.355  1.00 16.43 ? 102 PHE B CE2 1 
ATOM   805 C  CZ  . PHE A 1 102 ? -2.729  -9.847  0.231   1.00 15.51 ? 102 PHE B CZ  1 
ATOM   806 N  N   . ASN A 1 103 ? -7.074  -4.684  -2.510  1.00 11.75 ? 103 ASN B N   1 
ATOM   807 C  CA  . ASN A 1 103 ? -7.805  -3.440  -2.726  1.00 9.61  ? 103 ASN B CA  1 
ATOM   808 C  C   . ASN A 1 103 ? -8.379  -2.992  -1.396  1.00 12.05 ? 103 ASN B C   1 
ATOM   809 O  O   . ASN A 1 103 ? -9.101  -3.760  -0.749  1.00 12.73 ? 103 ASN B O   1 
ATOM   810 C  CB  . ASN A 1 103 ? -8.911  -3.653  -3.760  1.00 10.94 ? 103 ASN B CB  1 
ATOM   811 C  CG  . ASN A 1 103 ? -8.340  -3.954  -5.126  1.00 11.41 ? 103 ASN B CG  1 
ATOM   812 O  OD1 . ASN A 1 103 ? -7.905  -3.044  -5.826  1.00 14.67 ? 103 ASN B OD1 1 
ATOM   813 N  ND2 . ASN A 1 103 ? -8.295  -5.235  -5.496  1.00 15.86 ? 103 ASN B ND2 1 
ATOM   814 N  N   . LEU A 1 104 ? -8.047  -1.765  -0.981  1.00 10.33 ? 104 LEU B N   1 
ATOM   815 C  CA  . LEU A 1 104 ? -8.417  -1.232  0.324   1.00 9.20  ? 104 LEU B CA  1 
ATOM   816 C  C   . LEU A 1 104 ? -9.236  0.032   0.122   1.00 10.39 ? 104 LEU B C   1 
ATOM   817 O  O   . LEU A 1 104 ? -8.788  0.959   -0.568  1.00 11.49 ? 104 LEU B O   1 
ATOM   818 C  CB  . LEU A 1 104 ? -7.180  -0.900  1.178   1.00 10.66 ? 104 LEU B CB  1 
ATOM   819 C  CG  . LEU A 1 104 ? -6.158  -1.983  1.570   1.00 12.90 ? 104 LEU B CG  1 
ATOM   820 C  CD1 . LEU A 1 104 ? -6.878  -3.221  2.076   1.00 12.72 ? 104 LEU B CD1 1 
ATOM   821 C  CD2 . LEU A 1 104 ? -5.152  -2.347  0.462   1.00 12.61 ? 104 LEU B CD2 1 
ATOM   822 N  N   . LYS A 1 105 ? -10.421 0.072   0.722   1.00 10.89 ? 105 LYS B N   1 
ATOM   823 C  CA  . LYS A 1 105 ? -11.338 1.192   0.560   1.00 8.43  ? 105 LYS B CA  1 
ATOM   824 C  C   . LYS A 1 105 ? -11.166 2.134   1.745   1.00 10.96 ? 105 LYS B C   1 
ATOM   825 O  O   . LYS A 1 105 ? -11.322 1.722   2.901   1.00 9.04  ? 105 LYS B O   1 
ATOM   826 C  CB  . LYS A 1 105 ? -12.787 0.701   0.446   1.00 10.76 ? 105 LYS B CB  1 
ATOM   827 C  CG  . LYS A 1 105 ? -13.804 1.830   0.198   1.00 15.09 ? 105 LYS B CG  1 
ATOM   828 C  CD  . LYS A 1 105 ? -15.233 1.310   0.389   1.00 16.02 ? 105 LYS B CD  1 
ATOM   829 C  CE  . LYS A 1 105 ? -16.243 2.413   0.673   1.00 24.83 ? 105 LYS B CE  1 
ATOM   830 N  NZ  . LYS A 1 105 ? -16.070 3.618   -0.184  1.00 28.06 ? 105 LYS B NZ  1 
ATOM   831 N  N   . LEU A 1 106 ? -10.817 3.383   1.461   1.00 9.70  ? 106 LEU B N   1 
ATOM   832 C  CA  . LEU A 1 106 ? -10.628 4.405   2.484   1.00 8.19  ? 106 LEU B CA  1 
ATOM   833 C  C   . LEU A 1 106 ? -11.781 5.399   2.432   1.00 12.12 ? 106 LEU B C   1 
ATOM   834 O  O   . LEU A 1 106 ? -12.076 5.957   1.370   1.00 12.43 ? 106 LEU B O   1 
ATOM   835 C  CB  . LEU A 1 106 ? -9.290  5.133   2.289   1.00 9.12  ? 106 LEU B CB  1 
ATOM   836 C  CG  . LEU A 1 106 ? -8.975  6.310   3.229   1.00 12.46 ? 106 LEU B CG  1 
ATOM   837 C  CD1 . LEU A 1 106 ? -9.064  5.897   4.704   1.00 9.25  ? 106 LEU B CD1 1 
ATOM   838 C  CD2 . LEU A 1 106 ? -7.596  6.901   2.945   1.00 11.26 ? 106 LEU B CD2 1 
ATOM   839 N  N   . VAL A 1 107 ? -12.434 5.610   3.574   1.00 10.56 ? 107 VAL B N   1 
ATOM   840 C  CA  . VAL A 1 107 ? -13.548 6.554   3.691   1.00 13.13 ? 107 VAL B CA  1 
ATOM   841 C  C   . VAL A 1 107 ? -13.134 7.662   4.652   1.00 13.50 ? 107 VAL B C   1 
ATOM   842 O  O   . VAL A 1 107 ? -12.820 7.392   5.817   1.00 13.07 ? 107 VAL B O   1 
ATOM   843 C  CB  . VAL A 1 107 ? -14.835 5.870   4.179   1.00 13.52 ? 107 VAL B CB  1 
ATOM   844 C  CG1 . VAL A 1 107 ? -15.965 6.865   4.211   1.00 18.95 ? 107 VAL B CG1 1 
ATOM   845 C  CG2 . VAL A 1 107 ? -15.180 4.680   3.292   1.00 13.92 ? 107 VAL B CG2 1 
ATOM   846 N  N   . ILE A 1 108 ? -13.148 8.906   4.169   1.00 14.11 ? 108 ILE B N   1 
ATOM   847 C  CA  . ILE A 1 108 ? -12.780 10.083  4.954   1.00 16.79 ? 108 ILE B CA  1 
ATOM   848 C  C   . ILE A 1 108 ? -14.028 10.924  5.187   1.00 17.91 ? 108 ILE B C   1 
ATOM   849 O  O   . ILE A 1 108 ? -14.813 11.149  4.261   1.00 19.96 ? 108 ILE B O   1 
ATOM   850 C  CB  . ILE A 1 108 ? -11.702 10.922  4.238   1.00 17.44 ? 108 ILE B CB  1 
ATOM   851 C  CG1 . ILE A 1 108 ? -10.515 10.056  3.793   1.00 16.40 ? 108 ILE B CG1 1 
ATOM   852 C  CG2 . ILE A 1 108 ? -11.253 12.084  5.106   1.00 17.51 ? 108 ILE B CG2 1 
ATOM   853 C  CD1 . ILE A 1 108 ? -9.670  9.580   4.923   1.00 19.50 ? 108 ILE B CD1 1 
ATOM   854 N  N   . LYS A 1 109 ? -14.199 11.411  6.411   1.00 17.53 ? 109 LYS B N   1 
ATOM   855 C  CA  . LYS A 1 109 ? -15.303 12.344  6.704   1.00 17.86 ? 109 LYS B CA  1 
ATOM   856 C  C   . LYS A 1 109 ? -14.874 13.552  7.528   1.00 21.68 ? 109 LYS B C   1 
ATOM   857 O  O   . LYS A 1 109 ? -13.732 13.642  7.968   1.00 20.13 ? 109 LYS B O   1 
ATOM   858 C  CB  . LYS A 1 109 ? -16.446 11.604  7.411   1.00 25.22 ? 109 LYS B CB  1 
ATOM   859 C  CG  . LYS A 1 109 ? -17.132 10.550  6.544   1.00 29.89 ? 109 LYS B CG  1 
ATOM   860 C  CD  . LYS A 1 109 ? -18.017 9.609   7.349   1.00 32.49 ? 109 LYS B CD  1 
ATOM   861 C  CE  . LYS A 1 109 ? -17.777 8.159   6.925   1.00 35.34 ? 109 LYS B CE  1 
ATOM   862 N  NZ  . LYS A 1 109 ? -17.354 7.198   8.003   1.00 26.59 ? 109 LYS B NZ  1 
HETATM 863 N  N1  . YQ7 B 2 .   ? 7.116   9.732   2.605   1.00 12.98 ? 201 YQ7 B N1  1 
HETATM 864 N  N3  . YQ7 B 2 .   ? 8.917   12.768  3.322   1.00 18.10 ? 201 YQ7 B N3  1 
HETATM 865 C  C4  . YQ7 B 2 .   ? 7.893   7.474   2.789   1.00 11.79 ? 201 YQ7 B C4  1 
HETATM 866 C  C5  . YQ7 B 2 .   ? 8.147   8.809   2.874   1.00 14.60 ? 201 YQ7 B C5  1 
HETATM 867 C  C6  . YQ7 B 2 .   ? 9.452   9.218   3.228   1.00 14.90 ? 201 YQ7 B C6  1 
HETATM 868 C  C7  . YQ7 B 2 .   ? 7.331   11.062  2.864   1.00 14.76 ? 201 YQ7 B C7  1 
HETATM 869 C  C8  . YQ7 B 2 .   ? 9.663   10.634  3.328   1.00 15.08 ? 201 YQ7 B C8  1 
HETATM 870 C  C10 . YQ7 B 2 .   ? 11.117  13.979  3.859   1.00 14.98 ? 201 YQ7 B C10 1 
HETATM 871 C  C13 . YQ7 B 2 .   ? 12.096  4.231   5.358   1.00 17.11 ? 201 YQ7 B C13 1 
HETATM 872 C  C15 . YQ7 B 2 .   ? 12.311  5.763   3.009   1.00 17.78 ? 201 YQ7 B C15 1 
HETATM 873 C  C1  . YQ7 B 2 .   ? 10.448  8.281   3.513   1.00 13.92 ? 201 YQ7 B C1  1 
HETATM 874 C  C11 . YQ7 B 2 .   ? 11.276  5.904   3.761   1.00 17.42 ? 201 YQ7 B C11 1 
HETATM 875 C  C12 . YQ7 B 2 .   ? 11.164  5.104   5.030   1.00 16.89 ? 201 YQ7 B C12 1 
HETATM 876 C  C14 . YQ7 B 2 .   ? 13.389  4.751   3.394   1.00 20.28 ? 201 YQ7 B C14 1 
HETATM 877 C  C16 . YQ7 B 2 .   ? 9.964   5.265   5.960   1.00 16.70 ? 201 YQ7 B C16 1 
HETATM 878 C  C2  . YQ7 B 2 .   ? 10.180  6.915   3.425   1.00 14.77 ? 201 YQ7 B C2  1 
HETATM 879 C  C3  . YQ7 B 2 .   ? 8.881   6.568   3.059   1.00 15.20 ? 201 YQ7 B C3  1 
HETATM 880 C  C9  . YQ7 B 2 .   ? 10.254  12.746  3.604   1.00 14.60 ? 201 YQ7 B C9  1 
HETATM 881 N  N2  . YQ7 B 2 .   ? 8.643   11.514  3.182   1.00 16.16 ? 201 YQ7 B N2  1 
HETATM 882 N  N4  . YQ7 B 2 .   ? 10.760  11.383  3.619   1.00 14.72 ? 201 YQ7 B N4  1 
HETATM 883 N  N5  . YQ7 B 2 .   ? 13.271  4.063   4.473   1.00 20.59 ? 201 YQ7 B N5  1 
HETATM 884 O  O1  . YQ7 B 2 .   ? 6.283   11.965  2.796   1.00 14.01 ? 201 YQ7 B O1  1 
HETATM 885 CL CL1 . YQ7 B 2 .   ? 8.452   4.862   2.940   1.00 13.89 ? 201 YQ7 B CL1 1 
HETATM 886 CA CA  . CA  C 3 .   ? 4.771   -11.754 -10.200 1.00 23.10 ? 202 CA  B CA  1 
HETATM 887 O  O   . HOH D 4 .   ? -2.523  -8.248  -13.325 1.00 37.62 ? 301 HOH B O   1 
HETATM 888 O  O   . HOH D 4 .   ? -5.519  15.197  0.569   1.00 26.43 ? 302 HOH B O   1 
HETATM 889 O  O   . HOH D 4 .   ? 14.100  -6.430  13.800  1.00 41.34 ? 303 HOH B O   1 
HETATM 890 O  O   . HOH D 4 .   ? -3.490  -4.622  -12.768 1.00 20.60 ? 304 HOH B O   1 
HETATM 891 O  O   . HOH D 4 .   ? -4.640  10.136  -1.669  1.00 23.30 ? 305 HOH B O   1 
HETATM 892 O  O   . HOH D 4 .   ? -18.000 -0.098  2.867   1.00 26.35 ? 306 HOH B O   1 
HETATM 893 O  O   . HOH D 4 .   ? -10.816 10.679  -3.908  1.00 28.32 ? 307 HOH B O   1 
HETATM 894 O  O   . HOH D 4 .   ? 3.431   9.046   -8.517  1.00 24.33 ? 308 HOH B O   1 
HETATM 895 O  O   . HOH D 4 .   ? 0.338   1.504   -11.540 1.00 16.39 ? 309 HOH B O   1 
HETATM 896 O  O   . HOH D 4 .   ? -11.523 16.461  11.343  1.00 27.50 ? 310 HOH B O   1 
HETATM 897 O  O   . HOH D 4 .   ? 9.087   -5.617  1.906   1.00 19.25 ? 311 HOH B O   1 
HETATM 898 O  O   . HOH D 4 .   ? -14.874 7.786   7.906   1.00 22.60 ? 312 HOH B O   1 
HETATM 899 O  O   . HOH D 4 .   ? -14.383 5.547   -0.384  1.00 25.64 ? 313 HOH B O   1 
HETATM 900 O  O   . HOH D 4 .   ? 15.875  -8.987  -0.516  1.00 35.55 ? 314 HOH B O   1 
HETATM 901 O  O   . HOH D 4 .   ? 12.349  -11.075 -4.106  1.00 33.37 ? 315 HOH B O   1 
HETATM 902 O  O   . HOH D 4 .   ? 11.954  5.209   -8.076  1.00 21.79 ? 316 HOH B O   1 
HETATM 903 O  O   . HOH D 4 .   ? -3.046  17.156  3.685   1.00 20.42 ? 317 HOH B O   1 
HETATM 904 O  O   . HOH D 4 .   ? 10.252  -13.353 -0.102  1.00 31.60 ? 318 HOH B O   1 
HETATM 905 O  O   . HOH D 4 .   ? 7.481   -1.831  -6.934  1.00 20.54 ? 319 HOH B O   1 
HETATM 906 O  O   . HOH D 4 .   ? 5.362   -3.680  11.628  1.00 15.61 ? 320 HOH B O   1 
HETATM 907 O  O   . HOH D 4 .   ? 10.126  -4.655  -0.476  1.00 18.47 ? 321 HOH B O   1 
HETATM 908 O  O   . HOH D 4 .   ? -8.439  10.673  -6.575  1.00 36.12 ? 322 HOH B O   1 
HETATM 909 O  O   . HOH D 4 .   ? -6.224  -7.150  -11.697 1.00 29.67 ? 323 HOH B O   1 
HETATM 910 O  O   . HOH D 4 .   ? 1.641   -1.584  10.747  1.00 12.54 ? 324 HOH B O   1 
HETATM 911 O  O   . HOH D 4 .   ? 9.264   1.686   8.375   1.00 18.68 ? 325 HOH B O   1 
HETATM 912 O  O   . HOH D 4 .   ? 8.877   -9.163  -8.888  1.00 29.31 ? 326 HOH B O   1 
HETATM 913 O  O   . HOH D 4 .   ? -17.320 10.968  3.231   1.00 33.39 ? 327 HOH B O   1 
HETATM 914 O  O   . HOH D 4 .   ? -6.283  17.684  6.338   1.00 22.36 ? 328 HOH B O   1 
HETATM 915 O  O   . HOH D 4 .   ? 2.315   5.328   10.912  1.00 14.12 ? 329 HOH B O   1 
HETATM 916 O  O   . HOH D 4 .   ? 12.478  -7.298  -9.550  1.00 38.75 ? 330 HOH B O   1 
HETATM 917 O  O   . HOH D 4 .   ? -8.773  -5.548  3.855   1.00 15.07 ? 331 HOH B O   1 
HETATM 918 O  O   . HOH D 4 .   ? -14.392 12.024  0.117   1.00 31.16 ? 332 HOH B O   1 
HETATM 919 O  O   . HOH D 4 .   ? -0.809  -2.495  9.771   1.00 13.11 ? 333 HOH B O   1 
HETATM 920 O  O   . HOH D 4 .   ? 8.809   -16.394 -6.676  1.00 30.97 ? 334 HOH B O   1 
HETATM 921 O  O   . HOH D 4 .   ? 2.697   2.538   7.736   1.00 10.38 ? 335 HOH B O   1 
HETATM 922 O  O   . HOH D 4 .   ? 1.169   6.791   12.990  1.00 23.56 ? 336 HOH B O   1 
HETATM 923 O  O   . HOH D 4 .   ? 6.864   16.208  -2.985  1.00 36.96 ? 337 HOH B O   1 
HETATM 924 O  O   . HOH D 4 .   ? -4.577  -6.037  2.938   1.00 20.33 ? 338 HOH B O   1 
HETATM 925 O  O   . HOH D 4 .   ? 4.883   -7.755  -10.881 1.00 27.66 ? 339 HOH B O   1 
HETATM 926 O  O   . HOH D 4 .   ? 15.192  2.115   4.905   1.00 30.61 ? 340 HOH B O   1 
HETATM 927 O  O   . HOH D 4 .   ? -1.383  14.381  -2.082  1.00 31.22 ? 341 HOH B O   1 
HETATM 928 O  O   . HOH D 4 .   ? 0.922   14.417  -1.673  1.00 30.05 ? 342 HOH B O   1 
HETATM 929 O  O   . HOH D 4 .   ? -7.501  2.090   9.617   1.00 9.51  ? 343 HOH B O   1 
HETATM 930 O  O   . HOH D 4 .   ? -8.622  15.527  12.936  1.00 27.58 ? 344 HOH B O   1 
HETATM 931 O  O   . HOH D 4 .   ? -9.147  5.804   -5.489  1.00 17.75 ? 345 HOH B O   1 
HETATM 932 O  O   . HOH D 4 .   ? -1.651  -10.407 3.609   1.00 22.70 ? 346 HOH B O   1 
HETATM 933 O  O   . HOH D 4 .   ? 0.864   -15.837 -5.169  1.00 37.15 ? 347 HOH B O   1 
HETATM 934 O  O   . HOH D 4 .   ? 11.901  -2.375  8.530   1.00 26.85 ? 348 HOH B O   1 
HETATM 935 O  O   . HOH D 4 .   ? -10.309 -4.835  1.593   1.00 18.83 ? 349 HOH B O   1 
HETATM 936 O  O   . HOH D 4 .   ? 13.579  -5.388  10.297  1.00 32.59 ? 350 HOH B O   1 
HETATM 937 O  O   . HOH D 4 .   ? 13.497  10.634  3.347   1.00 17.72 ? 351 HOH B O   1 
HETATM 938 O  O   . HOH D 4 .   ? 14.025  8.642   0.198   1.00 25.12 ? 352 HOH B O   1 
HETATM 939 O  O   . HOH D 4 .   ? 2.743   1.633   -13.105 1.00 20.12 ? 353 HOH B O   1 
HETATM 940 O  O   . HOH D 4 .   ? 8.609   -11.350 -11.718 1.00 32.40 ? 354 HOH B O   1 
HETATM 941 O  O   . HOH D 4 .   ? 4.750   -0.376  6.750   1.00 12.12 ? 355 HOH B O   1 
HETATM 942 O  O   . HOH D 4 .   ? -0.945  1.497   8.515   1.00 12.41 ? 356 HOH B O   1 
HETATM 943 O  O   . HOH D 4 .   ? 5.718   14.376  8.804   1.00 21.66 ? 357 HOH B O   1 
HETATM 944 O  O   . HOH D 4 .   ? -8.891  -7.717  -4.173  1.00 29.94 ? 358 HOH B O   1 
HETATM 945 O  O   . HOH D 4 .   ? -11.508 -2.438  1.629   1.00 18.00 ? 359 HOH B O   1 
HETATM 946 O  O   . HOH D 4 .   ? -7.630  4.634   8.525   1.00 11.32 ? 360 HOH B O   1 
HETATM 947 O  O   . HOH D 4 .   ? 8.883   5.503   10.372  1.00 20.82 ? 361 HOH B O   1 
HETATM 948 O  O   . HOH D 4 .   ? 16.756  1.200   -4.587  1.00 31.90 ? 362 HOH B O   1 
HETATM 949 O  O   . HOH D 4 .   ? -4.458  7.322   -14.532 1.00 29.39 ? 363 HOH B O   1 
HETATM 950 O  O   . HOH D 4 .   ? 0.730   12.329  12.706  1.00 32.50 ? 364 HOH B O   1 
HETATM 951 O  O   . HOH D 4 .   ? 8.312   3.709   12.439  1.00 26.96 ? 365 HOH B O   1 
HETATM 952 O  O   . HOH D 4 .   ? -10.246 -5.912  7.642   1.00 11.64 ? 366 HOH B O   1 
HETATM 953 O  O   . HOH D 4 .   ? -11.824 4.980   -5.732  1.00 19.36 ? 367 HOH B O   1 
HETATM 954 O  O   . HOH D 4 .   ? -10.973 17.991  3.094   1.00 26.60 ? 368 HOH B O   1 
HETATM 955 O  O   . HOH D 4 .   ? 10.126  -1.285  -7.521  1.00 28.43 ? 369 HOH B O   1 
HETATM 956 O  O   . HOH D 4 .   ? -15.972 -8.857  4.605   1.00 23.22 ? 370 HOH B O   1 
HETATM 957 O  O   . HOH D 4 .   ? -4.226  -11.388 -6.064  1.00 29.52 ? 371 HOH B O   1 
HETATM 958 O  O   . HOH D 4 .   ? -4.234  10.061  13.454  1.00 19.47 ? 372 HOH B O   1 
HETATM 959 O  O   . HOH D 4 .   ? -2.495  -7.835  3.020   1.00 18.00 ? 373 HOH B O   1 
HETATM 960 O  O   . HOH D 4 .   ? 14.124  -0.854  8.262   1.00 36.62 ? 374 HOH B O   1 
HETATM 961 O  O   . HOH D 4 .   ? 2.809   -13.833 1.552   1.00 28.91 ? 375 HOH B O   1 
HETATM 962 O  O   . HOH D 4 .   ? 5.819   14.012  -3.596  1.00 27.18 ? 376 HOH B O   1 
HETATM 963 O  O   . HOH D 4 .   ? 8.573   -0.204  12.283  1.00 29.87 ? 377 HOH B O   1 
HETATM 964 O  O   . HOH D 4 .   ? 8.272   -12.124 8.496   1.00 34.31 ? 378 HOH B O   1 
HETATM 965 O  O   . HOH D 4 .   ? 8.148   -6.823  13.401  1.00 31.20 ? 379 HOH B O   1 
HETATM 966 O  O   . HOH D 4 .   ? 0.956   16.296  -0.085  1.00 32.07 ? 380 HOH B O   1 
HETATM 967 O  O   . HOH D 4 .   ? -10.313 1.895   10.009  0.50 7.23  ? 381 HOH B O   1 
HETATM 968 O  O   . HOH D 4 .   ? 19.171  -1.756  1.540   1.00 38.03 ? 382 HOH B O   1 
HETATM 969 O  O   . HOH D 4 .   ? 6.310   3.877   -11.476 0.50 27.48 ? 383 HOH B O   1 
HETATM 970 O  O   . HOH D 4 .   ? -1.384  11.748  -4.388  1.00 28.42 ? 384 HOH B O   1 
HETATM 971 O  O   . HOH D 4 .   ? -18.594 -9.558  -0.713  1.00 31.62 ? 385 HOH B O   1 
HETATM 972 O  O   . HOH D 4 .   ? 14.397  5.672   0.595   1.00 30.49 ? 386 HOH B O   1 
HETATM 973 O  O   . HOH D 4 .   ? 6.120   -9.831  -10.761 1.00 30.21 ? 387 HOH B O   1 
HETATM 974 O  O   . HOH D 4 .   ? -7.495  -8.962  -6.152  1.00 28.51 ? 388 HOH B O   1 
HETATM 975 O  O   . HOH D 4 .   ? 4.903   -14.425 -0.369  1.00 37.04 ? 389 HOH B O   1 
HETATM 976 O  O   . HOH D 4 .   ? 1.183   10.858  -6.119  1.00 31.83 ? 390 HOH B O   1 
HETATM 977 O  O   . HOH D 4 .   ? -1.688  17.140  -0.820  1.00 35.90 ? 391 HOH B O   1 
HETATM 978 O  O   . HOH D 4 .   ? 5.684   3.109   13.977  1.00 31.23 ? 392 HOH B O   1 
HETATM 979 O  O   . HOH D 4 .   ? -13.092 7.623   11.437  1.00 20.66 ? 393 HOH B O   1 
HETATM 980 O  O   . HOH D 4 .   ? -3.627  17.221  0.540   1.00 27.72 ? 394 HOH B O   1 
HETATM 981 O  O   . HOH D 4 .   ? 1.630   1.168   9.678   1.00 13.70 ? 395 HOH B O   1 
HETATM 982 O  O   . HOH D 4 .   ? 18.562  -0.612  7.081   1.00 35.22 ? 396 HOH B O   1 
HETATM 983 O  O   . HOH D 4 .   ? 11.799  -13.500 -2.444  1.00 30.33 ? 397 HOH B O   1 
HETATM 984 O  O   . HOH D 4 .   ? -13.026 -8.886  2.037   1.00 31.53 ? 398 HOH B O   1 
HETATM 985 O  O   . HOH D 4 .   ? 9.144   -6.474  -10.328 1.00 36.33 ? 399 HOH B O   1 
HETATM 986 O  O   . HOH D 4 .   ? 10.638  -12.318 7.687   1.00 35.04 ? 400 HOH B O   1 
HETATM 987 O  O   . HOH D 4 .   ? 4.200   4.008   -13.080 1.00 17.11 ? 401 HOH B O   1 
HETATM 988 O  O   . HOH D 4 .   ? 14.512  1.864   8.034   1.00 31.49 ? 402 HOH B O   1 
HETATM 989 O  O   . HOH D 4 .   ? 15.032  -3.366  10.383  1.00 38.10 ? 403 HOH B O   1 
HETATM 990 O  O   . HOH D 4 .   ? 6.115   -6.402  12.331  1.00 26.05 ? 404 HOH B O   1 
HETATM 991 O  O   . HOH D 4 .   ? 5.109   -1.383  13.622  1.00 30.89 ? 405 HOH B O   1 
HETATM 992 O  O   . HOH D 4 .   ? 10.763  3.789   9.682   1.00 24.21 ? 406 HOH B O   1 
HETATM 993 O  O   . HOH D 4 .   ? 7.253   -19.638 -8.663  1.00 31.81 ? 407 HOH B O   1 
HETATM 994 O  O   . HOH D 4 .   ? 1.250   -18.450 -6.682  1.00 38.19 ? 408 HOH B O   1 
HETATM 995 O  O   . HOH D 4 .   ? -7.074  -6.781  2.107   1.00 19.90 ? 409 HOH B O   1 
HETATM 996 O  O   . HOH D 4 .   ? 4.353   -8.947  -15.112 1.00 34.67 ? 410 HOH B O   1 
HETATM 997 O  O   . HOH D 4 .   ? -4.169  19.585  -1.028  1.00 40.08 ? 411 HOH B O   1 
# 
